data_8R5R
#
_entry.id   8R5R
#
_cell.length_a   91.738
_cell.length_b   132.906
_cell.length_c   137.495
_cell.angle_alpha   90
_cell.angle_beta   90
_cell.angle_gamma   90
#
_symmetry.space_group_name_H-M   'P 21 21 21'
#
loop_
_entity.id
_entity.type
_entity.pdbx_description
1 polymer 'Tryptophan 2,3-dioxygenase'
2 non-polymer 3-chloranyl-~{N}-[(1~{S})-1-(6-chloranylpyridin-3-yl)-2-phenyl-ethyl]aniline
3 non-polymer alpha-methyl-L-tryptophan
4 water water
#
_entity_poly.entity_id   1
_entity_poly.type   'polypeptide(L)'
_entity_poly.pdbx_seq_one_letter_code
;GLIYGNYLHLEKVLNAQELQSETKGNKIHDEHLFIITHQAYELWFKQILWELDSVREIFQNGHVRDERNMLKVVSRMHRV
SVILKLLVQQFSILETMTALDFNDFREYLSPASGFQSLQFRLLENKIGVLQNMRVPYNRRHYRDNFKGEENELLLKSEQE
KTLLELVEAWLERTPGLEPHGFNFWGKLEKNITRGLEEEFIRIQAKEESEEKEEQVAEFQKQKEVLLSLFDEKRHEHLLS
KGERRLSYRALQGALMIYFYREEPRFQVPFQLLTSLMDIDSLMTKWRYNHVCMVHRMLGSKAGTGGSSGYHYLRSTVSDR
YKVFVDLFNLSTYLIPRHWIPKMNPTIHKFLEHHHHHH
;
_entity_poly.pdbx_strand_id   A,B,C,D
#
loop_
_chem_comp.id
_chem_comp.type
_chem_comp.name
_chem_comp.formula
Y5N non-polymer 3-chloranyl-~{N}-[(1~{S})-1-(6-chloranylpyridin-3-yl)-2-phenyl-ethyl]aniline 'C19 H16 Cl2 N2'
#
# COMPACT_ATOMS: atom_id res chain seq x y z
N LEU A 2 8.46 23.56 -22.16
CA LEU A 2 8.51 22.36 -23.02
C LEU A 2 7.17 21.59 -22.98
N ILE A 3 6.89 20.76 -24.01
CA ILE A 3 5.67 19.93 -24.11
C ILE A 3 5.86 18.64 -23.30
N TYR A 4 4.82 18.20 -22.56
CA TYR A 4 4.82 17.00 -21.73
C TYR A 4 5.48 15.77 -22.41
N GLY A 5 4.97 15.32 -23.55
CA GLY A 5 5.49 14.15 -24.24
C GLY A 5 6.90 14.30 -24.77
N ASN A 6 7.29 15.53 -25.10
CA ASN A 6 8.64 15.82 -25.62
C ASN A 6 9.65 15.90 -24.49
N TYR A 7 9.24 16.46 -23.36
CA TYR A 7 10.07 16.59 -22.18
C TYR A 7 10.41 15.18 -21.64
N LEU A 8 9.39 14.29 -21.62
CA LEU A 8 9.54 12.91 -21.16
C LEU A 8 10.09 11.96 -22.22
N HIS A 9 10.27 12.42 -23.46
CA HIS A 9 10.78 11.61 -24.55
C HIS A 9 9.96 10.35 -24.76
N LEU A 10 8.64 10.51 -24.68
CA LEU A 10 7.69 9.42 -24.86
C LEU A 10 7.76 8.75 -26.23
N GLU A 11 8.50 9.34 -27.18
CA GLU A 11 8.74 8.75 -28.49
C GLU A 11 9.68 7.51 -28.37
N LYS A 12 10.48 7.44 -27.29
CA LYS A 12 11.35 6.30 -27.05
C LYS A 12 10.63 5.39 -26.04
N VAL A 13 10.15 5.98 -24.92
CA VAL A 13 9.51 5.26 -23.83
C VAL A 13 8.29 4.47 -24.26
N LEU A 14 7.38 5.10 -25.00
CA LEU A 14 6.16 4.43 -25.45
C LEU A 14 6.27 3.74 -26.81
N ASN A 15 7.50 3.57 -27.31
CA ASN A 15 7.75 2.85 -28.56
C ASN A 15 8.85 1.80 -28.37
N ALA A 16 8.94 1.20 -27.17
CA ALA A 16 9.91 0.17 -26.83
C ALA A 16 9.23 -1.14 -26.40
N GLN A 17 7.96 -1.33 -26.77
CA GLN A 17 7.21 -2.51 -26.39
C GLN A 17 7.08 -3.45 -27.57
N GLU A 18 8.03 -4.40 -27.69
CA GLU A 18 8.05 -5.39 -28.76
C GLU A 18 7.75 -6.78 -28.19
N LEU A 19 6.50 -7.22 -28.38
CA LEU A 19 6.01 -8.52 -27.93
C LEU A 19 6.63 -9.59 -28.81
N GLN A 20 7.47 -10.46 -28.23
CA GLN A 20 8.12 -11.56 -28.94
C GLN A 20 7.14 -12.57 -29.51
N SER A 21 5.96 -12.72 -28.90
CA SER A 21 4.95 -13.64 -29.42
C SER A 21 4.41 -13.06 -30.72
N GLU A 22 4.05 -11.76 -30.71
CA GLU A 22 3.54 -11.06 -31.89
C GLU A 22 4.57 -11.10 -33.04
N THR A 23 5.85 -10.81 -32.71
CA THR A 23 6.98 -10.81 -33.64
C THR A 23 7.22 -12.22 -34.23
N LYS A 24 7.16 -13.27 -33.38
CA LYS A 24 7.42 -14.63 -33.84
C LYS A 24 6.16 -15.40 -34.25
N GLY A 25 5.09 -14.70 -34.63
CA GLY A 25 3.87 -15.37 -35.09
C GLY A 25 2.61 -14.97 -34.37
N ASN A 26 2.16 -15.80 -33.40
CA ASN A 26 0.91 -15.50 -32.69
C ASN A 26 1.12 -14.62 -31.46
N LYS A 27 0.46 -13.44 -31.43
CA LYS A 27 0.51 -12.48 -30.33
C LYS A 27 -0.21 -12.98 -29.09
N ILE A 28 0.47 -12.96 -27.93
CA ILE A 28 -0.14 -13.34 -26.65
C ILE A 28 -0.34 -12.06 -25.86
N HIS A 29 -1.59 -11.74 -25.55
CA HIS A 29 -1.99 -10.50 -24.89
C HIS A 29 -1.28 -10.21 -23.57
N ASP A 30 -1.20 -11.20 -22.69
CA ASP A 30 -0.58 -11.00 -21.38
C ASP A 30 0.89 -10.68 -21.45
N GLU A 31 1.57 -10.98 -22.58
CA GLU A 31 2.99 -10.70 -22.71
C GLU A 31 3.35 -9.22 -22.61
N HIS A 32 2.40 -8.34 -22.93
CA HIS A 32 2.61 -6.90 -22.84
C HIS A 32 2.86 -6.49 -21.39
N LEU A 33 2.12 -7.14 -20.43
CA LEU A 33 2.29 -6.87 -19.01
C LEU A 33 3.70 -7.21 -18.56
N PHE A 34 4.24 -8.37 -19.04
CA PHE A 34 5.59 -8.81 -18.72
C PHE A 34 6.63 -7.77 -19.14
N ILE A 35 6.44 -7.14 -20.29
CA ILE A 35 7.35 -6.09 -20.76
C ILE A 35 7.24 -4.83 -19.88
N ILE A 36 6.02 -4.23 -19.77
CA ILE A 36 5.73 -3.00 -19.03
C ILE A 36 6.17 -3.06 -17.57
N THR A 37 5.91 -4.17 -16.87
CA THR A 37 6.28 -4.29 -15.46
C THR A 37 7.78 -4.22 -15.30
N HIS A 38 8.55 -4.99 -16.10
CA HIS A 38 9.99 -4.97 -15.99
C HIS A 38 10.60 -3.67 -16.50
N GLN A 39 9.93 -2.98 -17.44
CA GLN A 39 10.40 -1.70 -17.92
C GLN A 39 10.25 -0.68 -16.83
N ALA A 40 9.10 -0.71 -16.09
CA ALA A 40 8.83 0.19 -14.96
C ALA A 40 9.80 -0.05 -13.83
N TYR A 41 10.20 -1.32 -13.57
CA TYR A 41 11.21 -1.65 -12.56
C TYR A 41 12.52 -0.97 -12.93
N GLU A 42 12.91 -1.04 -14.23
CA GLU A 42 14.11 -0.42 -14.77
C GLU A 42 14.12 1.09 -14.65
N LEU A 43 12.97 1.77 -14.92
CA LEU A 43 12.89 3.23 -14.75
C LEU A 43 13.18 3.59 -13.29
N TRP A 44 12.65 2.80 -12.34
CA TRP A 44 12.88 3.05 -10.94
C TRP A 44 14.26 2.69 -10.48
N PHE A 45 14.89 1.68 -11.11
CA PHE A 45 16.28 1.35 -10.79
C PHE A 45 17.18 2.50 -11.25
N LYS A 46 16.85 3.15 -12.38
CA LYS A 46 17.63 4.30 -12.85
C LYS A 46 17.55 5.45 -11.85
N GLN A 47 16.34 5.70 -11.28
CA GLN A 47 16.13 6.74 -10.28
C GLN A 47 16.85 6.39 -8.99
N ILE A 48 16.79 5.09 -8.57
CA ILE A 48 17.49 4.64 -7.35
C ILE A 48 18.98 4.85 -7.50
N LEU A 49 19.54 4.49 -8.67
CA LEU A 49 20.94 4.67 -8.96
C LEU A 49 21.29 6.16 -8.99
N TRP A 50 20.41 7.00 -9.55
CA TRP A 50 20.61 8.44 -9.60
C TRP A 50 20.77 9.02 -8.20
N GLU A 51 19.97 8.53 -7.24
CA GLU A 51 20.04 9.01 -5.86
C GLU A 51 21.23 8.40 -5.15
N LEU A 52 21.46 7.09 -5.30
CA LEU A 52 22.56 6.36 -4.66
C LEU A 52 23.89 6.95 -5.04
N ASP A 53 24.09 7.25 -6.32
CA ASP A 53 25.35 7.82 -6.80
C ASP A 53 25.55 9.23 -6.27
N SER A 54 24.47 10.03 -6.21
CA SER A 54 24.59 11.39 -5.70
C SER A 54 24.98 11.41 -4.23
N VAL A 55 24.42 10.46 -3.44
CA VAL A 55 24.76 10.34 -2.03
C VAL A 55 26.18 9.80 -1.89
N ARG A 56 26.54 8.80 -2.70
CA ARG A 56 27.88 8.21 -2.73
C ARG A 56 28.93 9.27 -3.04
N GLU A 57 28.60 10.22 -3.94
CA GLU A 57 29.51 11.28 -4.30
C GLU A 57 29.68 12.28 -3.18
N ILE A 58 28.60 12.65 -2.46
CA ILE A 58 28.70 13.58 -1.32
C ILE A 58 29.72 13.11 -0.28
N PHE A 59 29.79 11.79 -0.07
CA PHE A 59 30.74 11.21 0.85
C PHE A 59 32.15 11.23 0.25
N GLN A 60 32.29 10.74 -0.99
CA GLN A 60 33.56 10.65 -1.71
C GLN A 60 34.27 11.97 -1.94
N ASN A 61 33.52 13.04 -2.25
CA ASN A 61 34.13 14.36 -2.49
C ASN A 61 34.29 15.23 -1.23
N GLY A 62 34.14 14.62 -0.06
CA GLY A 62 34.30 15.32 1.21
C GLY A 62 33.23 16.31 1.62
N HIS A 63 32.07 16.34 0.92
CA HIS A 63 30.99 17.24 1.29
C HIS A 63 30.29 16.79 2.58
N VAL A 64 30.21 15.46 2.81
CA VAL A 64 29.57 14.89 4.02
C VAL A 64 30.24 15.39 5.33
N ARG A 65 31.46 15.98 5.22
CA ARG A 65 32.17 16.58 6.35
C ARG A 65 31.38 17.80 6.82
N ASP A 66 30.89 18.62 5.87
CA ASP A 66 30.03 19.76 6.17
C ASP A 66 28.68 19.18 6.55
N GLU A 67 28.34 19.26 7.82
CA GLU A 67 27.13 18.70 8.42
C GLU A 67 25.83 19.25 7.81
N ARG A 68 25.89 20.40 7.14
CA ARG A 68 24.73 20.98 6.49
C ARG A 68 24.19 20.04 5.41
N ASN A 69 25.07 19.24 4.78
CA ASN A 69 24.67 18.30 3.73
C ASN A 69 23.96 17.05 4.23
N MET A 70 23.86 16.87 5.58
CA MET A 70 23.20 15.69 6.15
C MET A 70 21.70 15.63 5.89
N LEU A 71 21.06 16.79 5.65
CA LEU A 71 19.65 16.83 5.31
C LEU A 71 19.50 16.21 3.92
N LYS A 72 20.32 16.66 2.98
CA LYS A 72 20.34 16.18 1.61
C LYS A 72 20.66 14.69 1.55
N VAL A 73 21.63 14.22 2.36
CA VAL A 73 22.02 12.81 2.39
C VAL A 73 20.88 11.93 2.91
N VAL A 74 20.29 12.30 4.07
CA VAL A 74 19.19 11.56 4.71
C VAL A 74 17.92 11.55 3.84
N SER A 75 17.52 12.70 3.30
CA SER A 75 16.32 12.79 2.48
C SER A 75 16.40 11.99 1.19
N ARG A 76 17.58 11.93 0.57
CA ARG A 76 17.75 11.15 -0.65
C ARG A 76 17.77 9.67 -0.35
N MET A 77 18.36 9.26 0.78
CA MET A 77 18.33 7.85 1.20
C MET A 77 16.92 7.43 1.58
N HIS A 78 16.12 8.35 2.14
CA HIS A 78 14.74 8.09 2.47
C HIS A 78 13.97 7.88 1.18
N ARG A 79 14.18 8.75 0.18
CA ARG A 79 13.54 8.61 -1.12
C ARG A 79 13.86 7.25 -1.77
N VAL A 80 15.08 6.72 -1.54
CA VAL A 80 15.44 5.41 -2.06
C VAL A 80 14.55 4.32 -1.40
N SER A 81 14.37 4.39 -0.07
CA SER A 81 13.51 3.43 0.62
C SER A 81 12.06 3.57 0.16
N VAL A 82 11.59 4.81 -0.09
CA VAL A 82 10.23 5.06 -0.58
C VAL A 82 10.04 4.42 -1.95
N ILE A 83 11.01 4.58 -2.87
CA ILE A 83 10.95 3.97 -4.19
C ILE A 83 10.95 2.47 -4.07
N LEU A 84 11.81 1.92 -3.18
CA LEU A 84 11.89 0.48 -2.94
C LEU A 84 10.59 -0.10 -2.40
N LYS A 85 9.87 0.66 -1.57
CA LYS A 85 8.58 0.23 -1.04
C LYS A 85 7.57 0.05 -2.17
N LEU A 86 7.61 0.95 -3.18
CA LEU A 86 6.73 0.89 -4.34
C LEU A 86 7.08 -0.30 -5.22
N LEU A 87 8.39 -0.58 -5.40
CA LEU A 87 8.81 -1.72 -6.21
C LEU A 87 8.39 -3.05 -5.61
N VAL A 88 8.35 -3.12 -4.27
CA VAL A 88 7.90 -4.32 -3.59
C VAL A 88 6.37 -4.46 -3.85
N GLN A 89 5.62 -3.35 -3.82
CA GLN A 89 4.20 -3.35 -4.11
C GLN A 89 3.89 -3.64 -5.58
N GLN A 90 4.85 -3.39 -6.49
CA GLN A 90 4.68 -3.63 -7.93
C GLN A 90 4.53 -5.10 -8.30
N PHE A 91 4.92 -6.02 -7.39
CA PHE A 91 4.73 -7.45 -7.63
C PHE A 91 3.25 -7.82 -7.75
N SER A 92 2.35 -7.00 -7.17
CA SER A 92 0.91 -7.21 -7.24
C SER A 92 0.41 -7.15 -8.68
N ILE A 93 1.10 -6.42 -9.57
CA ILE A 93 0.71 -6.29 -10.96
C ILE A 93 0.93 -7.61 -11.67
N LEU A 94 2.13 -8.22 -11.53
CA LEU A 94 2.37 -9.53 -12.14
C LEU A 94 1.50 -10.62 -11.52
N GLU A 95 1.09 -10.46 -10.26
CA GLU A 95 0.17 -11.39 -9.59
C GLU A 95 -1.19 -11.45 -10.28
N THR A 96 -1.55 -10.45 -11.11
CA THR A 96 -2.79 -10.46 -11.89
C THR A 96 -2.66 -11.33 -13.16
N MET A 97 -1.48 -11.92 -13.44
CA MET A 97 -1.25 -12.79 -14.59
C MET A 97 -1.11 -14.18 -14.06
N THR A 98 -1.96 -15.13 -14.50
CA THR A 98 -1.88 -16.49 -13.99
C THR A 98 -0.66 -17.22 -14.53
N ALA A 99 -0.19 -18.23 -13.79
CA ALA A 99 0.94 -19.05 -14.23
C ALA A 99 0.63 -19.75 -15.56
N LEU A 100 -0.67 -20.12 -15.75
CA LEU A 100 -1.16 -20.77 -16.95
C LEU A 100 -1.03 -19.80 -18.13
N ASP A 101 -1.47 -18.53 -17.98
CA ASP A 101 -1.36 -17.52 -19.06
C ASP A 101 0.09 -17.19 -19.38
N PHE A 102 0.98 -17.25 -18.38
CA PHE A 102 2.39 -16.98 -18.57
C PHE A 102 2.98 -18.03 -19.51
N ASN A 103 2.63 -19.31 -19.29
CA ASN A 103 3.10 -20.44 -20.10
C ASN A 103 2.80 -20.25 -21.60
N ASP A 104 1.69 -19.57 -21.91
CA ASP A 104 1.28 -19.33 -23.29
C ASP A 104 2.25 -18.39 -24.05
N PHE A 105 3.12 -17.68 -23.34
CA PHE A 105 4.13 -16.83 -23.98
C PHE A 105 5.56 -17.13 -23.52
N ARG A 106 5.73 -18.00 -22.52
CA ARG A 106 7.03 -18.34 -21.94
C ARG A 106 8.05 -18.82 -22.94
N GLU A 107 7.61 -19.62 -23.95
CA GLU A 107 8.48 -20.18 -24.98
C GLU A 107 9.06 -19.15 -25.94
N TYR A 108 8.42 -17.98 -26.09
CA TYR A 108 8.87 -16.92 -27.00
C TYR A 108 10.05 -16.10 -26.52
N LEU A 109 10.31 -16.13 -25.21
CA LEU A 109 11.43 -15.39 -24.65
C LEU A 109 12.36 -16.25 -23.80
N SER A 110 11.86 -17.44 -23.34
CA SER A 110 12.57 -18.41 -22.49
C SER A 110 13.27 -17.70 -21.33
N PRO A 111 12.49 -17.36 -20.28
CA PRO A 111 13.07 -16.56 -19.20
C PRO A 111 13.92 -17.32 -18.19
N ALA A 112 15.14 -16.84 -17.94
CA ALA A 112 15.99 -17.42 -16.91
C ALA A 112 15.47 -16.94 -15.55
N SER A 113 15.72 -17.72 -14.50
CA SER A 113 15.25 -17.36 -13.16
C SER A 113 16.18 -16.36 -12.41
N GLY A 114 17.38 -16.13 -12.93
CA GLY A 114 18.35 -15.24 -12.32
C GLY A 114 18.02 -13.77 -12.40
N PHE A 115 18.82 -12.92 -11.73
CA PHE A 115 18.58 -11.48 -11.75
C PHE A 115 19.30 -10.85 -12.94
N GLN A 116 18.70 -10.98 -14.14
CA GLN A 116 19.27 -10.48 -15.39
C GLN A 116 19.35 -8.96 -15.57
N SER A 117 19.01 -8.17 -14.55
CA SER A 117 19.04 -6.71 -14.66
C SER A 117 20.43 -6.16 -14.45
N LEU A 118 20.94 -5.36 -15.42
CA LEU A 118 22.25 -4.75 -15.25
C LEU A 118 22.14 -3.69 -14.15
N GLN A 119 21.09 -2.84 -14.21
CA GLN A 119 20.89 -1.78 -13.22
C GLN A 119 20.78 -2.30 -11.81
N PHE A 120 20.08 -3.44 -11.59
CA PHE A 120 19.97 -4.03 -10.26
C PHE A 120 21.31 -4.55 -9.78
N ARG A 121 22.13 -5.10 -10.69
CA ARG A 121 23.47 -5.57 -10.32
C ARG A 121 24.36 -4.39 -9.96
N LEU A 122 24.23 -3.26 -10.70
CA LEU A 122 24.98 -2.06 -10.39
C LEU A 122 24.54 -1.51 -9.03
N LEU A 123 23.23 -1.54 -8.74
CA LEU A 123 22.64 -1.09 -7.48
C LEU A 123 23.20 -1.92 -6.32
N GLU A 124 23.25 -3.26 -6.49
CA GLU A 124 23.75 -4.15 -5.45
C GLU A 124 25.22 -3.88 -5.17
N ASN A 125 26.03 -3.72 -6.22
CA ASN A 125 27.46 -3.48 -6.09
C ASN A 125 27.76 -2.13 -5.48
N LYS A 126 26.99 -1.10 -5.89
CA LYS A 126 27.18 0.26 -5.40
C LYS A 126 26.77 0.43 -3.95
N ILE A 127 25.80 -0.37 -3.46
CA ILE A 127 25.41 -0.31 -2.05
C ILE A 127 26.49 -1.03 -1.24
N GLY A 128 26.91 -2.20 -1.70
CA GLY A 128 27.96 -2.96 -1.04
C GLY A 128 27.72 -4.45 -0.90
N VAL A 129 26.94 -5.07 -1.80
CA VAL A 129 26.68 -6.51 -1.78
C VAL A 129 27.99 -7.23 -2.12
N LEU A 130 28.44 -8.19 -1.30
CA LEU A 130 29.75 -8.82 -1.51
C LEU A 130 29.92 -9.61 -2.80
N GLN A 131 31.16 -9.59 -3.31
CA GLN A 131 31.60 -10.25 -4.54
C GLN A 131 32.77 -11.22 -4.28
N LYS A 147 26.78 -7.95 -21.82
CA LYS A 147 27.43 -7.52 -23.05
C LYS A 147 28.81 -6.83 -22.78
N GLY A 148 29.39 -6.17 -23.79
CA GLY A 148 30.69 -5.51 -23.71
C GLY A 148 30.74 -4.11 -23.12
N GLU A 149 29.92 -3.17 -23.64
CA GLU A 149 29.88 -1.79 -23.14
C GLU A 149 29.34 -1.74 -21.71
N GLU A 150 28.36 -2.61 -21.40
CA GLU A 150 27.76 -2.77 -20.09
C GLU A 150 28.77 -3.31 -19.09
N ASN A 151 29.70 -4.17 -19.55
CA ASN A 151 30.77 -4.71 -18.71
C ASN A 151 31.74 -3.64 -18.20
N GLU A 152 31.76 -2.46 -18.83
CA GLU A 152 32.59 -1.36 -18.37
C GLU A 152 31.96 -0.77 -17.11
N LEU A 153 30.63 -0.59 -17.12
CA LEU A 153 29.86 -0.07 -15.99
C LEU A 153 29.85 -1.09 -14.87
N LEU A 154 29.73 -2.39 -15.19
CA LEU A 154 29.74 -3.46 -14.19
C LEU A 154 31.12 -3.58 -13.51
N LEU A 155 32.22 -3.31 -14.25
CA LEU A 155 33.56 -3.35 -13.66
C LEU A 155 33.77 -2.11 -12.79
N LYS A 156 33.30 -0.94 -13.28
CA LYS A 156 33.40 0.31 -12.54
C LYS A 156 32.64 0.21 -11.21
N SER A 157 31.50 -0.51 -11.17
CA SER A 157 30.71 -0.66 -9.95
C SER A 157 31.45 -1.43 -8.86
N GLU A 158 32.27 -2.40 -9.27
CA GLU A 158 33.08 -3.18 -8.33
C GLU A 158 34.33 -2.42 -7.90
N GLN A 159 34.92 -1.64 -8.81
CA GLN A 159 36.14 -0.90 -8.51
C GLN A 159 35.92 0.34 -7.67
N GLU A 160 34.83 1.09 -7.92
CA GLU A 160 34.56 2.31 -7.16
C GLU A 160 34.16 2.04 -5.72
N LYS A 161 34.32 3.05 -4.83
CA LYS A 161 33.98 2.90 -3.42
C LYS A 161 32.48 2.68 -3.20
N THR A 162 32.13 1.61 -2.48
CA THR A 162 30.72 1.30 -2.22
C THR A 162 30.15 2.26 -1.15
N LEU A 163 28.82 2.32 -1.03
CA LEU A 163 28.17 3.13 0.01
C LEU A 163 28.56 2.60 1.39
N LEU A 164 28.70 1.27 1.53
CA LEU A 164 29.12 0.64 2.77
C LEU A 164 30.52 1.14 3.16
N GLU A 165 31.45 1.22 2.17
CA GLU A 165 32.82 1.69 2.35
C GLU A 165 32.88 3.17 2.72
N LEU A 166 32.10 4.01 2.04
CA LEU A 166 32.06 5.45 2.29
C LEU A 166 31.43 5.78 3.65
N VAL A 167 30.42 4.99 4.06
CA VAL A 167 29.75 5.15 5.35
C VAL A 167 30.69 4.67 6.46
N GLU A 168 31.45 3.59 6.21
CA GLU A 168 32.43 3.01 7.14
C GLU A 168 33.53 4.02 7.43
N ALA A 169 34.00 4.74 6.40
CA ALA A 169 35.04 5.75 6.55
C ALA A 169 34.53 6.93 7.40
N TRP A 170 33.30 7.36 7.16
CA TRP A 170 32.63 8.45 7.86
C TRP A 170 32.35 8.06 9.32
N LEU A 171 31.97 6.80 9.55
CA LEU A 171 31.69 6.30 10.90
C LEU A 171 32.91 6.28 11.78
N GLU A 172 34.09 6.02 11.18
CA GLU A 172 35.35 6.02 11.93
C GLU A 172 35.69 7.44 12.44
N ARG A 173 35.19 8.49 11.77
CA ARG A 173 35.42 9.88 12.17
C ARG A 173 34.39 10.41 13.19
N THR A 174 33.49 9.56 13.71
CA THR A 174 32.48 9.99 14.67
C THR A 174 33.11 10.60 15.93
N PRO A 175 32.63 11.79 16.33
CA PRO A 175 33.15 12.43 17.55
C PRO A 175 32.80 11.64 18.81
N GLY A 176 33.68 11.70 19.81
CA GLY A 176 33.49 11.01 21.09
C GLY A 176 34.24 9.71 21.25
N LEU A 177 34.88 9.24 20.17
CA LEU A 177 35.62 7.98 20.21
C LEU A 177 37.01 8.11 20.81
N GLU A 178 37.63 9.29 20.65
CA GLU A 178 38.99 9.61 21.14
C GLU A 178 39.23 9.17 22.59
N PRO A 179 40.28 8.36 22.82
CA PRO A 179 40.54 7.85 24.18
C PRO A 179 40.96 8.95 25.16
N HIS A 180 41.62 10.00 24.66
CA HIS A 180 42.06 11.13 25.48
C HIS A 180 40.82 11.89 25.97
N GLY A 181 39.91 12.19 25.04
CA GLY A 181 38.66 12.90 25.35
C GLY A 181 37.66 12.07 26.12
N PHE A 182 36.45 11.97 25.59
CA PHE A 182 35.33 11.25 26.20
C PHE A 182 35.63 9.74 26.43
N ASN A 183 36.37 9.10 25.52
CA ASN A 183 36.71 7.67 25.59
C ASN A 183 35.44 6.82 25.77
N PHE A 184 34.63 6.75 24.72
CA PHE A 184 33.35 6.05 24.74
C PHE A 184 33.51 4.54 24.97
N TRP A 185 34.40 3.89 24.21
CA TRP A 185 34.59 2.44 24.31
C TRP A 185 35.11 1.96 25.65
N GLY A 186 35.95 2.79 26.28
CA GLY A 186 36.52 2.48 27.58
C GLY A 186 35.47 2.55 28.66
N LYS A 187 34.69 3.64 28.68
CA LYS A 187 33.63 3.82 29.66
C LYS A 187 32.53 2.78 29.47
N LEU A 188 32.23 2.41 28.21
CA LEU A 188 31.20 1.41 27.91
C LEU A 188 31.62 0.03 28.42
N GLU A 189 32.90 -0.34 28.22
CA GLU A 189 33.41 -1.62 28.69
C GLU A 189 33.44 -1.69 30.22
N LYS A 190 33.78 -0.57 30.87
CA LYS A 190 33.84 -0.48 32.32
C LYS A 190 32.45 -0.62 32.93
N ASN A 191 31.45 0.06 32.35
CA ASN A 191 30.08 0.01 32.87
C ASN A 191 29.42 -1.35 32.63
N ILE A 192 29.76 -2.00 31.49
CA ILE A 192 29.19 -3.31 31.16
C ILE A 192 29.82 -4.40 32.03
N THR A 193 31.14 -4.37 32.23
CA THR A 193 31.81 -5.36 33.09
C THR A 193 31.34 -5.23 34.54
N ARG A 194 31.18 -4.00 35.03
CA ARG A 194 30.72 -3.75 36.40
C ARG A 194 29.22 -4.05 36.57
N GLY A 195 28.44 -3.86 35.51
CA GLY A 195 27.01 -4.14 35.54
C GLY A 195 26.71 -5.61 35.54
N LEU A 196 27.50 -6.37 34.78
CA LEU A 196 27.39 -7.82 34.71
C LEU A 196 27.83 -8.42 36.04
N GLU A 197 28.92 -7.91 36.63
CA GLU A 197 29.42 -8.39 37.92
C GLU A 197 28.36 -8.19 39.02
N GLU A 198 27.71 -7.00 39.03
CA GLU A 198 26.66 -6.66 39.99
C GLU A 198 25.43 -7.57 39.85
N GLU A 199 25.14 -8.00 38.60
CA GLU A 199 24.02 -8.87 38.28
C GLU A 199 24.32 -10.31 38.70
N PHE A 200 25.58 -10.76 38.54
CA PHE A 200 26.01 -12.11 38.92
C PHE A 200 25.88 -12.31 40.42
N ILE A 201 26.19 -11.27 41.20
CA ILE A 201 26.09 -11.24 42.66
C ILE A 201 24.61 -11.38 43.10
N ARG A 202 23.71 -10.70 42.40
CA ARG A 202 22.28 -10.74 42.69
C ARG A 202 21.70 -12.12 42.40
N ILE A 203 22.14 -12.72 41.27
CA ILE A 203 21.66 -14.02 40.81
C ILE A 203 22.17 -15.18 41.69
N GLN A 204 23.46 -15.17 42.04
CA GLN A 204 24.06 -16.21 42.89
C GLN A 204 23.49 -16.22 44.31
N ALA A 205 22.94 -15.09 44.76
CA ALA A 205 22.33 -14.96 46.10
C ALA A 205 21.05 -15.77 46.26
N LYS A 206 20.34 -16.03 45.16
CA LYS A 206 19.07 -16.77 45.19
C LYS A 206 19.23 -18.26 45.56
N GLU A 207 18.14 -18.87 46.09
CA GLU A 207 18.07 -20.30 46.47
C GLU A 207 18.24 -21.19 45.24
N GLU A 208 18.55 -22.49 45.40
CA GLU A 208 18.77 -23.38 44.25
C GLU A 208 17.48 -23.85 43.54
N SER A 209 16.52 -22.94 43.35
CA SER A 209 15.26 -23.22 42.66
C SER A 209 15.45 -23.37 41.14
N GLU A 210 14.42 -23.87 40.43
CA GLU A 210 14.43 -24.01 38.98
C GLU A 210 14.45 -22.62 38.32
N GLU A 211 13.78 -21.62 38.95
CA GLU A 211 13.74 -20.22 38.49
C GLU A 211 15.12 -19.56 38.58
N LYS A 212 15.95 -19.99 39.56
CA LYS A 212 17.30 -19.47 39.72
C LYS A 212 18.19 -19.99 38.62
N GLU A 213 18.13 -21.31 38.29
CA GLU A 213 18.96 -21.85 37.21
C GLU A 213 18.57 -21.29 35.86
N GLU A 214 17.30 -20.90 35.66
CA GLU A 214 16.87 -20.29 34.41
C GLU A 214 17.53 -18.91 34.24
N GLN A 215 17.74 -18.19 35.37
CA GLN A 215 18.37 -16.88 35.42
C GLN A 215 19.89 -16.98 35.27
N VAL A 216 20.52 -18.04 35.81
CA VAL A 216 21.97 -18.26 35.71
C VAL A 216 22.35 -18.56 34.27
N ALA A 217 21.54 -19.39 33.59
CA ALA A 217 21.77 -19.76 32.21
C ALA A 217 21.54 -18.56 31.29
N GLU A 218 20.47 -17.79 31.53
CA GLU A 218 20.16 -16.62 30.71
C GLU A 218 21.19 -15.50 30.92
N PHE A 219 21.72 -15.36 32.15
CA PHE A 219 22.73 -14.36 32.44
C PHE A 219 24.03 -14.74 31.75
N GLN A 220 24.41 -16.03 31.82
CA GLN A 220 25.66 -16.46 31.20
C GLN A 220 25.63 -16.33 29.70
N LYS A 221 24.44 -16.49 29.08
CA LYS A 221 24.29 -16.33 27.64
C LYS A 221 24.41 -14.84 27.26
N GLN A 222 23.77 -13.96 28.04
CA GLN A 222 23.81 -12.52 27.80
C GLN A 222 25.19 -11.93 28.09
N LYS A 223 25.91 -12.49 29.07
CA LYS A 223 27.26 -12.05 29.45
C LYS A 223 28.20 -12.31 28.29
N GLU A 224 28.11 -13.50 27.67
CA GLU A 224 28.96 -13.87 26.54
C GLU A 224 28.74 -12.92 25.37
N VAL A 225 27.48 -12.56 25.12
CA VAL A 225 27.11 -11.67 24.04
C VAL A 225 27.60 -10.25 24.30
N LEU A 226 27.37 -9.72 25.52
CA LEU A 226 27.80 -8.36 25.85
C LEU A 226 29.29 -8.17 25.77
N LEU A 227 30.06 -9.09 26.32
CA LEU A 227 31.51 -8.99 26.29
C LEU A 227 32.11 -9.30 24.91
N SER A 228 31.38 -10.04 24.06
CA SER A 228 31.81 -10.34 22.69
C SER A 228 32.04 -9.05 21.86
N LEU A 229 31.28 -7.98 22.20
CA LEU A 229 31.35 -6.65 21.59
C LEU A 229 32.77 -6.08 21.68
N PHE A 230 33.49 -6.38 22.78
CA PHE A 230 34.82 -5.86 23.01
C PHE A 230 35.95 -6.75 22.48
N ASP A 231 35.63 -7.89 21.87
CA ASP A 231 36.63 -8.81 21.32
C ASP A 231 37.01 -8.33 19.92
N GLU A 232 38.01 -7.42 19.82
CA GLU A 232 38.46 -6.89 18.53
C GLU A 232 39.01 -8.00 17.62
N LYS A 233 39.66 -9.00 18.22
CA LYS A 233 40.23 -10.14 17.49
C LYS A 233 39.13 -10.99 16.84
N ARG A 234 38.04 -11.28 17.59
CA ARG A 234 36.91 -12.06 17.06
C ARG A 234 36.25 -11.31 15.92
N HIS A 235 36.11 -9.98 16.05
CA HIS A 235 35.53 -9.17 14.99
C HIS A 235 36.41 -9.18 13.74
N GLU A 236 37.74 -9.04 13.92
CA GLU A 236 38.70 -9.07 12.81
C GLU A 236 38.66 -10.41 12.03
N HIS A 237 38.35 -11.50 12.74
CA HIS A 237 38.23 -12.83 12.16
C HIS A 237 36.95 -12.92 11.32
N LEU A 238 35.81 -12.44 11.86
CA LEU A 238 34.53 -12.46 11.16
C LEU A 238 34.55 -11.57 9.94
N LEU A 239 35.23 -10.41 10.05
CA LEU A 239 35.38 -9.45 8.95
C LEU A 239 36.05 -10.14 7.75
N SER A 240 37.14 -10.89 8.01
CA SER A 240 37.88 -11.62 6.97
C SER A 240 37.05 -12.79 6.44
N LYS A 241 36.30 -13.46 7.32
CA LYS A 241 35.41 -14.57 6.95
C LYS A 241 34.18 -14.10 6.13
N GLY A 242 33.94 -12.79 6.05
CA GLY A 242 32.80 -12.23 5.33
C GLY A 242 31.53 -12.06 6.16
N GLU A 243 31.50 -12.65 7.37
CA GLU A 243 30.36 -12.59 8.28
C GLU A 243 30.10 -11.21 8.91
N ARG A 244 30.97 -10.23 8.66
CA ARG A 244 30.86 -8.85 9.14
C ARG A 244 31.52 -7.94 8.09
N ARG A 245 31.01 -6.70 7.94
CA ARG A 245 31.53 -5.81 6.89
C ARG A 245 32.20 -4.52 7.40
N LEU A 246 31.70 -3.96 8.52
CA LEU A 246 32.20 -2.72 9.08
C LEU A 246 33.45 -2.91 9.91
N SER A 247 34.41 -2.00 9.80
CA SER A 247 35.64 -2.04 10.56
C SER A 247 35.33 -1.87 12.06
N TYR A 248 36.23 -2.35 12.93
CA TYR A 248 35.98 -2.25 14.37
C TYR A 248 35.82 -0.81 14.85
N ARG A 249 36.56 0.15 14.26
CA ARG A 249 36.39 1.55 14.65
C ARG A 249 35.07 2.12 14.16
N ALA A 250 34.55 1.62 13.01
CA ALA A 250 33.25 2.05 12.49
C ALA A 250 32.12 1.46 13.33
N LEU A 251 32.33 0.28 13.98
CA LEU A 251 31.33 -0.30 14.90
C LEU A 251 31.17 0.63 16.09
N GLN A 252 32.30 1.13 16.63
CA GLN A 252 32.32 2.03 17.77
C GLN A 252 31.64 3.36 17.45
N GLY A 253 31.85 3.85 16.24
CA GLY A 253 31.23 5.08 15.79
C GLY A 253 29.74 4.94 15.57
N ALA A 254 29.30 3.80 15.02
CA ALA A 254 27.88 3.54 14.79
C ALA A 254 27.16 3.42 16.13
N LEU A 255 27.77 2.71 17.10
CA LEU A 255 27.22 2.55 18.45
C LEU A 255 27.18 3.88 19.21
N MET A 256 28.11 4.79 18.92
CA MET A 256 28.16 6.11 19.52
C MET A 256 26.92 6.89 19.09
N ILE A 257 26.59 6.82 17.79
CA ILE A 257 25.40 7.46 17.21
C ILE A 257 24.10 6.84 17.74
N TYR A 258 24.09 5.51 17.95
CA TYR A 258 22.92 4.84 18.48
C TYR A 258 22.68 5.24 19.93
N PHE A 259 23.71 5.16 20.79
CA PHE A 259 23.56 5.45 22.21
C PHE A 259 23.35 6.91 22.52
N TYR A 260 23.84 7.81 21.65
CA TYR A 260 23.67 9.25 21.86
C TYR A 260 22.89 9.91 20.75
N ARG A 261 21.89 9.20 20.20
CA ARG A 261 21.04 9.66 19.10
C ARG A 261 20.27 10.92 19.43
N GLU A 262 19.92 11.12 20.71
CA GLU A 262 19.18 12.30 21.11
C GLU A 262 20.01 13.58 20.92
N GLU A 263 21.37 13.49 21.07
CA GLU A 263 22.30 14.61 20.91
C GLU A 263 22.15 15.22 19.53
N PRO A 264 21.95 16.56 19.46
CA PRO A 264 21.67 17.19 18.16
C PRO A 264 22.56 16.79 16.99
N ARG A 265 23.90 16.76 17.16
CA ARG A 265 24.79 16.40 16.04
C ARG A 265 24.62 14.97 15.55
N PHE A 266 24.03 14.10 16.38
CA PHE A 266 23.81 12.69 16.07
C PHE A 266 22.35 12.37 15.71
N GLN A 267 21.46 13.37 15.65
CA GLN A 267 20.05 13.11 15.33
C GLN A 267 19.89 12.71 13.87
N VAL A 268 20.36 13.55 12.92
CA VAL A 268 20.28 13.22 11.49
C VAL A 268 21.19 12.01 11.12
N PRO A 269 22.43 11.84 11.65
CA PRO A 269 23.19 10.60 11.37
C PRO A 269 22.44 9.35 11.83
N PHE A 270 21.66 9.44 12.93
CA PHE A 270 20.87 8.30 13.40
C PHE A 270 19.79 7.97 12.37
N GLN A 271 19.14 9.00 11.80
CA GLN A 271 18.13 8.81 10.77
C GLN A 271 18.75 8.10 9.55
N LEU A 272 19.99 8.50 9.19
CA LEU A 272 20.74 7.91 8.08
C LEU A 272 21.00 6.44 8.34
N LEU A 273 21.48 6.07 9.54
CA LEU A 273 21.76 4.67 9.88
C LEU A 273 20.49 3.84 9.90
N THR A 274 19.39 4.42 10.38
CA THR A 274 18.07 3.78 10.42
C THR A 274 17.63 3.48 8.97
N SER A 275 17.80 4.49 8.09
CA SER A 275 17.48 4.49 6.67
C SER A 275 18.29 3.43 5.90
N LEU A 276 19.58 3.28 6.21
CA LEU A 276 20.41 2.28 5.56
C LEU A 276 19.92 0.87 5.86
N MET A 277 19.42 0.64 7.08
CA MET A 277 18.88 -0.65 7.46
C MET A 277 17.55 -0.91 6.75
N ASP A 278 16.74 0.15 6.56
CA ASP A 278 15.44 0.08 5.87
C ASP A 278 15.66 -0.35 4.44
N ILE A 279 16.60 0.32 3.74
CA ILE A 279 16.96 0.04 2.34
C ILE A 279 17.45 -1.38 2.22
N ASP A 280 18.25 -1.83 3.19
CA ASP A 280 18.79 -3.17 3.24
C ASP A 280 17.71 -4.25 3.28
N SER A 281 16.77 -4.16 4.23
CA SER A 281 15.71 -5.14 4.34
C SER A 281 14.67 -5.00 3.22
N LEU A 282 14.57 -3.82 2.59
CA LEU A 282 13.67 -3.58 1.47
C LEU A 282 14.25 -4.26 0.20
N MET A 283 15.58 -4.20 0.03
CA MET A 283 16.29 -4.85 -1.07
C MET A 283 16.08 -6.37 -0.94
N THR A 284 16.20 -6.89 0.30
CA THR A 284 16.00 -8.29 0.64
C THR A 284 14.55 -8.72 0.40
N LYS A 285 13.55 -7.87 0.76
CA LYS A 285 12.13 -8.17 0.51
C LYS A 285 11.86 -8.20 -0.98
N TRP A 286 12.52 -7.33 -1.76
CA TRP A 286 12.34 -7.31 -3.21
C TRP A 286 12.92 -8.60 -3.79
N ARG A 287 14.12 -9.01 -3.35
CA ARG A 287 14.73 -10.25 -3.84
C ARG A 287 13.87 -11.47 -3.48
N TYR A 288 13.31 -11.48 -2.26
CA TYR A 288 12.41 -12.55 -1.77
C TYR A 288 11.20 -12.65 -2.68
N ASN A 289 10.61 -11.51 -3.04
CA ASN A 289 9.44 -11.44 -3.89
C ASN A 289 9.76 -11.90 -5.31
N HIS A 290 10.97 -11.61 -5.79
CA HIS A 290 11.43 -12.02 -7.11
C HIS A 290 11.47 -13.55 -7.17
N VAL A 291 12.05 -14.18 -6.14
CA VAL A 291 12.12 -15.63 -6.04
C VAL A 291 10.72 -16.25 -6.00
N CYS A 292 9.80 -15.64 -5.23
CA CYS A 292 8.43 -16.12 -5.14
C CYS A 292 7.75 -16.06 -6.50
N MET A 293 7.99 -14.98 -7.25
CA MET A 293 7.40 -14.77 -8.57
C MET A 293 7.94 -15.76 -9.57
N VAL A 294 9.25 -16.06 -9.50
CA VAL A 294 9.89 -17.04 -10.37
C VAL A 294 9.24 -18.41 -10.15
N HIS A 295 9.12 -18.85 -8.89
CA HIS A 295 8.48 -20.13 -8.58
C HIS A 295 6.99 -20.16 -8.87
N ARG A 296 6.34 -19.01 -8.82
CA ARG A 296 4.92 -18.90 -9.10
C ARG A 296 4.65 -19.21 -10.58
N MET A 297 5.55 -18.75 -11.46
CA MET A 297 5.43 -18.90 -12.91
C MET A 297 6.11 -20.13 -13.48
N LEU A 298 7.23 -20.56 -12.89
CA LEU A 298 7.97 -21.70 -13.39
C LEU A 298 7.90 -22.92 -12.44
N GLY A 299 8.13 -22.71 -11.16
CA GLY A 299 8.01 -23.76 -10.16
C GLY A 299 9.29 -24.44 -9.76
N SER A 300 10.31 -24.37 -10.68
CA SER A 300 11.69 -24.94 -10.64
C SER A 300 11.79 -26.36 -10.03
N TYR A 321 23.36 -12.07 4.66
CA TYR A 321 23.99 -11.53 3.45
C TYR A 321 23.49 -10.09 3.12
N LYS A 322 23.16 -9.31 4.18
CA LYS A 322 22.70 -7.92 4.11
C LYS A 322 23.93 -7.01 4.24
N VAL A 323 24.05 -6.01 3.35
CA VAL A 323 25.18 -5.08 3.34
C VAL A 323 25.50 -4.48 4.71
N PHE A 324 24.47 -3.96 5.40
CA PHE A 324 24.63 -3.32 6.69
C PHE A 324 24.24 -4.24 7.85
N VAL A 325 24.77 -5.49 7.87
CA VAL A 325 24.50 -6.44 8.95
C VAL A 325 24.97 -5.91 10.29
N ASP A 326 26.10 -5.20 10.30
CA ASP A 326 26.68 -4.63 11.52
C ASP A 326 25.73 -3.63 12.18
N LEU A 327 24.98 -2.86 11.39
CA LEU A 327 24.04 -1.90 11.94
C LEU A 327 22.87 -2.63 12.62
N PHE A 328 22.41 -3.74 12.01
CA PHE A 328 21.36 -4.56 12.59
C PHE A 328 21.86 -5.18 13.89
N ASN A 329 23.12 -5.64 13.89
CA ASN A 329 23.79 -6.22 15.03
C ASN A 329 23.94 -5.25 16.18
N LEU A 330 24.46 -4.03 15.93
CA LEU A 330 24.68 -3.03 16.97
C LEU A 330 23.37 -2.57 17.61
N SER A 331 22.27 -2.60 16.84
CA SER A 331 20.96 -2.21 17.38
C SER A 331 20.33 -3.29 18.28
N THR A 332 20.81 -4.54 18.19
CA THR A 332 20.26 -5.63 18.97
C THR A 332 21.19 -6.09 20.13
N TYR A 333 22.19 -5.27 20.51
CA TYR A 333 23.00 -5.57 21.69
C TYR A 333 22.10 -5.02 22.79
N LEU A 334 21.51 -5.92 23.57
CA LEU A 334 20.52 -5.58 24.58
C LEU A 334 21.13 -5.00 25.87
N ILE A 335 21.79 -3.83 25.74
CA ILE A 335 22.49 -3.13 26.81
C ILE A 335 21.58 -2.21 27.60
N PRO A 336 21.47 -2.40 28.93
CA PRO A 336 20.57 -1.56 29.73
C PRO A 336 20.86 -0.08 29.63
N ARG A 337 19.81 0.73 29.58
CA ARG A 337 19.85 2.18 29.44
C ARG A 337 20.81 2.83 30.43
N HIS A 338 20.76 2.40 31.71
CA HIS A 338 21.60 2.96 32.77
C HIS A 338 23.08 2.61 32.65
N TRP A 339 23.42 1.53 31.92
CA TRP A 339 24.82 1.17 31.72
C TRP A 339 25.51 2.09 30.69
N ILE A 340 24.72 2.79 29.84
CA ILE A 340 25.29 3.69 28.84
C ILE A 340 25.98 4.85 29.54
N PRO A 341 27.27 5.08 29.25
CA PRO A 341 28.00 6.18 29.89
C PRO A 341 27.31 7.54 29.78
N LYS A 342 27.29 8.29 30.89
CA LYS A 342 26.69 9.62 30.90
C LYS A 342 27.50 10.65 30.10
N MET A 343 26.86 11.77 29.73
CA MET A 343 27.50 12.81 28.95
C MET A 343 27.95 14.03 29.78
N ASN A 344 29.27 14.35 29.72
CA ASN A 344 29.88 15.48 30.42
C ASN A 344 29.42 16.81 29.77
N PRO A 345 29.34 17.93 30.54
CA PRO A 345 28.84 19.19 29.95
C PRO A 345 29.68 19.76 28.80
N THR A 346 30.96 19.36 28.72
CA THR A 346 31.84 19.79 27.63
C THR A 346 31.53 19.01 26.35
N ILE A 347 31.19 17.71 26.50
CA ILE A 347 30.82 16.82 25.40
C ILE A 347 29.37 17.12 24.92
N HIS A 348 28.48 17.58 25.84
CA HIS A 348 27.09 17.93 25.57
C HIS A 348 26.98 19.15 24.65
N LYS A 349 27.79 20.18 24.88
CA LYS A 349 27.81 21.39 24.04
C LYS A 349 28.48 21.13 22.67
N PHE A 350 29.42 20.16 22.62
CA PHE A 350 30.16 19.76 21.41
C PHE A 350 29.26 18.96 20.46
N LEU B 2 16.13 -14.80 -25.49
CA LEU B 2 16.41 -13.36 -25.65
C LEU B 2 17.09 -12.79 -24.38
N ILE B 3 17.89 -11.71 -24.54
CA ILE B 3 18.59 -11.05 -23.45
C ILE B 3 17.64 -10.05 -22.77
N TYR B 4 17.66 -9.98 -21.42
CA TYR B 4 16.80 -9.11 -20.63
C TYR B 4 16.69 -7.66 -21.18
N GLY B 5 17.81 -6.95 -21.27
CA GLY B 5 17.82 -5.57 -21.74
C GLY B 5 17.37 -5.39 -23.18
N ASN B 6 17.63 -6.39 -24.02
CA ASN B 6 17.24 -6.35 -25.42
C ASN B 6 15.76 -6.65 -25.61
N TYR B 7 15.23 -7.56 -24.81
CA TYR B 7 13.83 -7.92 -24.84
C TYR B 7 12.99 -6.71 -24.41
N LEU B 8 13.43 -6.01 -23.35
CA LEU B 8 12.74 -4.84 -22.84
C LEU B 8 13.08 -3.55 -23.59
N HIS B 9 14.00 -3.59 -24.55
CA HIS B 9 14.43 -2.43 -25.33
C HIS B 9 14.89 -1.30 -24.45
N LEU B 10 15.66 -1.65 -23.41
CA LEU B 10 16.20 -0.70 -22.46
C LEU B 10 17.11 0.37 -23.09
N GLU B 11 17.49 0.19 -24.36
CA GLU B 11 18.26 1.17 -25.12
C GLU B 11 17.41 2.43 -25.43
N LYS B 12 16.06 2.29 -25.43
CA LYS B 12 15.15 3.41 -25.66
C LYS B 12 14.65 3.87 -24.27
N VAL B 13 14.20 2.90 -23.44
CA VAL B 13 13.62 3.16 -22.13
C VAL B 13 14.58 3.88 -21.20
N LEU B 14 15.81 3.39 -21.10
CA LEU B 14 16.78 3.99 -20.20
C LEU B 14 17.69 5.05 -20.84
N ASN B 15 17.28 5.54 -22.03
CA ASN B 15 17.96 6.63 -22.72
C ASN B 15 16.96 7.70 -23.15
N ALA B 16 15.92 7.92 -22.35
CA ALA B 16 14.91 8.94 -22.61
C ALA B 16 14.82 9.96 -21.47
N GLN B 17 15.86 10.07 -20.64
CA GLN B 17 15.85 10.97 -19.50
C GLN B 17 16.68 12.19 -19.81
N GLU B 18 16.02 13.27 -20.26
CA GLU B 18 16.74 14.51 -20.57
C GLU B 18 16.35 15.61 -19.62
N LEU B 19 17.23 15.89 -18.67
CA LEU B 19 17.03 16.93 -17.67
C LEU B 19 17.19 18.30 -18.33
N GLN B 20 16.11 19.10 -18.41
CA GLN B 20 16.15 20.43 -19.00
C GLN B 20 17.05 21.40 -18.25
N SER B 21 17.27 21.17 -16.94
CA SER B 21 18.16 22.03 -16.18
C SER B 21 19.59 21.76 -16.65
N GLU B 22 19.98 20.48 -16.75
CA GLU B 22 21.31 20.07 -17.20
C GLU B 22 21.58 20.58 -18.62
N THR B 23 20.58 20.44 -19.52
CA THR B 23 20.64 20.87 -20.92
C THR B 23 20.77 22.40 -21.03
N LYS B 24 20.03 23.15 -20.19
CA LYS B 24 20.07 24.61 -20.24
C LYS B 24 21.08 25.25 -19.27
N GLY B 25 22.10 24.50 -18.87
CA GLY B 25 23.12 25.06 -17.97
C GLY B 25 23.37 24.27 -16.70
N ASN B 26 22.79 24.72 -15.56
CA ASN B 26 23.01 24.03 -14.29
C ASN B 26 22.00 22.90 -14.05
N LYS B 27 22.50 21.66 -13.86
CA LYS B 27 21.70 20.48 -13.59
C LYS B 27 21.11 20.52 -12.17
N ILE B 28 19.79 20.33 -12.06
CA ILE B 28 19.13 20.27 -10.76
C ILE B 28 18.79 18.79 -10.51
N HIS B 29 19.38 18.22 -9.46
CA HIS B 29 19.26 16.81 -9.11
C HIS B 29 17.85 16.27 -8.99
N ASP B 30 16.97 16.98 -8.27
CA ASP B 30 15.61 16.50 -8.09
C ASP B 30 14.79 16.44 -9.38
N GLU B 31 15.22 17.13 -10.44
CA GLU B 31 14.49 17.09 -11.70
C GLU B 31 14.44 15.70 -12.34
N HIS B 32 15.40 14.82 -12.03
CA HIS B 32 15.40 13.46 -12.55
C HIS B 32 14.17 12.70 -12.06
N LEU B 33 13.78 12.93 -10.78
CA LEU B 33 12.61 12.30 -10.18
C LEU B 33 11.36 12.69 -10.94
N PHE B 34 11.24 14.00 -11.31
CA PHE B 34 10.12 14.52 -12.08
C PHE B 34 9.97 13.81 -13.42
N ILE B 35 11.09 13.46 -14.05
CA ILE B 35 11.06 12.74 -15.33
C ILE B 35 10.62 11.29 -15.12
N ILE B 36 11.35 10.52 -14.26
CA ILE B 36 11.11 9.10 -13.98
C ILE B 36 9.70 8.81 -13.51
N THR B 37 9.15 9.63 -12.59
CA THR B 37 7.81 9.40 -12.09
C THR B 37 6.77 9.52 -13.20
N HIS B 38 6.84 10.58 -14.02
CA HIS B 38 5.87 10.76 -15.08
C HIS B 38 6.08 9.79 -16.22
N GLN B 39 7.32 9.31 -16.44
CA GLN B 39 7.56 8.30 -17.46
C GLN B 39 6.95 6.98 -17.02
N ALA B 40 7.09 6.63 -15.71
CA ALA B 40 6.52 5.41 -15.14
C ALA B 40 5.00 5.47 -15.19
N TYR B 41 4.37 6.66 -14.98
CA TYR B 41 2.92 6.80 -15.11
C TYR B 41 2.51 6.46 -16.53
N GLU B 42 3.29 6.97 -17.53
CA GLU B 42 3.05 6.74 -18.95
C GLU B 42 3.17 5.25 -19.32
N LEU B 43 4.17 4.52 -18.76
CA LEU B 43 4.29 3.08 -19.04
C LEU B 43 3.02 2.35 -18.58
N TRP B 44 2.50 2.74 -17.40
CA TRP B 44 1.30 2.13 -16.87
C TRP B 44 0.04 2.55 -17.61
N PHE B 45 0.00 3.78 -18.12
CA PHE B 45 -1.13 4.21 -18.94
C PHE B 45 -1.18 3.40 -20.23
N LYS B 46 0.01 3.03 -20.78
CA LYS B 46 0.06 2.22 -21.98
C LYS B 46 -0.51 0.84 -21.70
N GLN B 47 -0.19 0.27 -20.53
CA GLN B 47 -0.70 -1.05 -20.13
C GLN B 47 -2.18 -0.99 -19.87
N ILE B 48 -2.68 0.08 -19.22
CA ILE B 48 -4.10 0.25 -18.95
C ILE B 48 -4.86 0.33 -20.28
N LEU B 49 -4.33 1.09 -21.24
CA LEU B 49 -4.94 1.21 -22.57
C LEU B 49 -4.92 -0.14 -23.29
N TRP B 50 -3.82 -0.88 -23.18
CA TRP B 50 -3.67 -2.20 -23.78
C TRP B 50 -4.77 -3.16 -23.29
N GLU B 51 -5.11 -3.07 -22.00
CA GLU B 51 -6.16 -3.92 -21.42
C GLU B 51 -7.53 -3.39 -21.77
N LEU B 52 -7.73 -2.07 -21.64
CA LEU B 52 -9.01 -1.43 -21.92
C LEU B 52 -9.45 -1.65 -23.36
N ASP B 53 -8.53 -1.53 -24.31
CA ASP B 53 -8.83 -1.74 -25.71
C ASP B 53 -9.16 -3.20 -26.00
N SER B 54 -8.44 -4.15 -25.36
CA SER B 54 -8.71 -5.57 -25.56
C SER B 54 -10.10 -5.95 -25.07
N VAL B 55 -10.53 -5.37 -23.93
CA VAL B 55 -11.86 -5.58 -23.36
C VAL B 55 -12.90 -4.91 -24.26
N ARG B 56 -12.62 -3.67 -24.71
CA ARG B 56 -13.49 -2.92 -25.61
C ARG B 56 -13.74 -3.68 -26.89
N GLU B 57 -12.69 -4.36 -27.41
CA GLU B 57 -12.78 -5.13 -28.64
C GLU B 57 -13.63 -6.40 -28.44
N ILE B 58 -13.49 -7.11 -27.30
CA ILE B 58 -14.31 -8.30 -27.01
C ILE B 58 -15.79 -7.98 -27.10
N PHE B 59 -16.19 -6.79 -26.64
CA PHE B 59 -17.59 -6.38 -26.72
C PHE B 59 -17.99 -6.00 -28.15
N GLN B 60 -17.17 -5.16 -28.81
CA GLN B 60 -17.38 -4.65 -30.17
C GLN B 60 -17.45 -5.75 -31.24
N ASN B 61 -16.60 -6.78 -31.15
CA ASN B 61 -16.59 -7.86 -32.12
C ASN B 61 -17.56 -9.03 -31.80
N GLY B 62 -18.46 -8.82 -30.85
CA GLY B 62 -19.45 -9.82 -30.48
C GLY B 62 -19.00 -11.03 -29.70
N HIS B 63 -17.75 -11.02 -29.20
CA HIS B 63 -17.26 -12.13 -28.41
C HIS B 63 -17.90 -12.17 -27.03
N VAL B 64 -18.21 -11.00 -26.44
CA VAL B 64 -18.85 -10.91 -25.12
C VAL B 64 -20.20 -11.67 -25.06
N ARG B 65 -20.78 -12.02 -26.24
CA ARG B 65 -22.00 -12.81 -26.36
C ARG B 65 -21.70 -14.21 -25.87
N ASP B 66 -20.53 -14.77 -26.22
CA ASP B 66 -20.08 -16.08 -25.73
C ASP B 66 -19.65 -15.84 -24.29
N GLU B 67 -20.44 -16.35 -23.34
CA GLU B 67 -20.24 -16.15 -21.91
C GLU B 67 -18.91 -16.71 -21.37
N ARG B 68 -18.24 -17.58 -22.14
CA ARG B 68 -16.94 -18.10 -21.78
C ARG B 68 -15.92 -16.97 -21.65
N ASN B 69 -16.09 -15.89 -22.42
CA ASN B 69 -15.21 -14.73 -22.41
C ASN B 69 -15.34 -13.83 -21.20
N MET B 70 -16.34 -14.07 -20.33
CA MET B 70 -16.53 -13.22 -19.16
C MET B 70 -15.43 -13.33 -18.10
N LEU B 71 -14.71 -14.44 -18.08
CA LEU B 71 -13.59 -14.61 -17.16
C LEU B 71 -12.47 -13.64 -17.63
N LYS B 72 -12.17 -13.67 -18.93
CA LYS B 72 -11.17 -12.82 -19.56
C LYS B 72 -11.55 -11.33 -19.41
N VAL B 73 -12.84 -10.99 -19.58
CA VAL B 73 -13.29 -9.61 -19.46
C VAL B 73 -13.13 -9.07 -18.03
N VAL B 74 -13.59 -9.86 -17.04
CA VAL B 74 -13.53 -9.49 -15.63
C VAL B 74 -12.09 -9.40 -15.11
N SER B 75 -11.25 -10.39 -15.43
CA SER B 75 -9.88 -10.40 -14.97
C SER B 75 -9.05 -9.25 -15.51
N ARG B 76 -9.28 -8.86 -16.77
CA ARG B 76 -8.55 -7.75 -17.36
C ARG B 76 -8.99 -6.43 -16.78
N MET B 77 -10.30 -6.27 -16.52
CA MET B 77 -10.78 -5.05 -15.86
C MET B 77 -10.28 -4.95 -14.40
N HIS B 78 -10.10 -6.11 -13.74
CA HIS B 78 -9.55 -6.14 -12.41
C HIS B 78 -8.10 -5.72 -12.46
N ARG B 79 -7.34 -6.20 -13.45
CA ARG B 79 -5.93 -5.81 -13.63
C ARG B 79 -5.81 -4.31 -13.83
N VAL B 80 -6.79 -3.68 -14.48
CA VAL B 80 -6.79 -2.23 -14.68
C VAL B 80 -6.92 -1.55 -13.31
N SER B 81 -7.86 -2.02 -12.46
CA SER B 81 -8.01 -1.44 -11.12
C SER B 81 -6.76 -1.66 -10.28
N VAL B 82 -6.12 -2.82 -10.40
CA VAL B 82 -4.88 -3.10 -9.67
C VAL B 82 -3.77 -2.14 -10.08
N ILE B 83 -3.62 -1.88 -11.40
CA ILE B 83 -2.62 -0.95 -11.92
C ILE B 83 -2.94 0.45 -11.45
N LEU B 84 -4.23 0.84 -11.46
CA LEU B 84 -4.67 2.13 -10.98
C LEU B 84 -4.40 2.31 -9.48
N LYS B 85 -4.50 1.23 -8.69
CA LYS B 85 -4.20 1.30 -7.26
C LYS B 85 -2.71 1.64 -7.05
N LEU B 86 -1.82 1.10 -7.91
CA LEU B 86 -0.38 1.36 -7.81
C LEU B 86 -0.09 2.80 -8.21
N LEU B 87 -0.77 3.32 -9.25
CA LEU B 87 -0.56 4.69 -9.70
C LEU B 87 -1.00 5.69 -8.65
N VAL B 88 -2.03 5.36 -7.86
CA VAL B 88 -2.48 6.23 -6.79
C VAL B 88 -1.38 6.22 -5.70
N GLN B 89 -0.78 5.06 -5.40
CA GLN B 89 0.32 4.95 -4.43
C GLN B 89 1.60 5.63 -4.93
N GLN B 90 1.78 5.75 -6.27
CA GLN B 90 2.96 6.39 -6.88
C GLN B 90 3.13 7.86 -6.53
N PHE B 91 2.06 8.50 -6.04
CA PHE B 91 2.15 9.89 -5.59
C PHE B 91 3.11 10.05 -4.41
N SER B 92 3.34 8.97 -3.65
CA SER B 92 4.28 8.97 -2.52
C SER B 92 5.71 9.25 -2.97
N ILE B 93 6.06 8.91 -4.22
CA ILE B 93 7.40 9.16 -4.72
C ILE B 93 7.61 10.66 -4.89
N LEU B 94 6.66 11.36 -5.56
CA LEU B 94 6.79 12.81 -5.71
C LEU B 94 6.67 13.55 -4.38
N GLU B 95 5.97 12.97 -3.40
CA GLU B 95 5.86 13.53 -2.07
C GLU B 95 7.23 13.65 -1.38
N THR B 96 8.25 12.88 -1.84
CA THR B 96 9.61 12.96 -1.30
C THR B 96 10.39 14.16 -1.85
N MET B 97 9.82 14.94 -2.79
CA MET B 97 10.45 16.14 -3.34
C MET B 97 9.72 17.34 -2.77
N THR B 98 10.44 18.23 -2.07
CA THR B 98 9.80 19.39 -1.45
C THR B 98 9.36 20.40 -2.47
N ALA B 99 8.35 21.22 -2.14
CA ALA B 99 7.89 22.29 -3.03
C ALA B 99 9.03 23.29 -3.29
N LEU B 100 9.89 23.50 -2.28
CA LEU B 100 11.06 24.36 -2.36
C LEU B 100 12.03 23.81 -3.42
N ASP B 101 12.38 22.51 -3.36
CA ASP B 101 13.30 21.89 -4.32
C ASP B 101 12.73 21.89 -5.74
N PHE B 102 11.39 21.79 -5.86
CA PHE B 102 10.73 21.80 -7.15
C PHE B 102 10.95 23.15 -7.82
N ASN B 103 10.80 24.25 -7.05
CA ASN B 103 11.00 25.61 -7.55
C ASN B 103 12.39 25.81 -8.20
N ASP B 104 13.40 25.09 -7.70
CA ASP B 104 14.75 25.20 -8.21
C ASP B 104 14.91 24.66 -9.64
N PHE B 105 13.92 23.91 -10.16
CA PHE B 105 13.95 23.43 -11.55
C PHE B 105 12.66 23.78 -12.33
N ARG B 106 11.63 24.35 -11.67
CA ARG B 106 10.33 24.68 -12.26
C ARG B 106 10.42 25.56 -13.47
N GLU B 107 11.36 26.52 -13.46
CA GLU B 107 11.59 27.48 -14.55
C GLU B 107 12.14 26.84 -15.84
N TYR B 108 12.82 25.70 -15.74
CA TYR B 108 13.40 25.03 -16.91
C TYR B 108 12.42 24.29 -17.78
N LEU B 109 11.23 23.99 -17.26
CA LEU B 109 10.22 23.28 -18.03
C LEU B 109 8.86 23.98 -18.03
N SER B 110 8.63 24.89 -17.06
CA SER B 110 7.39 25.66 -16.86
C SER B 110 6.16 24.75 -16.97
N PRO B 111 5.86 24.02 -15.89
CA PRO B 111 4.77 23.04 -15.96
C PRO B 111 3.37 23.60 -15.82
N ALA B 112 2.49 23.22 -16.75
CA ALA B 112 1.10 23.61 -16.66
C ALA B 112 0.39 22.70 -15.64
N SER B 113 -0.69 23.19 -15.03
CA SER B 113 -1.42 22.41 -14.03
C SER B 113 -2.44 21.41 -14.62
N GLY B 114 -2.74 21.52 -15.91
CA GLY B 114 -3.71 20.64 -16.55
C GLY B 114 -3.23 19.22 -16.77
N PHE B 115 -4.10 18.34 -17.27
CA PHE B 115 -3.73 16.94 -17.52
C PHE B 115 -3.14 16.79 -18.92
N GLN B 116 -1.87 17.19 -19.09
CA GLN B 116 -1.15 17.15 -20.36
C GLN B 116 -0.80 15.78 -20.95
N SER B 117 -1.27 14.69 -20.35
CA SER B 117 -0.96 13.36 -20.86
C SER B 117 -1.89 12.97 -21.99
N LEU B 118 -1.32 12.60 -23.15
CA LEU B 118 -2.15 12.17 -24.28
C LEU B 118 -2.78 10.83 -23.91
N GLN B 119 -1.99 9.90 -23.38
CA GLN B 119 -2.48 8.58 -22.98
C GLN B 119 -3.60 8.65 -21.98
N PHE B 120 -3.51 9.56 -20.97
CA PHE B 120 -4.58 9.72 -19.99
C PHE B 120 -5.84 10.26 -20.62
N ARG B 121 -5.71 11.18 -21.62
CA ARG B 121 -6.87 11.70 -22.33
C ARG B 121 -7.50 10.59 -23.20
N LEU B 122 -6.68 9.72 -23.80
CA LEU B 122 -7.20 8.60 -24.58
C LEU B 122 -7.91 7.62 -23.64
N LEU B 123 -7.34 7.37 -22.44
CA LEU B 123 -7.91 6.50 -21.42
C LEU B 123 -9.26 7.03 -20.96
N GLU B 124 -9.37 8.35 -20.73
CA GLU B 124 -10.61 8.97 -20.31
C GLU B 124 -11.67 8.84 -21.38
N ASN B 125 -11.30 9.07 -22.66
CA ASN B 125 -12.24 9.00 -23.78
C ASN B 125 -12.71 7.59 -24.05
N LYS B 126 -11.80 6.62 -23.96
CA LYS B 126 -12.08 5.21 -24.20
C LYS B 126 -12.94 4.59 -23.11
N ILE B 127 -12.88 5.09 -21.87
CA ILE B 127 -13.76 4.61 -20.81
C ILE B 127 -15.15 5.23 -21.00
N GLY B 128 -15.20 6.53 -21.28
CA GLY B 128 -16.44 7.24 -21.53
C GLY B 128 -16.59 8.57 -20.80
N VAL B 129 -15.49 9.25 -20.51
CA VAL B 129 -15.53 10.53 -19.81
C VAL B 129 -16.14 11.60 -20.71
N LEU B 130 -17.15 12.33 -20.18
CA LEU B 130 -17.82 13.40 -20.94
C LEU B 130 -16.94 14.63 -21.19
N GLN B 131 -16.31 15.18 -20.13
CA GLN B 131 -15.43 16.38 -20.16
C GLN B 131 -16.12 17.64 -20.76
N PHE B 146 -3.48 21.07 -27.63
CA PHE B 146 -2.72 21.20 -28.87
C PHE B 146 -1.78 19.98 -29.14
N LYS B 147 -2.17 19.11 -30.10
CA LYS B 147 -1.42 17.90 -30.44
C LYS B 147 -1.42 17.60 -31.95
N GLY B 148 -0.24 17.53 -32.58
CA GLY B 148 -0.10 17.23 -34.01
C GLY B 148 0.34 15.80 -34.26
N GLU B 149 -0.45 15.05 -35.07
CA GLU B 149 -0.34 13.61 -35.39
C GLU B 149 -1.04 12.79 -34.28
N GLU B 150 -0.82 13.20 -33.03
CA GLU B 150 -1.48 12.67 -31.84
C GLU B 150 -2.98 12.98 -31.91
N ASN B 151 -3.40 14.09 -32.59
CA ASN B 151 -4.81 14.42 -32.82
C ASN B 151 -5.53 13.37 -33.67
N GLU B 152 -4.80 12.48 -34.38
CA GLU B 152 -5.41 11.39 -35.15
C GLU B 152 -5.88 10.32 -34.17
N LEU B 153 -5.02 9.97 -33.18
CA LEU B 153 -5.35 9.01 -32.12
C LEU B 153 -6.44 9.57 -31.21
N LEU B 154 -6.37 10.88 -30.91
CA LEU B 154 -7.35 11.57 -30.07
C LEU B 154 -8.70 11.65 -30.75
N LEU B 155 -8.73 11.80 -32.09
CA LEU B 155 -9.99 11.84 -32.82
C LEU B 155 -10.58 10.43 -32.87
N LYS B 156 -9.74 9.41 -33.09
CA LYS B 156 -10.17 8.02 -33.10
C LYS B 156 -10.78 7.63 -31.76
N SER B 157 -10.23 8.15 -30.63
CA SER B 157 -10.75 7.83 -29.29
C SER B 157 -12.16 8.37 -29.06
N GLU B 158 -12.46 9.53 -29.66
CA GLU B 158 -13.78 10.14 -29.55
C GLU B 158 -14.77 9.48 -30.52
N GLN B 159 -14.31 9.10 -31.71
CA GLN B 159 -15.16 8.47 -32.71
C GLN B 159 -15.51 7.02 -32.40
N GLU B 160 -14.55 6.22 -31.91
CA GLU B 160 -14.78 4.82 -31.60
C GLU B 160 -15.71 4.63 -30.40
N LYS B 161 -16.36 3.46 -30.32
CA LYS B 161 -17.29 3.16 -29.23
C LYS B 161 -16.60 3.11 -27.88
N THR B 162 -17.13 3.86 -26.90
CA THR B 162 -16.55 3.90 -25.55
C THR B 162 -16.91 2.62 -24.79
N LEU B 163 -16.22 2.34 -23.68
CA LEU B 163 -16.52 1.18 -22.84
C LEU B 163 -17.92 1.34 -22.24
N LEU B 164 -18.32 2.58 -21.89
CA LEU B 164 -19.63 2.89 -21.38
C LEU B 164 -20.69 2.50 -22.40
N GLU B 165 -20.46 2.84 -23.68
CA GLU B 165 -21.37 2.53 -24.79
C GLU B 165 -21.48 1.02 -25.01
N LEU B 166 -20.34 0.31 -25.02
CA LEU B 166 -20.31 -1.12 -25.28
C LEU B 166 -20.94 -1.92 -24.14
N VAL B 167 -20.75 -1.45 -22.89
CA VAL B 167 -21.34 -2.06 -21.69
C VAL B 167 -22.85 -1.78 -21.69
N GLU B 168 -23.26 -0.56 -22.09
CA GLU B 168 -24.66 -0.15 -22.19
C GLU B 168 -25.41 -1.03 -23.18
N ALA B 169 -24.79 -1.34 -24.33
CA ALA B 169 -25.41 -2.19 -25.35
C ALA B 169 -25.58 -3.63 -24.86
N TRP B 170 -24.57 -4.14 -24.14
CA TRP B 170 -24.55 -5.48 -23.57
C TRP B 170 -25.57 -5.58 -22.42
N LEU B 171 -25.70 -4.53 -21.61
CA LEU B 171 -26.64 -4.49 -20.49
C LEU B 171 -28.07 -4.53 -20.96
N GLU B 172 -28.37 -3.94 -22.14
CA GLU B 172 -29.72 -3.98 -22.68
C GLU B 172 -30.11 -5.42 -23.08
N ARG B 173 -29.12 -6.31 -23.38
CA ARG B 173 -29.37 -7.70 -23.75
C ARG B 173 -29.43 -8.65 -22.54
N THR B 174 -29.47 -8.12 -21.29
CA THR B 174 -29.54 -8.95 -20.09
C THR B 174 -30.80 -9.82 -20.10
N PRO B 175 -30.65 -11.12 -19.87
CA PRO B 175 -31.82 -12.01 -19.81
C PRO B 175 -32.73 -11.70 -18.62
N GLY B 176 -34.02 -11.92 -18.80
CA GLY B 176 -35.02 -11.66 -17.76
C GLY B 176 -35.76 -10.34 -17.88
N LEU B 177 -35.32 -9.47 -18.79
CA LEU B 177 -35.95 -8.16 -18.95
C LEU B 177 -37.22 -8.21 -19.80
N GLU B 178 -37.27 -9.16 -20.76
CA GLU B 178 -38.37 -9.32 -21.69
C GLU B 178 -39.74 -9.34 -21.00
N PRO B 179 -40.63 -8.43 -21.42
CA PRO B 179 -41.96 -8.36 -20.78
C PRO B 179 -42.81 -9.62 -20.98
N HIS B 180 -42.58 -10.32 -22.10
CA HIS B 180 -43.27 -11.55 -22.41
C HIS B 180 -42.86 -12.65 -21.41
N GLY B 181 -41.55 -12.80 -21.17
CA GLY B 181 -40.99 -13.78 -20.26
C GLY B 181 -40.23 -13.21 -19.07
N PHE B 182 -40.70 -13.52 -17.86
CA PHE B 182 -40.25 -13.05 -16.54
C PHE B 182 -40.74 -11.64 -16.25
N ASN B 183 -40.48 -10.67 -17.15
CA ASN B 183 -40.90 -9.26 -16.99
C ASN B 183 -40.42 -8.72 -15.64
N PHE B 184 -39.11 -8.52 -15.52
CA PHE B 184 -38.48 -8.07 -14.29
C PHE B 184 -38.97 -6.70 -13.83
N TRP B 185 -39.02 -5.72 -14.74
CA TRP B 185 -39.43 -4.36 -14.39
C TRP B 185 -40.89 -4.23 -13.95
N GLY B 186 -41.75 -5.08 -14.52
CA GLY B 186 -43.15 -5.09 -14.17
C GLY B 186 -43.37 -5.66 -12.79
N LYS B 187 -42.75 -6.81 -12.50
CA LYS B 187 -42.86 -7.43 -11.19
C LYS B 187 -42.20 -6.57 -10.12
N LEU B 188 -41.09 -5.87 -10.45
CA LEU B 188 -40.38 -5.01 -9.51
C LEU B 188 -41.24 -3.82 -9.15
N GLU B 189 -41.91 -3.21 -10.14
CA GLU B 189 -42.80 -2.06 -9.88
C GLU B 189 -44.02 -2.46 -9.07
N LYS B 190 -44.56 -3.67 -9.32
CA LYS B 190 -45.70 -4.21 -8.60
C LYS B 190 -45.32 -4.49 -7.15
N ASN B 191 -44.16 -5.09 -6.90
CA ASN B 191 -43.74 -5.40 -5.53
C ASN B 191 -43.35 -4.16 -4.73
N ILE B 192 -42.81 -3.13 -5.42
CA ILE B 192 -42.41 -1.91 -4.74
C ILE B 192 -43.66 -1.08 -4.43
N THR B 193 -44.62 -0.99 -5.36
CA THR B 193 -45.87 -0.24 -5.11
C THR B 193 -46.69 -0.91 -3.99
N ARG B 194 -46.75 -2.26 -3.99
CA ARG B 194 -47.47 -3.01 -2.97
C ARG B 194 -46.74 -3.01 -1.62
N GLY B 195 -45.41 -2.95 -1.66
CA GLY B 195 -44.59 -2.93 -0.46
C GLY B 195 -44.65 -1.57 0.22
N LEU B 196 -44.69 -0.50 -0.57
CA LEU B 196 -44.81 0.86 -0.05
C LEU B 196 -46.20 1.05 0.54
N GLU B 197 -47.24 0.50 -0.13
CA GLU B 197 -48.61 0.59 0.38
C GLU B 197 -48.74 -0.16 1.71
N GLU B 198 -48.12 -1.35 1.82
CA GLU B 198 -48.11 -2.15 3.04
C GLU B 198 -47.33 -1.46 4.18
N GLU B 199 -46.32 -0.64 3.83
CA GLU B 199 -45.53 0.11 4.81
C GLU B 199 -46.31 1.34 5.30
N PHE B 200 -47.09 1.98 4.42
CA PHE B 200 -47.94 3.13 4.76
C PHE B 200 -49.02 2.69 5.77
N ILE B 201 -49.55 1.48 5.61
CA ILE B 201 -50.56 0.87 6.47
C ILE B 201 -49.95 0.61 7.86
N ARG B 202 -48.69 0.16 7.92
CA ARG B 202 -47.98 -0.09 9.18
C ARG B 202 -47.71 1.23 9.92
N ILE B 203 -47.32 2.28 9.18
CA ILE B 203 -47.02 3.60 9.72
C ILE B 203 -48.26 4.33 10.22
N GLN B 204 -49.36 4.33 9.43
CA GLN B 204 -50.61 4.98 9.81
C GLN B 204 -51.29 4.34 11.03
N ALA B 205 -50.97 3.07 11.31
CA ALA B 205 -51.51 2.32 12.45
C ALA B 205 -51.00 2.83 13.80
N LYS B 206 -49.79 3.42 13.82
CA LYS B 206 -49.19 3.93 15.05
C LYS B 206 -49.95 5.13 15.64
N GLU B 207 -49.77 5.37 16.97
CA GLU B 207 -50.39 6.47 17.71
C GLU B 207 -49.96 7.85 17.15
N GLU B 208 -50.69 8.93 17.46
CA GLU B 208 -50.37 10.26 16.91
C GLU B 208 -49.16 10.96 17.56
N SER B 209 -48.14 10.19 17.94
CA SER B 209 -46.91 10.69 18.56
C SER B 209 -46.03 11.48 17.58
N GLU B 210 -45.02 12.19 18.11
CA GLU B 210 -44.06 12.93 17.27
C GLU B 210 -43.17 11.95 16.51
N GLU B 211 -42.90 10.74 17.08
CA GLU B 211 -42.13 9.68 16.43
C GLU B 211 -42.87 9.11 15.21
N LYS B 212 -44.22 9.14 15.23
CA LYS B 212 -45.05 8.68 14.12
C LYS B 212 -44.98 9.68 12.98
N GLU B 213 -45.07 10.99 13.27
CA GLU B 213 -45.01 12.01 12.22
C GLU B 213 -43.62 12.11 11.58
N GLU B 214 -42.56 11.76 12.33
CA GLU B 214 -41.21 11.72 11.78
C GLU B 214 -41.08 10.56 10.77
N GLN B 215 -41.81 9.45 11.00
CA GLN B 215 -41.84 8.28 10.14
C GLN B 215 -42.73 8.50 8.90
N VAL B 216 -43.79 9.33 9.01
CA VAL B 216 -44.67 9.66 7.89
C VAL B 216 -43.92 10.54 6.87
N ALA B 217 -43.14 11.50 7.38
CA ALA B 217 -42.33 12.39 6.55
C ALA B 217 -41.18 11.63 5.89
N GLU B 218 -40.51 10.71 6.64
CA GLU B 218 -39.41 9.91 6.12
C GLU B 218 -39.91 8.87 5.10
N PHE B 219 -41.13 8.35 5.30
CA PHE B 219 -41.72 7.40 4.37
C PHE B 219 -42.08 8.11 3.07
N GLN B 220 -42.66 9.31 3.16
CA GLN B 220 -43.04 10.06 1.96
C GLN B 220 -41.81 10.42 1.11
N LYS B 221 -40.66 10.69 1.75
CA LYS B 221 -39.42 10.99 1.04
C LYS B 221 -38.87 9.73 0.35
N GLN B 222 -38.87 8.60 1.07
CA GLN B 222 -38.38 7.33 0.52
C GLN B 222 -39.29 6.77 -0.57
N LYS B 223 -40.61 7.03 -0.48
CA LYS B 223 -41.58 6.58 -1.48
C LYS B 223 -41.33 7.30 -2.80
N GLU B 224 -41.04 8.61 -2.75
CA GLU B 224 -40.74 9.42 -3.94
C GLU B 224 -39.48 8.91 -4.63
N VAL B 225 -38.46 8.54 -3.84
CA VAL B 225 -37.21 8.00 -4.35
C VAL B 225 -37.39 6.64 -5.01
N LEU B 226 -38.09 5.72 -4.33
CA LEU B 226 -38.32 4.38 -4.88
C LEU B 226 -39.09 4.40 -6.19
N LEU B 227 -40.16 5.19 -6.25
CA LEU B 227 -40.98 5.28 -7.46
C LEU B 227 -40.30 6.07 -8.59
N SER B 228 -39.33 6.94 -8.24
CA SER B 228 -38.58 7.71 -9.25
C SER B 228 -37.83 6.77 -10.23
N LEU B 229 -37.46 5.56 -9.76
CA LEU B 229 -36.79 4.52 -10.54
C LEU B 229 -37.61 4.15 -11.78
N PHE B 230 -38.95 4.19 -11.67
CA PHE B 230 -39.85 3.81 -12.75
C PHE B 230 -40.28 4.95 -13.68
N ASP B 231 -39.86 6.19 -13.39
CA ASP B 231 -40.17 7.34 -14.22
C ASP B 231 -39.20 7.39 -15.41
N GLU B 232 -39.54 6.73 -16.53
CA GLU B 232 -38.69 6.71 -17.72
C GLU B 232 -38.46 8.13 -18.26
N LYS B 233 -39.48 9.00 -18.14
CA LYS B 233 -39.40 10.38 -18.62
C LYS B 233 -38.37 11.16 -17.81
N ARG B 234 -38.34 10.99 -16.47
CA ARG B 234 -37.37 11.66 -15.59
C ARG B 234 -35.96 11.21 -15.94
N HIS B 235 -35.78 9.91 -16.22
CA HIS B 235 -34.48 9.39 -16.60
C HIS B 235 -34.05 9.96 -17.95
N GLU B 236 -34.96 10.00 -18.94
CA GLU B 236 -34.68 10.55 -20.26
C GLU B 236 -34.27 12.05 -20.20
N HIS B 237 -34.81 12.77 -19.20
CA HIS B 237 -34.49 14.18 -18.99
C HIS B 237 -33.07 14.31 -18.43
N LEU B 238 -32.73 13.49 -17.42
CA LEU B 238 -31.40 13.52 -16.81
C LEU B 238 -30.33 13.07 -17.78
N LEU B 239 -30.65 12.08 -18.64
CA LEU B 239 -29.75 11.57 -19.67
C LEU B 239 -29.32 12.69 -20.60
N SER B 240 -30.29 13.50 -21.07
CA SER B 240 -30.04 14.65 -21.94
C SER B 240 -29.32 15.76 -21.19
N LYS B 241 -29.64 15.96 -19.91
CA LYS B 241 -28.98 16.95 -19.07
C LYS B 241 -27.51 16.56 -18.69
N GLY B 242 -27.12 15.31 -18.97
CA GLY B 242 -25.78 14.80 -18.67
C GLY B 242 -25.65 14.16 -17.30
N GLU B 243 -26.67 14.33 -16.44
CA GLU B 243 -26.71 13.79 -15.07
C GLU B 243 -26.85 12.26 -14.97
N ARG B 244 -27.00 11.58 -16.11
CA ARG B 244 -27.09 10.13 -16.23
C ARG B 244 -26.53 9.71 -17.60
N ARG B 245 -25.91 8.52 -17.70
CA ARG B 245 -25.26 8.12 -18.94
C ARG B 245 -25.84 6.86 -19.58
N LEU B 246 -26.29 5.91 -18.76
CA LEU B 246 -26.84 4.65 -19.24
C LEU B 246 -28.28 4.77 -19.71
N SER B 247 -28.63 4.09 -20.78
CA SER B 247 -29.99 4.07 -21.30
C SER B 247 -30.93 3.43 -20.28
N TYR B 248 -32.22 3.78 -20.34
CA TYR B 248 -33.19 3.22 -19.41
C TYR B 248 -33.25 1.68 -19.44
N ARG B 249 -33.10 1.05 -20.65
CA ARG B 249 -33.11 -0.41 -20.73
C ARG B 249 -31.84 -1.00 -20.13
N ALA B 250 -30.69 -0.26 -20.20
CA ALA B 250 -29.44 -0.70 -19.58
C ALA B 250 -29.51 -0.57 -18.06
N LEU B 251 -30.29 0.38 -17.52
CA LEU B 251 -30.49 0.50 -16.07
C LEU B 251 -31.21 -0.74 -15.57
N GLN B 252 -32.23 -1.21 -16.32
CA GLN B 252 -33.02 -2.39 -15.99
C GLN B 252 -32.15 -3.65 -15.99
N GLY B 253 -31.26 -3.75 -16.97
CA GLY B 253 -30.34 -4.87 -17.09
C GLY B 253 -29.30 -4.89 -16.00
N ALA B 254 -28.78 -3.70 -15.60
CA ALA B 254 -27.80 -3.60 -14.54
C ALA B 254 -28.45 -3.97 -13.21
N LEU B 255 -29.67 -3.50 -12.96
CA LEU B 255 -30.42 -3.83 -11.74
C LEU B 255 -30.79 -5.32 -11.68
N MET B 256 -30.98 -5.96 -12.84
CA MET B 256 -31.29 -7.38 -12.94
C MET B 256 -30.08 -8.17 -12.42
N ILE B 257 -28.87 -7.78 -12.86
CA ILE B 257 -27.61 -8.38 -12.45
C ILE B 257 -27.35 -8.14 -10.96
N TYR B 258 -27.70 -6.96 -10.45
CA TYR B 258 -27.51 -6.66 -9.03
C TYR B 258 -28.41 -7.53 -8.15
N PHE B 259 -29.71 -7.56 -8.45
CA PHE B 259 -30.68 -8.30 -7.65
C PHE B 259 -30.58 -9.82 -7.79
N TYR B 260 -30.07 -10.32 -8.91
CA TYR B 260 -29.93 -11.76 -9.11
C TYR B 260 -28.48 -12.16 -9.29
N ARG B 261 -27.55 -11.47 -8.59
CA ARG B 261 -26.11 -11.71 -8.65
C ARG B 261 -25.72 -13.11 -8.26
N GLU B 262 -26.50 -13.75 -7.37
CA GLU B 262 -26.20 -15.12 -6.92
C GLU B 262 -26.37 -16.12 -8.06
N GLU B 263 -27.31 -15.87 -9.00
CA GLU B 263 -27.57 -16.76 -10.13
C GLU B 263 -26.32 -16.94 -10.95
N PRO B 264 -25.94 -18.18 -11.25
CA PRO B 264 -24.68 -18.44 -11.95
C PRO B 264 -24.35 -17.56 -13.17
N ARG B 265 -25.31 -17.40 -14.10
CA ARG B 265 -25.05 -16.61 -15.29
C ARG B 265 -24.77 -15.13 -15.01
N PHE B 266 -25.18 -14.64 -13.82
CA PHE B 266 -25.01 -13.25 -13.39
C PHE B 266 -23.90 -13.05 -12.36
N GLN B 267 -23.14 -14.12 -12.00
CA GLN B 267 -22.09 -13.99 -10.99
C GLN B 267 -20.91 -13.17 -11.51
N VAL B 268 -20.32 -13.60 -12.64
CA VAL B 268 -19.21 -12.87 -13.24
C VAL B 268 -19.65 -11.48 -13.79
N PRO B 269 -20.83 -11.31 -14.45
CA PRO B 269 -21.27 -9.95 -14.82
C PRO B 269 -21.36 -9.03 -13.62
N PHE B 270 -21.73 -9.56 -12.43
CA PHE B 270 -21.79 -8.71 -11.23
C PHE B 270 -20.39 -8.27 -10.82
N GLN B 271 -19.39 -9.16 -10.95
CA GLN B 271 -18.00 -8.82 -10.66
C GLN B 271 -17.54 -7.71 -11.61
N LEU B 272 -17.93 -7.81 -12.90
CA LEU B 272 -17.62 -6.81 -13.91
C LEU B 272 -18.21 -5.46 -13.54
N LEU B 273 -19.50 -5.41 -13.15
CA LEU B 273 -20.15 -4.15 -12.77
C LEU B 273 -19.51 -3.54 -11.52
N THR B 274 -19.10 -4.37 -10.58
CA THR B 274 -18.42 -3.96 -9.35
C THR B 274 -17.07 -3.32 -9.72
N SER B 275 -16.35 -3.99 -10.64
CA SER B 275 -15.04 -3.64 -11.18
C SER B 275 -15.10 -2.31 -11.93
N LEU B 276 -16.16 -2.06 -12.70
CA LEU B 276 -16.32 -0.81 -13.43
C LEU B 276 -16.46 0.36 -12.46
N MET B 277 -17.14 0.15 -11.32
CA MET B 277 -17.29 1.20 -10.32
C MET B 277 -15.96 1.44 -9.58
N ASP B 278 -15.15 0.39 -9.38
CA ASP B 278 -13.84 0.50 -8.74
C ASP B 278 -12.93 1.33 -9.59
N ILE B 279 -12.86 1.02 -10.91
CA ILE B 279 -12.03 1.74 -11.88
C ILE B 279 -12.43 3.19 -11.92
N ASP B 280 -13.72 3.45 -11.90
CA ASP B 280 -14.29 4.78 -11.91
C ASP B 280 -13.82 5.63 -10.72
N SER B 281 -13.97 5.11 -9.49
CA SER B 281 -13.55 5.87 -8.32
C SER B 281 -12.01 5.87 -8.14
N LEU B 282 -11.30 4.92 -8.78
CA LEU B 282 -9.84 4.91 -8.76
C LEU B 282 -9.30 6.00 -9.69
N MET B 283 -9.95 6.20 -10.86
CA MET B 283 -9.63 7.27 -11.80
C MET B 283 -9.84 8.62 -11.11
N THR B 284 -10.94 8.75 -10.35
CA THR B 284 -11.29 9.93 -9.59
C THR B 284 -10.27 10.17 -8.47
N LYS B 285 -9.81 9.11 -7.77
CA LYS B 285 -8.79 9.25 -6.71
C LYS B 285 -7.46 9.68 -7.29
N TRP B 286 -7.13 9.19 -8.52
CA TRP B 286 -5.89 9.58 -9.19
C TRP B 286 -5.97 11.06 -9.58
N ARG B 287 -7.11 11.50 -10.14
CA ARG B 287 -7.29 12.89 -10.51
C ARG B 287 -7.25 13.79 -9.26
N TYR B 288 -7.85 13.36 -8.14
CA TYR B 288 -7.85 14.09 -6.87
C TYR B 288 -6.40 14.30 -6.41
N ASN B 289 -5.59 13.23 -6.50
CA ASN B 289 -4.19 13.25 -6.08
C ASN B 289 -3.34 14.15 -6.96
N HIS B 290 -3.67 14.19 -8.27
CA HIS B 290 -2.99 15.02 -9.25
C HIS B 290 -3.22 16.49 -8.87
N VAL B 291 -4.47 16.86 -8.58
CA VAL B 291 -4.81 18.21 -8.18
C VAL B 291 -4.09 18.60 -6.89
N CYS B 292 -4.04 17.70 -5.90
CA CYS B 292 -3.34 17.95 -4.65
C CYS B 292 -1.86 18.20 -4.88
N MET B 293 -1.26 17.40 -5.77
CA MET B 293 0.16 17.50 -6.10
C MET B 293 0.48 18.81 -6.80
N VAL B 294 -0.41 19.24 -7.71
CA VAL B 294 -0.25 20.51 -8.42
C VAL B 294 -0.25 21.68 -7.41
N HIS B 295 -1.22 21.73 -6.50
CA HIS B 295 -1.30 22.76 -5.48
C HIS B 295 -0.17 22.67 -4.44
N ARG B 296 0.35 21.47 -4.22
CA ARG B 296 1.45 21.26 -3.30
C ARG B 296 2.74 21.91 -3.84
N MET B 297 2.94 21.87 -5.16
CA MET B 297 4.13 22.40 -5.84
C MET B 297 4.01 23.85 -6.33
N LEU B 298 2.80 24.26 -6.72
CA LEU B 298 2.56 25.60 -7.26
C LEU B 298 1.63 26.44 -6.34
N GLY B 299 0.48 25.91 -5.97
CA GLY B 299 -0.43 26.60 -5.08
C GLY B 299 -1.61 27.21 -5.81
N ARG B 320 -18.95 14.22 -8.65
CA ARG B 320 -19.27 12.91 -9.18
C ARG B 320 -19.67 12.94 -10.67
N TYR B 321 -18.72 13.31 -11.54
CA TYR B 321 -18.89 13.26 -13.00
C TYR B 321 -18.10 11.98 -13.46
N LYS B 322 -18.52 10.83 -12.87
CA LYS B 322 -18.00 9.48 -13.04
C LYS B 322 -18.73 8.81 -14.19
N VAL B 323 -18.00 8.15 -15.09
CA VAL B 323 -18.55 7.47 -16.27
C VAL B 323 -19.72 6.55 -15.93
N PHE B 324 -19.55 5.69 -14.90
CA PHE B 324 -20.56 4.73 -14.48
C PHE B 324 -21.37 5.20 -13.27
N VAL B 325 -21.85 6.45 -13.29
CA VAL B 325 -22.68 6.98 -12.21
C VAL B 325 -23.94 6.17 -12.00
N ASP B 326 -24.51 5.63 -13.09
CA ASP B 326 -25.73 4.83 -13.03
C ASP B 326 -25.55 3.56 -12.22
N LEU B 327 -24.36 2.96 -12.27
CA LEU B 327 -24.09 1.76 -11.51
C LEU B 327 -24.02 2.10 -10.00
N PHE B 328 -23.45 3.26 -9.66
CA PHE B 328 -23.40 3.73 -8.30
C PHE B 328 -24.81 4.01 -7.81
N ASN B 329 -25.64 4.63 -8.66
CA ASN B 329 -27.03 4.96 -8.41
C ASN B 329 -27.89 3.73 -8.16
N LEU B 330 -27.82 2.73 -9.04
CA LEU B 330 -28.61 1.52 -8.91
C LEU B 330 -28.26 0.71 -7.68
N SER B 331 -26.99 0.80 -7.23
CA SER B 331 -26.57 0.08 -6.02
C SER B 331 -27.04 0.77 -4.71
N THR B 332 -27.45 2.04 -4.78
CA THR B 332 -27.86 2.85 -3.66
C THR B 332 -29.41 2.99 -3.55
N TYR B 333 -30.19 2.25 -4.36
CA TYR B 333 -31.65 2.26 -4.22
C TYR B 333 -31.85 1.27 -3.07
N LEU B 334 -32.25 1.77 -1.90
CA LEU B 334 -32.40 0.94 -0.71
C LEU B 334 -33.69 0.10 -0.72
N ILE B 335 -33.82 -0.85 -1.68
CA ILE B 335 -34.98 -1.72 -1.84
C ILE B 335 -34.87 -2.98 -0.97
N PRO B 336 -35.86 -3.25 -0.10
CA PRO B 336 -35.78 -4.43 0.77
C PRO B 336 -35.63 -5.75 0.02
N ARG B 337 -34.79 -6.65 0.56
CA ARG B 337 -34.50 -7.97 -0.01
C ARG B 337 -35.76 -8.76 -0.37
N HIS B 338 -36.78 -8.75 0.51
CA HIS B 338 -38.02 -9.48 0.26
C HIS B 338 -38.90 -8.88 -0.84
N TRP B 339 -38.72 -7.58 -1.17
CA TRP B 339 -39.50 -6.98 -2.26
C TRP B 339 -39.01 -7.43 -3.64
N ILE B 340 -37.76 -7.94 -3.74
CA ILE B 340 -37.20 -8.40 -5.00
C ILE B 340 -38.02 -9.59 -5.51
N PRO B 341 -38.53 -9.49 -6.76
CA PRO B 341 -39.34 -10.59 -7.31
C PRO B 341 -38.66 -11.95 -7.25
N LYS B 342 -39.40 -12.99 -6.86
CA LYS B 342 -38.84 -14.33 -6.76
C LYS B 342 -38.51 -14.94 -8.14
N MET B 343 -37.66 -15.96 -8.17
CA MET B 343 -37.26 -16.60 -9.41
C MET B 343 -37.98 -17.93 -9.66
N ASN B 344 -38.71 -18.02 -10.79
CA ASN B 344 -39.45 -19.23 -11.18
C ASN B 344 -38.47 -20.34 -11.60
N PRO B 345 -38.83 -21.64 -11.45
CA PRO B 345 -37.89 -22.71 -11.83
C PRO B 345 -37.50 -22.75 -13.32
N THR B 346 -38.31 -22.12 -14.20
CA THR B 346 -37.98 -22.04 -15.62
C THR B 346 -36.89 -20.97 -15.84
N ILE B 347 -36.94 -19.85 -15.08
CA ILE B 347 -35.96 -18.77 -15.13
C ILE B 347 -34.66 -19.16 -14.39
N HIS B 348 -34.76 -20.02 -13.35
CA HIS B 348 -33.63 -20.52 -12.55
C HIS B 348 -32.69 -21.39 -13.40
N LYS B 349 -33.26 -22.29 -14.23
CA LYS B 349 -32.48 -23.18 -15.10
C LYS B 349 -31.90 -22.42 -16.32
N PHE B 350 -32.58 -21.33 -16.73
CA PHE B 350 -32.16 -20.48 -17.85
C PHE B 350 -30.94 -19.64 -17.45
N LEU B 351 -30.95 -19.08 -16.23
CA LEU B 351 -29.84 -18.27 -15.72
C LEU B 351 -28.81 -19.13 -14.98
N GLU B 352 -28.45 -20.27 -15.59
CA GLU B 352 -27.46 -21.24 -15.09
C GLU B 352 -26.60 -21.71 -16.27
N HIS B 353 -25.37 -22.14 -16.00
CA HIS B 353 -24.45 -22.57 -17.07
C HIS B 353 -24.66 -24.03 -17.50
N LEU C 2 4.88 -12.17 30.79
CA LEU C 2 3.41 -12.19 30.73
C LEU C 2 2.87 -13.07 29.58
N ILE C 3 1.58 -13.49 29.65
CA ILE C 3 0.94 -14.31 28.59
C ILE C 3 0.38 -13.37 27.52
N TYR C 4 0.60 -13.69 26.24
CA TYR C 4 0.18 -12.88 25.10
C TYR C 4 -1.25 -12.30 25.22
N GLY C 5 -2.25 -13.16 25.36
CA GLY C 5 -3.64 -12.74 25.46
C GLY C 5 -3.99 -11.90 26.67
N ASN C 6 -3.28 -12.16 27.77
CA ASN C 6 -3.50 -11.44 29.02
C ASN C 6 -2.85 -10.06 28.98
N TYR C 7 -1.67 -9.97 28.36
CA TYR C 7 -0.95 -8.72 28.20
C TYR C 7 -1.76 -7.77 27.31
N LEU C 8 -2.32 -8.31 26.21
CA LEU C 8 -3.14 -7.55 25.28
C LEU C 8 -4.58 -7.35 25.72
N HIS C 9 -4.99 -7.99 26.82
CA HIS C 9 -6.36 -7.92 27.33
C HIS C 9 -7.39 -8.32 26.30
N LEU C 10 -7.06 -9.39 25.56
CA LEU C 10 -7.93 -9.93 24.50
C LEU C 10 -9.29 -10.40 25.01
N GLU C 11 -9.47 -10.48 26.33
CA GLU C 11 -10.76 -10.80 26.95
C GLU C 11 -11.75 -9.62 26.76
N LYS C 12 -11.25 -8.39 26.54
CA LYS C 12 -12.09 -7.24 26.31
C LYS C 12 -12.14 -7.00 24.79
N VAL C 13 -10.95 -7.00 24.15
CA VAL C 13 -10.78 -6.74 22.72
C VAL C 13 -11.57 -7.70 21.85
N LEU C 14 -11.41 -9.01 22.08
CA LEU C 14 -12.08 -10.03 21.28
C LEU C 14 -13.47 -10.44 21.81
N ASN C 15 -14.03 -9.67 22.74
CA ASN C 15 -15.36 -9.91 23.26
C ASN C 15 -16.20 -8.64 23.25
N ALA C 16 -15.99 -7.78 22.24
CA ALA C 16 -16.72 -6.53 22.06
C ALA C 16 -17.43 -6.45 20.70
N GLN C 17 -17.68 -7.59 20.07
CA GLN C 17 -18.31 -7.62 18.75
C GLN C 17 -19.75 -8.05 18.85
N GLU C 18 -20.68 -7.09 18.95
CA GLU C 18 -22.10 -7.43 19.08
C GLU C 18 -22.91 -7.05 17.85
N LEU C 19 -23.22 -8.05 17.02
CA LEU C 19 -24.00 -7.88 15.80
C LEU C 19 -25.46 -7.60 16.12
N GLN C 20 -25.93 -6.37 15.84
CA GLN C 20 -27.31 -5.98 16.07
C GLN C 20 -28.32 -6.78 15.26
N SER C 21 -27.91 -7.31 14.09
CA SER C 21 -28.82 -8.13 13.29
C SER C 21 -29.06 -9.45 14.01
N GLU C 22 -27.98 -10.09 14.51
CA GLU C 22 -28.05 -11.34 15.24
C GLU C 22 -28.87 -11.18 16.51
N THR C 23 -28.64 -10.09 17.26
CA THR C 23 -29.37 -9.84 18.50
C THR C 23 -30.84 -9.51 18.23
N LYS C 24 -31.15 -8.79 17.14
CA LYS C 24 -32.54 -8.42 16.83
C LYS C 24 -33.25 -9.42 15.90
N GLY C 25 -32.78 -10.66 15.86
CA GLY C 25 -33.42 -11.68 15.03
C GLY C 25 -32.51 -12.39 14.06
N ASN C 26 -32.54 -11.97 12.78
CA ASN C 26 -31.72 -12.62 11.76
C ASN C 26 -30.31 -12.00 11.64
N LYS C 27 -29.28 -12.84 11.84
CA LYS C 27 -27.87 -12.44 11.76
C LYS C 27 -27.46 -12.20 10.30
N ILE C 28 -26.87 -11.03 10.02
CA ILE C 28 -26.34 -10.70 8.70
C ILE C 28 -24.81 -10.79 8.79
N HIS C 29 -24.21 -11.73 8.04
CA HIS C 29 -22.79 -12.04 8.07
C HIS C 29 -21.86 -10.84 7.88
N ASP C 30 -22.13 -10.01 6.86
CA ASP C 30 -21.26 -8.88 6.57
C ASP C 30 -21.23 -7.84 7.67
N GLU C 31 -22.22 -7.82 8.57
CA GLU C 31 -22.24 -6.84 9.66
C GLU C 31 -21.04 -6.92 10.60
N HIS C 32 -20.42 -8.09 10.70
CA HIS C 32 -19.23 -8.26 11.53
C HIS C 32 -18.07 -7.40 11.01
N LEU C 33 -17.94 -7.28 9.67
CA LEU C 33 -16.91 -6.46 9.04
C LEU C 33 -17.10 -5.00 9.44
N PHE C 34 -18.35 -4.52 9.45
CA PHE C 34 -18.67 -3.15 9.83
C PHE C 34 -18.21 -2.84 11.25
N ILE C 35 -18.33 -3.82 12.16
CA ILE C 35 -17.90 -3.64 13.54
C ILE C 35 -16.37 -3.61 13.61
N ILE C 36 -15.69 -4.68 13.13
CA ILE C 36 -14.24 -4.85 13.18
C ILE C 36 -13.47 -3.69 12.53
N THR C 37 -13.91 -3.21 11.35
CA THR C 37 -13.21 -2.11 10.67
C THR C 37 -13.21 -0.87 11.49
N HIS C 38 -14.39 -0.47 12.00
CA HIS C 38 -14.48 0.73 12.81
C HIS C 38 -13.83 0.57 14.18
N GLN C 39 -13.77 -0.65 14.72
CA GLN C 39 -13.09 -0.88 15.99
C GLN C 39 -11.59 -0.71 15.76
N ALA C 40 -11.06 -1.24 14.61
CA ALA C 40 -9.64 -1.14 14.26
C ALA C 40 -9.26 0.31 14.02
N TYR C 41 -10.16 1.13 13.42
CA TYR C 41 -9.91 2.56 13.25
C TYR C 41 -9.76 3.20 14.62
N GLU C 42 -10.65 2.86 15.58
CA GLU C 42 -10.60 3.36 16.94
C GLU C 42 -9.32 2.99 17.69
N LEU C 43 -8.82 1.75 17.53
CA LEU C 43 -7.57 1.34 18.17
C LEU C 43 -6.43 2.23 17.67
N TRP C 44 -6.42 2.53 16.36
CA TRP C 44 -5.40 3.39 15.79
C TRP C 44 -5.57 4.84 16.15
N PHE C 45 -6.81 5.31 16.34
CA PHE C 45 -7.05 6.67 16.80
C PHE C 45 -6.52 6.83 18.23
N LYS C 46 -6.62 5.78 19.06
CA LYS C 46 -6.09 5.82 20.42
C LYS C 46 -4.58 5.98 20.39
N GLN C 47 -3.91 5.26 19.47
CA GLN C 47 -2.45 5.34 19.31
C GLN C 47 -2.05 6.70 18.77
N ILE C 48 -2.82 7.26 17.80
CA ILE C 48 -2.54 8.58 17.23
C ILE C 48 -2.65 9.63 18.32
N LEU C 49 -3.69 9.54 19.15
CA LEU C 49 -3.87 10.49 20.25
C LEU C 49 -2.74 10.35 21.28
N TRP C 50 -2.33 9.11 21.58
CA TRP C 50 -1.22 8.82 22.51
C TRP C 50 0.06 9.51 22.06
N GLU C 51 0.32 9.53 20.74
CA GLU C 51 1.51 10.19 20.20
C GLU C 51 1.32 11.71 20.16
N LEU C 52 0.15 12.17 19.68
CA LEU C 52 -0.17 13.58 19.54
C LEU C 52 -0.10 14.30 20.86
N ASP C 53 -0.63 13.68 21.91
CA ASP C 53 -0.62 14.28 23.23
C ASP C 53 0.78 14.33 23.80
N SER C 54 1.60 13.28 23.55
CA SER C 54 2.98 13.27 24.05
C SER C 54 3.81 14.37 23.40
N VAL C 55 3.59 14.61 22.10
CA VAL C 55 4.28 15.66 21.37
C VAL C 55 3.78 17.02 21.85
N ARG C 56 2.45 17.15 22.01
CA ARG C 56 1.81 18.37 22.52
C ARG C 56 2.36 18.74 23.90
N GLU C 57 2.62 17.74 24.74
CA GLU C 57 3.14 17.97 26.07
C GLU C 57 4.60 18.43 26.03
N ILE C 58 5.45 17.84 25.16
CA ILE C 58 6.86 18.25 25.02
C ILE C 58 6.96 19.74 24.73
N PHE C 59 6.03 20.28 23.93
CA PHE C 59 6.01 21.71 23.63
C PHE C 59 5.51 22.51 24.85
N GLN C 60 4.37 22.10 25.44
CA GLN C 60 3.72 22.75 26.57
C GLN C 60 4.55 22.81 27.85
N ASN C 61 5.33 21.77 28.14
CA ASN C 61 6.17 21.76 29.34
C ASN C 61 7.59 22.32 29.10
N GLY C 62 7.81 23.00 27.98
CA GLY C 62 9.09 23.62 27.65
C GLY C 62 10.25 22.70 27.30
N HIS C 63 9.99 21.40 27.09
CA HIS C 63 11.07 20.49 26.70
C HIS C 63 11.53 20.72 25.29
N VAL C 64 10.61 21.14 24.38
CA VAL C 64 10.93 21.44 22.97
C VAL C 64 12.03 22.53 22.83
N ARG C 65 12.29 23.29 23.92
CA ARG C 65 13.35 24.29 23.97
C ARG C 65 14.70 23.55 23.85
N ASP C 66 14.85 22.42 24.58
CA ASP C 66 16.05 21.59 24.50
C ASP C 66 15.95 20.87 23.17
N GLU C 67 16.82 21.26 22.23
CA GLU C 67 16.89 20.76 20.86
C GLU C 67 17.13 19.24 20.75
N ARG C 68 17.66 18.62 21.83
CA ARG C 68 17.87 17.18 21.89
C ARG C 68 16.53 16.41 21.71
N ASN C 69 15.41 17.00 22.16
CA ASN C 69 14.08 16.42 22.05
C ASN C 69 13.45 16.46 20.66
N MET C 70 14.10 17.16 19.70
CA MET C 70 13.57 17.27 18.33
C MET C 70 13.55 15.94 17.57
N LEU C 71 14.41 14.99 17.95
CA LEU C 71 14.40 13.68 17.31
C LEU C 71 13.11 12.97 17.74
N LYS C 72 12.80 12.98 19.06
CA LYS C 72 11.60 12.39 19.63
C LYS C 72 10.35 13.04 19.04
N VAL C 73 10.35 14.39 18.90
CA VAL C 73 9.20 15.11 18.35
C VAL C 73 8.93 14.73 16.89
N VAL C 74 9.96 14.77 16.06
CA VAL C 74 9.84 14.46 14.63
C VAL C 74 9.45 13.00 14.39
N SER C 75 10.13 12.05 15.08
CA SER C 75 9.84 10.62 14.91
C SER C 75 8.42 10.23 15.32
N ARG C 76 7.87 10.87 16.37
CA ARG C 76 6.51 10.57 16.79
C ARG C 76 5.51 11.17 15.83
N MET C 77 5.78 12.35 15.28
CA MET C 77 4.90 12.93 14.25
C MET C 77 4.97 12.12 12.95
N HIS C 78 6.13 11.52 12.65
CA HIS C 78 6.28 10.67 11.49
C HIS C 78 5.44 9.41 11.71
N ARG C 79 5.48 8.83 12.92
CA ARG C 79 4.68 7.64 13.25
C ARG C 79 3.19 7.93 13.08
N VAL C 80 2.75 9.17 13.38
CA VAL C 80 1.37 9.54 13.18
C VAL C 80 1.02 9.48 11.68
N SER C 81 1.88 10.04 10.81
CA SER C 81 1.64 10.00 9.36
C SER C 81 1.64 8.55 8.86
N VAL C 82 2.54 7.71 9.39
CA VAL C 82 2.62 6.29 9.02
C VAL C 82 1.31 5.57 9.38
N ILE C 83 0.79 5.81 10.60
CA ILE C 83 -0.48 5.22 11.04
C ILE C 83 -1.62 5.73 10.16
N LEU C 84 -1.61 7.03 9.84
CA LEU C 84 -2.62 7.62 8.98
C LEU C 84 -2.58 7.04 7.57
N LYS C 85 -1.41 6.68 7.06
CA LYS C 85 -1.27 6.07 5.74
C LYS C 85 -1.97 4.70 5.75
N LEU C 86 -1.85 3.94 6.86
CA LEU C 86 -2.48 2.63 7.00
C LEU C 86 -4.01 2.76 7.09
N LEU C 87 -4.51 3.78 7.83
CA LEU C 87 -5.95 4.02 7.96
C LEU C 87 -6.59 4.42 6.63
N VAL C 88 -5.85 5.13 5.77
CA VAL C 88 -6.34 5.47 4.45
C VAL C 88 -6.43 4.16 3.62
N GLN C 89 -5.43 3.26 3.75
CA GLN C 89 -5.43 1.97 3.07
C GLN C 89 -6.52 1.03 3.61
N GLN C 90 -6.98 1.24 4.87
CA GLN C 90 -8.00 0.41 5.50
C GLN C 90 -9.39 0.50 4.84
N PHE C 91 -9.59 1.55 4.00
CA PHE C 91 -10.85 1.67 3.27
C PHE C 91 -11.04 0.51 2.29
N SER C 92 -9.93 -0.16 1.87
CA SER C 92 -9.97 -1.30 0.97
C SER C 92 -10.71 -2.49 1.57
N ILE C 93 -10.75 -2.59 2.91
CA ILE C 93 -11.45 -3.68 3.58
C ILE C 93 -12.95 -3.47 3.43
N LEU C 94 -13.48 -2.26 3.75
CA LEU C 94 -14.91 -2.02 3.57
C LEU C 94 -15.30 -2.07 2.10
N GLU C 95 -14.37 -1.74 1.17
CA GLU C 95 -14.64 -1.83 -0.27
C GLU C 95 -15.02 -3.25 -0.68
N THR C 96 -14.62 -4.28 0.13
CA THR C 96 -14.98 -5.66 -0.15
C THR C 96 -16.42 -6.04 0.28
N MET C 97 -17.18 -5.07 0.81
CA MET C 97 -18.57 -5.29 1.19
C MET C 97 -19.39 -4.48 0.21
N THR C 98 -20.33 -5.12 -0.51
CA THR C 98 -21.13 -4.39 -1.49
C THR C 98 -22.18 -3.48 -0.82
N ALA C 99 -22.59 -2.43 -1.53
CA ALA C 99 -23.63 -1.52 -1.04
C ALA C 99 -24.94 -2.30 -0.84
N LEU C 100 -25.20 -3.32 -1.69
CA LEU C 100 -26.36 -4.18 -1.62
C LEU C 100 -26.33 -4.97 -0.30
N ASP C 101 -25.18 -5.61 0.03
CA ASP C 101 -25.04 -6.37 1.28
C ASP C 101 -25.13 -5.48 2.51
N PHE C 102 -24.69 -4.21 2.40
CA PHE C 102 -24.75 -3.26 3.49
C PHE C 102 -26.22 -2.99 3.85
N ASN C 103 -27.07 -2.79 2.84
CA ASN C 103 -28.49 -2.53 3.02
C ASN C 103 -29.18 -3.64 3.83
N ASP C 104 -28.70 -4.88 3.72
CA ASP C 104 -29.26 -6.01 4.44
C ASP C 104 -29.05 -5.93 5.96
N PHE C 105 -28.15 -5.05 6.45
CA PHE C 105 -27.96 -4.87 7.89
C PHE C 105 -28.09 -3.41 8.32
N ARG C 106 -28.17 -2.45 7.37
CA ARG C 106 -28.47 -1.06 7.70
C ARG C 106 -29.98 -1.12 8.03
N GLU C 107 -30.40 -0.46 9.07
CA GLU C 107 -31.75 -0.58 9.63
C GLU C 107 -31.60 -1.22 11.00
N TYR C 108 -30.69 -2.20 11.19
CA TYR C 108 -30.42 -2.72 12.53
C TYR C 108 -29.56 -1.75 13.37
N LEU C 109 -28.87 -0.80 12.73
CA LEU C 109 -28.07 0.19 13.42
C LEU C 109 -28.37 1.64 12.98
N SER C 110 -28.97 1.81 11.76
CA SER C 110 -29.31 3.10 11.15
C SER C 110 -28.14 4.09 11.23
N PRO C 111 -27.15 3.95 10.35
CA PRO C 111 -25.94 4.78 10.44
C PRO C 111 -26.05 6.20 9.90
N ALA C 112 -25.63 7.18 10.72
CA ALA C 112 -25.59 8.55 10.28
C ALA C 112 -24.33 8.76 9.39
N SER C 113 -24.38 9.75 8.50
CA SER C 113 -23.27 10.04 7.60
C SER C 113 -22.14 10.88 8.23
N GLY C 114 -22.40 11.49 9.38
CA GLY C 114 -21.43 12.35 10.04
C GLY C 114 -20.26 11.63 10.66
N PHE C 115 -19.28 12.37 11.19
CA PHE C 115 -18.11 11.77 11.84
C PHE C 115 -18.41 11.54 13.33
N GLN C 116 -19.15 10.47 13.63
CA GLN C 116 -19.56 10.12 14.98
C GLN C 116 -18.46 9.62 15.95
N SER C 117 -17.17 9.66 15.56
CA SER C 117 -16.10 9.17 16.42
C SER C 117 -15.69 10.21 17.42
N LEU C 118 -15.68 9.85 18.72
CA LEU C 118 -15.23 10.80 19.74
C LEU C 118 -13.72 10.98 19.60
N GLN C 119 -12.98 9.88 19.45
CA GLN C 119 -11.54 9.94 19.30
C GLN C 119 -11.09 10.76 18.12
N PHE C 120 -11.80 10.65 16.96
CA PHE C 120 -11.45 11.44 15.80
C PHE C 120 -11.72 12.92 16.02
N ARG C 121 -12.80 13.25 16.77
CA ARG C 121 -13.10 14.65 17.11
C ARG C 121 -12.05 15.20 18.06
N LEU C 122 -11.58 14.38 19.00
CA LEU C 122 -10.52 14.79 19.91
C LEU C 122 -9.22 15.01 19.11
N LEU C 123 -8.94 14.14 18.14
CA LEU C 123 -7.76 14.23 17.28
C LEU C 123 -7.81 15.53 16.47
N GLU C 124 -8.98 15.86 15.90
CA GLU C 124 -9.15 17.07 15.11
C GLU C 124 -8.93 18.30 15.95
N ASN C 125 -9.51 18.33 17.16
CA ASN C 125 -9.40 19.47 18.08
C ASN C 125 -7.99 19.65 18.61
N LYS C 126 -7.32 18.54 18.94
CA LYS C 126 -5.97 18.57 19.48
C LYS C 126 -4.92 18.97 18.46
N ILE C 127 -5.17 18.72 17.18
CA ILE C 127 -4.26 19.15 16.12
C ILE C 127 -4.48 20.65 15.88
N GLY C 128 -5.74 21.08 15.80
CA GLY C 128 -6.10 22.48 15.61
C GLY C 128 -7.19 22.75 14.58
N VAL C 129 -8.10 21.80 14.35
CA VAL C 129 -9.18 21.97 13.37
C VAL C 129 -10.16 23.02 13.88
N LEU C 130 -10.50 24.01 13.04
CA LEU C 130 -11.40 25.11 13.44
C LEU C 130 -12.82 24.70 13.85
N LYS C 147 -22.21 12.41 24.56
CA LYS C 147 -22.36 13.38 25.64
C LYS C 147 -22.18 12.75 27.04
N GLY C 148 -21.97 13.60 28.06
CA GLY C 148 -21.80 13.15 29.44
C GLY C 148 -20.36 13.12 29.92
N GLU C 149 -19.84 11.91 30.19
CA GLU C 149 -18.45 11.72 30.62
C GLU C 149 -17.49 12.09 29.47
N GLU C 150 -17.89 11.78 28.22
CA GLU C 150 -17.17 12.07 27.00
C GLU C 150 -17.07 13.59 26.80
N ASN C 151 -18.10 14.35 27.21
CA ASN C 151 -18.13 15.80 27.12
C ASN C 151 -17.05 16.47 27.97
N GLU C 152 -16.47 15.76 28.95
CA GLU C 152 -15.38 16.30 29.77
C GLU C 152 -14.11 16.32 28.91
N LEU C 153 -13.84 15.21 28.20
CA LEU C 153 -12.68 15.10 27.31
C LEU C 153 -12.85 16.01 26.10
N LEU C 154 -14.07 16.11 25.57
CA LEU C 154 -14.36 16.95 24.41
C LEU C 154 -14.20 18.43 24.76
N LEU C 155 -14.54 18.83 26.00
CA LEU C 155 -14.38 20.22 26.42
C LEU C 155 -12.90 20.51 26.65
N LYS C 156 -12.18 19.56 27.26
CA LYS C 156 -10.76 19.69 27.53
C LYS C 156 -9.98 19.84 26.22
N SER C 157 -10.40 19.14 25.15
CA SER C 157 -9.72 19.22 23.85
C SER C 157 -9.80 20.61 23.22
N GLU C 158 -10.94 21.30 23.43
CA GLU C 158 -11.14 22.66 22.92
C GLU C 158 -10.46 23.70 23.81
N GLN C 159 -10.45 23.47 25.14
CA GLN C 159 -9.86 24.42 26.06
C GLN C 159 -8.32 24.37 26.08
N GLU C 160 -7.72 23.17 26.00
CA GLU C 160 -6.27 23.03 26.02
C GLU C 160 -5.60 23.57 24.76
N LYS C 161 -4.30 23.88 24.86
CA LYS C 161 -3.55 24.38 23.72
C LYS C 161 -3.44 23.34 22.60
N THR C 162 -3.80 23.73 21.37
CA THR C 162 -3.73 22.85 20.20
C THR C 162 -2.26 22.70 19.73
N LEU C 163 -1.98 21.69 18.89
CA LEU C 163 -0.64 21.49 18.33
C LEU C 163 -0.29 22.70 17.44
N LEU C 164 -1.28 23.26 16.73
CA LEU C 164 -1.08 24.44 15.91
C LEU C 164 -0.63 25.63 16.79
N GLU C 165 -1.28 25.82 17.95
CA GLU C 165 -0.95 26.88 18.90
C GLU C 165 0.44 26.72 19.50
N LEU C 166 0.80 25.48 19.91
CA LEU C 166 2.10 25.19 20.51
C LEU C 166 3.24 25.32 19.49
N VAL C 167 2.98 24.93 18.23
CA VAL C 167 3.95 25.06 17.14
C VAL C 167 4.12 26.53 16.77
N GLU C 168 3.01 27.31 16.79
CA GLU C 168 2.98 28.75 16.51
C GLU C 168 3.83 29.51 17.52
N ALA C 169 3.75 29.13 18.80
CA ALA C 169 4.53 29.78 19.86
C ALA C 169 6.03 29.49 19.68
N TRP C 170 6.36 28.24 19.31
CA TRP C 170 7.73 27.77 19.08
C TRP C 170 8.31 28.44 17.84
N LEU C 171 7.50 28.61 16.79
CA LEU C 171 7.94 29.23 15.55
C LEU C 171 8.27 30.71 15.73
N GLU C 172 7.59 31.39 16.67
CA GLU C 172 7.87 32.79 16.93
C GLU C 172 9.27 32.96 17.59
N ARG C 173 9.78 31.91 18.26
CA ARG C 173 11.09 31.95 18.89
C ARG C 173 12.23 31.54 17.94
N THR C 174 11.96 31.37 16.63
CA THR C 174 12.98 30.94 15.67
C THR C 174 14.16 31.90 15.64
N PRO C 175 15.38 31.36 15.74
CA PRO C 175 16.56 32.21 15.66
C PRO C 175 16.75 32.84 14.27
N GLY C 176 17.29 34.05 14.22
CA GLY C 176 17.54 34.76 12.97
C GLY C 176 16.50 35.81 12.61
N LEU C 177 15.40 35.88 13.38
CA LEU C 177 14.34 36.84 13.11
C LEU C 177 14.64 38.23 13.68
N GLU C 178 15.43 38.28 14.78
CA GLU C 178 15.82 39.51 15.47
C GLU C 178 16.32 40.60 14.50
N PRO C 179 15.70 41.80 14.56
CA PRO C 179 16.11 42.87 13.63
C PRO C 179 17.53 43.39 13.86
N HIS C 180 18.01 43.31 15.11
CA HIS C 180 19.36 43.74 15.44
C HIS C 180 20.38 42.77 14.86
N GLY C 181 20.11 41.46 14.99
CA GLY C 181 20.99 40.42 14.47
C GLY C 181 20.37 39.56 13.37
N PHE C 182 20.97 39.61 12.17
CA PHE C 182 20.58 38.96 10.92
C PHE C 182 19.44 39.71 10.22
N ASN C 183 18.31 39.96 10.93
CA ASN C 183 17.14 40.65 10.38
C ASN C 183 16.67 39.98 9.07
N PHE C 184 16.10 38.79 9.21
CA PHE C 184 15.68 37.98 8.07
C PHE C 184 14.60 38.65 7.24
N TRP C 185 13.54 39.16 7.87
CA TRP C 185 12.44 39.76 7.13
C TRP C 185 12.80 41.04 6.38
N GLY C 186 13.74 41.80 6.92
CA GLY C 186 14.19 43.03 6.30
C GLY C 186 15.01 42.77 5.06
N LYS C 187 15.99 41.86 5.19
CA LYS C 187 16.85 41.48 4.08
C LYS C 187 16.04 40.77 2.98
N LEU C 188 15.03 39.97 3.38
CA LEU C 188 14.17 39.25 2.43
C LEU C 188 13.34 40.25 1.63
N GLU C 189 12.76 41.27 2.29
CA GLU C 189 11.96 42.27 1.59
C GLU C 189 12.81 43.11 0.64
N LYS C 190 14.04 43.44 1.07
CA LYS C 190 14.97 44.21 0.26
C LYS C 190 15.38 43.42 -0.99
N ASN C 191 15.69 42.13 -0.86
CA ASN C 191 16.10 41.32 -2.01
C ASN C 191 14.97 41.01 -2.96
N ILE C 192 13.75 40.86 -2.44
CA ILE C 192 12.59 40.56 -3.27
C ILE C 192 12.17 41.82 -4.03
N THR C 193 12.17 42.99 -3.36
CA THR C 193 11.79 44.24 -4.01
C THR C 193 12.84 44.62 -5.09
N ARG C 194 14.14 44.41 -4.80
CA ARG C 194 15.22 44.68 -5.73
C ARG C 194 15.26 43.66 -6.88
N GLY C 195 14.87 42.41 -6.60
CA GLY C 195 14.84 41.36 -7.59
C GLY C 195 13.69 41.52 -8.56
N LEU C 196 12.54 41.98 -8.06
CA LEU C 196 11.37 42.24 -8.90
C LEU C 196 11.65 43.47 -9.78
N GLU C 197 12.30 44.51 -9.22
CA GLU C 197 12.67 45.71 -9.98
C GLU C 197 13.63 45.32 -11.14
N GLU C 198 14.65 44.50 -10.83
CA GLU C 198 15.63 44.03 -11.81
C GLU C 198 14.98 43.16 -12.89
N GLU C 199 13.88 42.45 -12.54
CA GLU C 199 13.13 41.60 -13.46
C GLU C 199 12.25 42.43 -14.37
N PHE C 200 11.67 43.54 -13.84
CA PHE C 200 10.86 44.46 -14.63
C PHE C 200 11.71 45.13 -15.73
N ILE C 201 12.96 45.45 -15.40
CA ILE C 201 13.92 46.05 -16.31
C ILE C 201 14.27 45.06 -17.44
N ARG C 202 14.42 43.77 -17.10
CA ARG C 202 14.73 42.72 -18.07
C ARG C 202 13.54 42.46 -19.00
N ILE C 203 12.30 42.48 -18.45
CA ILE C 203 11.07 42.26 -19.20
C ILE C 203 10.75 43.44 -20.14
N GLN C 204 10.87 44.68 -19.64
CA GLN C 204 10.61 45.88 -20.47
C GLN C 204 11.60 46.04 -21.64
N ALA C 205 12.81 45.44 -21.51
CA ALA C 205 13.85 45.51 -22.53
C ALA C 205 13.49 44.76 -23.80
N LYS C 206 12.65 43.71 -23.69
CA LYS C 206 12.25 42.88 -24.82
C LYS C 206 11.41 43.65 -25.84
N GLU C 207 11.42 43.17 -27.11
CA GLU C 207 10.68 43.74 -28.22
C GLU C 207 9.15 43.69 -27.97
N GLU C 208 8.35 44.43 -28.77
CA GLU C 208 6.90 44.46 -28.57
C GLU C 208 6.15 43.20 -29.06
N SER C 209 6.75 42.02 -28.87
CA SER C 209 6.17 40.73 -29.28
C SER C 209 4.97 40.33 -28.39
N GLU C 210 4.19 39.33 -28.85
CA GLU C 210 3.05 38.81 -28.07
C GLU C 210 3.56 38.07 -26.82
N GLU C 211 4.73 37.40 -26.91
CA GLU C 211 5.38 36.70 -25.80
C GLU C 211 5.85 37.69 -24.72
N LYS C 212 6.15 38.95 -25.10
CA LYS C 212 6.56 40.00 -24.17
C LYS C 212 5.35 40.48 -23.36
N GLU C 213 4.19 40.71 -24.00
CA GLU C 213 3.00 41.16 -23.27
C GLU C 213 2.47 40.08 -22.31
N GLU C 214 2.68 38.80 -22.67
CA GLU C 214 2.29 37.69 -21.80
C GLU C 214 3.18 37.66 -20.54
N GLN C 215 4.45 38.07 -20.67
CA GLN C 215 5.40 38.15 -19.56
C GLN C 215 5.16 39.38 -18.69
N VAL C 216 4.65 40.49 -19.25
CA VAL C 216 4.34 41.70 -18.48
C VAL C 216 3.15 41.43 -17.56
N ALA C 217 2.14 40.72 -18.07
CA ALA C 217 0.95 40.34 -17.32
C ALA C 217 1.29 39.30 -16.23
N GLU C 218 2.13 38.29 -16.57
CA GLU C 218 2.54 37.26 -15.62
C GLU C 218 3.45 37.83 -14.52
N PHE C 219 4.29 38.83 -14.87
CA PHE C 219 5.17 39.48 -13.90
C PHE C 219 4.34 40.33 -12.94
N GLN C 220 3.36 41.08 -13.45
CA GLN C 220 2.53 41.92 -12.60
C GLN C 220 1.72 41.08 -11.61
N LYS C 221 1.30 39.87 -12.03
CA LYS C 221 0.55 38.97 -11.15
C LYS C 221 1.46 38.39 -10.07
N GLN C 222 2.68 37.96 -10.45
CA GLN C 222 3.64 37.39 -9.51
C GLN C 222 4.22 38.43 -8.54
N LYS C 223 4.34 39.69 -9.00
CA LYS C 223 4.85 40.79 -8.17
C LYS C 223 3.85 41.07 -7.04
N GLU C 224 2.54 41.06 -7.36
CA GLU C 224 1.47 41.28 -6.37
C GLU C 224 1.50 40.19 -5.29
N VAL C 225 1.73 38.93 -5.71
CA VAL C 225 1.81 37.80 -4.81
C VAL C 225 3.04 37.86 -3.92
N LEU C 226 4.21 38.14 -4.51
CA LEU C 226 5.45 38.20 -3.73
C LEU C 226 5.39 39.28 -2.66
N LEU C 227 4.92 40.48 -3.03
CA LEU C 227 4.86 41.58 -2.07
C LEU C 227 3.74 41.40 -1.04
N SER C 228 2.70 40.60 -1.35
CA SER C 228 1.62 40.31 -0.41
C SER C 228 2.14 39.65 0.88
N LEU C 229 3.28 38.93 0.80
CA LEU C 229 3.95 38.26 1.91
C LEU C 229 4.31 39.28 3.00
N PHE C 230 4.64 40.52 2.62
CA PHE C 230 5.05 41.57 3.55
C PHE C 230 3.91 42.45 4.07
N ASP C 231 2.68 42.23 3.60
CA ASP C 231 1.49 42.98 4.01
C ASP C 231 0.99 42.39 5.34
N GLU C 232 1.52 42.89 6.46
CA GLU C 232 1.11 42.42 7.79
C GLU C 232 -0.38 42.66 8.04
N LYS C 233 -0.91 43.77 7.50
CA LYS C 233 -2.32 44.12 7.62
C LYS C 233 -3.21 43.10 6.91
N ARG C 234 -2.85 42.69 5.68
CA ARG C 234 -3.63 41.69 4.93
C ARG C 234 -3.64 40.37 5.68
N HIS C 235 -2.49 39.98 6.25
CA HIS C 235 -2.42 38.75 7.00
C HIS C 235 -3.27 38.83 8.26
N GLU C 236 -3.21 39.96 8.99
CA GLU C 236 -4.02 40.16 10.20
C GLU C 236 -5.52 40.09 9.90
N HIS C 237 -5.92 40.52 8.69
CA HIS C 237 -7.31 40.47 8.25
C HIS C 237 -7.74 39.03 8.02
N LEU C 238 -6.92 38.25 7.29
CA LEU C 238 -7.22 36.86 6.99
C LEU C 238 -7.21 36.01 8.25
N LEU C 239 -6.30 36.30 9.19
CA LEU C 239 -6.18 35.60 10.46
C LEU C 239 -7.48 35.71 11.24
N SER C 240 -8.06 36.93 11.30
CA SER C 240 -9.32 37.20 11.99
C SER C 240 -10.49 36.58 11.24
N LYS C 241 -10.45 36.60 9.89
CA LYS C 241 -11.46 35.99 9.03
C LYS C 241 -11.44 34.43 9.10
N GLY C 242 -10.39 33.85 9.70
CA GLY C 242 -10.22 32.41 9.81
C GLY C 242 -9.48 31.78 8.65
N GLU C 243 -9.27 32.53 7.54
CA GLU C 243 -8.59 32.07 6.33
C GLU C 243 -7.07 31.78 6.49
N ARG C 244 -6.50 32.10 7.66
CA ARG C 244 -5.10 31.85 8.02
C ARG C 244 -5.05 31.58 9.55
N ARG C 245 -4.12 30.74 10.02
CA ARG C 245 -4.08 30.37 11.44
C ARG C 245 -2.85 30.80 12.20
N LEU C 246 -1.68 30.80 11.54
CA LEU C 246 -0.40 31.14 12.17
C LEU C 246 -0.19 32.65 12.27
N SER C 247 0.35 33.10 13.40
CA SER C 247 0.65 34.52 13.64
C SER C 247 1.68 35.01 12.64
N TYR C 248 1.69 36.32 12.34
CA TYR C 248 2.64 36.88 11.39
C TYR C 248 4.10 36.62 11.78
N ARG C 249 4.44 36.62 13.08
CA ARG C 249 5.81 36.32 13.51
C ARG C 249 6.13 34.84 13.33
N ALA C 250 5.11 33.95 13.46
CA ALA C 250 5.29 32.51 13.24
C ALA C 250 5.46 32.22 11.73
N LEU C 251 4.87 33.03 10.85
CA LEU C 251 5.06 32.88 9.39
C LEU C 251 6.53 33.15 9.07
N GLN C 252 7.11 34.21 9.68
CA GLN C 252 8.51 34.60 9.48
C GLN C 252 9.44 33.51 9.96
N GLY C 253 9.12 32.89 11.09
CA GLY C 253 9.90 31.81 11.65
C GLY C 253 9.83 30.54 10.83
N ALA C 254 8.65 30.24 10.28
CA ALA C 254 8.47 29.05 9.44
C ALA C 254 9.23 29.23 8.14
N LEU C 255 9.16 30.43 7.54
CA LEU C 255 9.90 30.74 6.32
C LEU C 255 11.43 30.74 6.53
N MET C 256 11.87 31.07 7.75
CA MET C 256 13.28 31.06 8.11
C MET C 256 13.78 29.61 8.06
N ILE C 257 12.98 28.67 8.61
CA ILE C 257 13.28 27.24 8.62
C ILE C 257 13.24 26.67 7.21
N TYR C 258 12.32 27.13 6.37
CA TYR C 258 12.24 26.67 4.98
C TYR C 258 13.47 27.11 4.19
N PHE C 259 13.81 28.40 4.23
CA PHE C 259 14.91 28.94 3.47
C PHE C 259 16.28 28.54 3.94
N TYR C 260 16.41 28.24 5.25
CA TYR C 260 17.69 27.81 5.78
C TYR C 260 17.64 26.39 6.34
N ARG C 261 16.84 25.51 5.71
CA ARG C 261 16.67 24.11 6.10
C ARG C 261 17.96 23.33 6.10
N GLU C 262 18.92 23.69 5.23
CA GLU C 262 20.22 23.04 5.14
C GLU C 262 21.01 23.23 6.42
N GLU C 263 20.86 24.41 7.11
CA GLU C 263 21.56 24.73 8.35
C GLU C 263 21.27 23.70 9.41
N PRO C 264 22.31 23.13 10.03
CA PRO C 264 22.08 22.06 11.02
C PRO C 264 20.96 22.27 12.03
N ARG C 265 20.90 23.43 12.71
CA ARG C 265 19.87 23.66 13.73
C ARG C 265 18.44 23.66 13.17
N PHE C 266 18.29 23.87 11.85
CA PHE C 266 17.00 23.90 11.17
C PHE C 266 16.69 22.63 10.37
N GLN C 267 17.55 21.60 10.42
CA GLN C 267 17.34 20.38 9.63
C GLN C 267 16.14 19.59 10.14
N VAL C 268 16.17 19.21 11.43
CA VAL C 268 15.06 18.48 12.06
C VAL C 268 13.80 19.36 12.18
N PRO C 269 13.85 20.68 12.53
CA PRO C 269 12.61 21.48 12.50
C PRO C 269 11.95 21.50 11.12
N PHE C 270 12.75 21.42 10.04
CA PHE C 270 12.19 21.38 8.69
C PHE C 270 11.45 20.07 8.47
N GLN C 271 12.01 18.96 9.00
CA GLN C 271 11.37 17.66 8.91
C GLN C 271 10.03 17.70 9.63
N LEU C 272 9.98 18.36 10.81
CA LEU C 272 8.77 18.53 11.60
C LEU C 272 7.71 19.30 10.82
N LEU C 273 8.08 20.43 10.18
CA LEU C 273 7.13 21.23 9.40
C LEU C 273 6.63 20.46 8.19
N THR C 274 7.50 19.65 7.56
CA THR C 274 7.16 18.81 6.42
C THR C 274 6.14 17.74 6.86
N SER C 275 6.40 17.15 8.01
CA SER C 275 5.61 16.11 8.66
C SER C 275 4.22 16.63 9.04
N LEU C 276 4.14 17.87 9.55
CA LEU C 276 2.85 18.49 9.89
C LEU C 276 1.98 18.66 8.65
N MET C 277 2.58 18.97 7.49
CA MET C 277 1.83 19.11 6.25
C MET C 277 1.37 17.76 5.74
N ASP C 278 2.19 16.71 5.94
CA ASP C 278 1.84 15.34 5.53
C ASP C 278 0.64 14.87 6.29
N ILE C 279 0.66 15.05 7.64
CA ILE C 279 -0.42 14.68 8.54
C ILE C 279 -1.68 15.41 8.16
N ASP C 280 -1.56 16.68 7.83
CA ASP C 280 -2.66 17.52 7.43
C ASP C 280 -3.37 17.00 6.19
N SER C 281 -2.62 16.73 5.10
CA SER C 281 -3.24 16.23 3.88
C SER C 281 -3.65 14.76 3.98
N LEU C 282 -3.07 14.00 4.94
CA LEU C 282 -3.44 12.60 5.21
C LEU C 282 -4.78 12.57 5.94
N MET C 283 -5.01 13.52 6.87
CA MET C 283 -6.27 13.69 7.60
C MET C 283 -7.36 14.04 6.59
N THR C 284 -7.05 14.93 5.64
CA THR C 284 -7.94 15.34 4.55
C THR C 284 -8.26 14.17 3.61
N LYS C 285 -7.26 13.33 3.26
CA LYS C 285 -7.50 12.16 2.41
C LYS C 285 -8.36 11.14 3.14
N TRP C 286 -8.20 11.00 4.47
CA TRP C 286 -9.02 10.07 5.24
C TRP C 286 -10.46 10.58 5.25
N ARG C 287 -10.66 11.90 5.46
CA ARG C 287 -11.99 12.47 5.47
C ARG C 287 -12.66 12.33 4.09
N TYR C 288 -11.89 12.53 3.01
CA TYR C 288 -12.37 12.40 1.63
C TYR C 288 -12.84 10.96 1.40
N ASN C 289 -12.07 9.98 1.88
CA ASN C 289 -12.39 8.57 1.74
C ASN C 289 -13.61 8.19 2.53
N HIS C 290 -13.82 8.83 3.70
CA HIS C 290 -14.98 8.60 4.54
C HIS C 290 -16.23 9.06 3.77
N VAL C 291 -16.18 10.24 3.14
CA VAL C 291 -17.27 10.76 2.35
C VAL C 291 -17.57 9.85 1.17
N CYS C 292 -16.53 9.34 0.50
CA CYS C 292 -16.70 8.42 -0.63
C CYS C 292 -17.40 7.15 -0.18
N MET C 293 -17.00 6.62 0.99
CA MET C 293 -17.56 5.40 1.55
C MET C 293 -19.01 5.58 1.97
N VAL C 294 -19.35 6.75 2.53
CA VAL C 294 -20.71 7.07 2.92
C VAL C 294 -21.60 7.09 1.68
N HIS C 295 -21.19 7.79 0.62
CA HIS C 295 -21.97 7.82 -0.61
C HIS C 295 -21.99 6.48 -1.35
N ARG C 296 -20.97 5.66 -1.17
CA ARG C 296 -20.91 4.35 -1.80
C ARG C 296 -22.01 3.44 -1.22
N MET C 297 -22.24 3.54 0.10
CA MET C 297 -23.20 2.73 0.83
C MET C 297 -24.62 3.32 0.93
N LEU C 298 -24.73 4.65 1.00
CA LEU C 298 -26.02 5.31 1.16
C LEU C 298 -26.43 6.15 -0.05
N GLY C 299 -25.49 6.89 -0.61
CA GLY C 299 -25.76 7.68 -1.81
C GLY C 299 -26.17 9.10 -1.50
N SER C 300 -26.24 9.93 -2.54
CA SER C 300 -26.64 11.32 -2.38
C SER C 300 -28.16 11.51 -2.56
N ARG C 320 -8.28 23.16 2.49
CA ARG C 320 -9.48 23.90 2.89
C ARG C 320 -9.58 24.06 4.43
N TYR C 321 -9.98 22.98 5.14
CA TYR C 321 -10.04 22.89 6.61
C TYR C 321 -8.71 22.25 7.08
N LYS C 322 -7.58 22.75 6.51
CA LYS C 322 -6.24 22.29 6.80
C LYS C 322 -5.65 23.14 7.89
N VAL C 323 -5.39 22.55 9.05
CA VAL C 323 -4.82 23.22 10.22
C VAL C 323 -3.57 24.04 9.89
N PHE C 324 -2.64 23.43 9.14
CA PHE C 324 -1.39 24.07 8.77
C PHE C 324 -1.42 24.65 7.35
N VAL C 325 -2.47 25.41 7.00
CA VAL C 325 -2.57 26.06 5.69
C VAL C 325 -1.42 27.00 5.43
N ASP C 326 -0.95 27.68 6.47
CA ASP C 326 0.15 28.63 6.39
C ASP C 326 1.43 27.98 5.95
N LEU C 327 1.69 26.75 6.40
CA LEU C 327 2.89 26.03 6.02
C LEU C 327 2.84 25.65 4.53
N PHE C 328 1.64 25.28 4.03
CA PHE C 328 1.44 24.97 2.63
C PHE C 328 1.66 26.23 1.80
N ASN C 329 1.15 27.36 2.29
CA ASN C 329 1.27 28.68 1.67
C ASN C 329 2.70 29.15 1.58
N LEU C 330 3.45 29.11 2.70
CA LEU C 330 4.83 29.54 2.71
C LEU C 330 5.73 28.69 1.81
N SER C 331 5.37 27.40 1.60
CA SER C 331 6.13 26.51 0.72
C SER C 331 5.85 26.78 -0.78
N THR C 332 4.75 27.47 -1.11
CA THR C 332 4.43 27.75 -2.50
C THR C 332 4.67 29.22 -2.91
N TYR C 333 5.43 29.99 -2.12
CA TYR C 333 5.83 31.33 -2.54
C TYR C 333 7.04 31.01 -3.44
N LEU C 334 6.88 31.20 -4.75
CA LEU C 334 7.93 30.82 -5.70
C LEU C 334 9.06 31.83 -5.80
N ILE C 335 9.83 31.99 -4.71
CA ILE C 335 10.95 32.93 -4.56
C ILE C 335 12.28 32.33 -5.07
N PRO C 336 12.93 32.98 -6.05
CA PRO C 336 14.20 32.45 -6.58
C PRO C 336 15.26 32.23 -5.52
N ARG C 337 16.03 31.15 -5.67
CA ARG C 337 17.08 30.76 -4.74
C ARG C 337 18.07 31.89 -4.44
N HIS C 338 18.50 32.63 -5.48
CA HIS C 338 19.47 33.72 -5.29
C HIS C 338 18.90 34.93 -4.54
N TRP C 339 17.57 35.09 -4.50
CA TRP C 339 16.97 36.19 -3.76
C TRP C 339 17.01 35.95 -2.25
N ILE C 340 17.15 34.70 -1.80
CA ILE C 340 17.22 34.38 -0.38
C ILE C 340 18.49 35.02 0.22
N PRO C 341 18.34 35.82 1.28
CA PRO C 341 19.51 36.47 1.89
C PRO C 341 20.64 35.49 2.27
N LYS C 342 21.89 35.84 1.97
CA LYS C 342 23.04 34.98 2.29
C LYS C 342 23.29 34.88 3.81
N MET C 343 24.05 33.86 4.24
CA MET C 343 24.32 33.65 5.66
C MET C 343 25.73 34.09 6.09
N ASN C 344 25.81 35.03 7.04
CA ASN C 344 27.09 35.52 7.56
C ASN C 344 27.77 34.48 8.47
N PRO C 345 29.12 34.47 8.59
CA PRO C 345 29.78 33.47 9.46
C PRO C 345 29.41 33.54 10.94
N THR C 346 28.86 34.68 11.41
CA THR C 346 28.41 34.81 12.79
C THR C 346 27.05 34.07 12.98
N ILE C 347 26.17 34.14 11.94
CA ILE C 347 24.87 33.47 11.92
C ILE C 347 25.02 31.97 11.61
N HIS C 348 26.06 31.59 10.83
CA HIS C 348 26.37 30.21 10.46
C HIS C 348 26.76 29.38 11.69
N LYS C 349 27.60 29.94 12.58
CA LYS C 349 28.05 29.27 13.82
C LYS C 349 26.92 29.20 14.87
N PHE C 350 25.99 30.18 14.83
CA PHE C 350 24.83 30.26 15.73
C PHE C 350 23.82 29.16 15.38
N LEU C 351 23.54 28.95 14.08
CA LEU C 351 22.61 27.91 13.60
C LEU C 351 23.30 26.58 13.31
N GLU C 352 24.20 26.16 14.22
CA GLU C 352 24.98 24.93 14.17
C GLU C 352 24.98 24.26 15.55
N HIS C 353 25.10 22.93 15.59
CA HIS C 353 25.07 22.19 16.84
C HIS C 353 26.43 22.18 17.55
N LEU D 2 -28.75 2.90 16.99
CA LEU D 2 -27.74 2.80 18.04
C LEU D 2 -26.66 3.90 17.92
N ILE D 3 -25.94 4.18 19.02
CA ILE D 3 -24.87 5.18 19.07
C ILE D 3 -23.55 4.53 18.67
N TYR D 4 -22.71 5.25 17.91
CA TYR D 4 -21.42 4.79 17.41
C TYR D 4 -20.56 4.03 18.46
N GLY D 5 -20.21 4.67 19.56
CA GLY D 5 -19.38 4.06 20.60
C GLY D 5 -20.02 2.88 21.32
N ASN D 6 -21.34 2.89 21.41
CA ASN D 6 -22.08 1.82 22.07
C ASN D 6 -22.23 0.61 21.15
N TYR D 7 -22.43 0.85 19.85
CA TYR D 7 -22.53 -0.18 18.83
C TYR D 7 -21.20 -0.93 18.73
N LEU D 8 -20.09 -0.18 18.75
CA LEU D 8 -18.74 -0.74 18.68
C LEU D 8 -18.21 -1.24 20.01
N HIS D 9 -18.95 -1.02 21.13
CA HIS D 9 -18.54 -1.44 22.47
C HIS D 9 -17.17 -0.90 22.82
N LEU D 10 -16.94 0.38 22.49
CA LEU D 10 -15.68 1.04 22.76
C LEU D 10 -15.31 1.09 24.24
N GLU D 11 -16.26 0.77 25.15
CA GLU D 11 -16.00 0.69 26.58
C GLU D 11 -15.07 -0.50 26.91
N LYS D 12 -15.02 -1.53 26.04
CA LYS D 12 -14.16 -2.67 26.23
C LYS D 12 -12.92 -2.47 25.36
N VAL D 13 -13.13 -2.14 24.07
CA VAL D 13 -12.08 -1.96 23.06
C VAL D 13 -11.05 -0.91 23.48
N LEU D 14 -11.54 0.28 23.87
CA LEU D 14 -10.67 1.38 24.23
C LEU D 14 -10.32 1.45 25.71
N ASN D 15 -10.55 0.37 26.46
CA ASN D 15 -10.16 0.29 27.86
C ASN D 15 -9.45 -1.03 28.14
N ALA D 16 -8.67 -1.53 27.17
CA ALA D 16 -7.91 -2.77 27.29
C ALA D 16 -6.41 -2.56 27.07
N GLN D 17 -5.92 -1.34 27.22
CA GLN D 17 -4.53 -1.02 27.00
C GLN D 17 -3.81 -0.86 28.33
N GLU D 18 -3.16 -1.93 28.80
CA GLU D 18 -2.45 -1.88 30.07
C GLU D 18 -0.96 -1.99 29.88
N LEU D 19 -0.26 -0.87 30.01
CA LEU D 19 1.19 -0.83 29.85
C LEU D 19 1.88 -1.45 31.04
N GLN D 20 2.57 -2.57 30.83
CA GLN D 20 3.28 -3.26 31.91
C GLN D 20 4.40 -2.42 32.53
N SER D 21 4.99 -1.49 31.77
CA SER D 21 6.02 -0.62 32.29
C SER D 21 5.37 0.35 33.28
N GLU D 22 4.25 0.97 32.89
CA GLU D 22 3.51 1.90 33.74
C GLU D 22 3.05 1.22 35.01
N THR D 23 2.48 0.00 34.88
CA THR D 23 2.00 -0.74 36.04
C THR D 23 3.14 -1.19 36.96
N LYS D 24 4.29 -1.59 36.39
CA LYS D 24 5.43 -2.03 37.21
C LYS D 24 6.42 -0.89 37.56
N GLY D 25 5.95 0.35 37.56
CA GLY D 25 6.79 1.48 37.93
C GLY D 25 6.92 2.59 36.91
N ASN D 26 7.99 2.54 36.10
CA ASN D 26 8.28 3.56 35.10
C ASN D 26 7.62 3.26 33.76
N LYS D 27 6.72 4.15 33.31
CA LYS D 27 6.00 4.03 32.04
C LYS D 27 6.91 4.29 30.85
N ILE D 28 6.91 3.40 29.86
CA ILE D 28 7.69 3.57 28.64
C ILE D 28 6.68 3.91 27.52
N HIS D 29 6.81 5.09 26.93
CA HIS D 29 5.89 5.61 25.92
C HIS D 29 5.65 4.69 24.72
N ASP D 30 6.73 4.19 24.11
CA ASP D 30 6.61 3.36 22.92
C ASP D 30 5.87 2.05 23.17
N GLU D 31 5.79 1.59 24.43
CA GLU D 31 5.11 0.35 24.75
C GLU D 31 3.63 0.35 24.35
N HIS D 32 3.00 1.53 24.26
CA HIS D 32 1.59 1.61 23.87
C HIS D 32 1.41 1.11 22.44
N LEU D 33 2.38 1.42 21.55
CA LEU D 33 2.34 0.99 20.15
C LEU D 33 2.39 -0.54 20.09
N PHE D 34 3.23 -1.17 20.92
CA PHE D 34 3.34 -2.63 20.98
C PHE D 34 2.01 -3.29 21.34
N ILE D 35 1.24 -2.66 22.22
CA ILE D 35 -0.09 -3.16 22.59
C ILE D 35 -1.07 -3.00 21.41
N ILE D 36 -1.28 -1.74 20.94
CA ILE D 36 -2.22 -1.38 19.88
C ILE D 36 -1.99 -2.14 18.58
N THR D 37 -0.73 -2.32 18.13
CA THR D 37 -0.47 -3.05 16.88
C THR D 37 -0.94 -4.49 16.98
N HIS D 38 -0.56 -5.18 18.06
CA HIS D 38 -0.95 -6.58 18.23
C HIS D 38 -2.44 -6.73 18.53
N GLN D 39 -3.07 -5.72 19.16
CA GLN D 39 -4.51 -5.75 19.39
C GLN D 39 -5.23 -5.63 18.04
N ALA D 40 -4.75 -4.72 17.15
CA ALA D 40 -5.33 -4.52 15.82
C ALA D 40 -5.16 -5.78 14.98
N TYR D 41 -4.02 -6.51 15.10
CA TYR D 41 -3.82 -7.77 14.39
C TYR D 41 -4.88 -8.75 14.83
N GLU D 42 -5.15 -8.81 16.15
CA GLU D 42 -6.15 -9.69 16.74
C GLU D 42 -7.57 -9.38 16.27
N LEU D 43 -7.96 -8.08 16.16
CA LEU D 43 -9.30 -7.73 15.65
C LEU D 43 -9.45 -8.27 14.22
N TRP D 44 -8.38 -8.17 13.41
CA TRP D 44 -8.42 -8.67 12.03
C TRP D 44 -8.37 -10.16 11.94
N PHE D 45 -7.68 -10.84 12.89
CA PHE D 45 -7.68 -12.29 12.91
C PHE D 45 -9.09 -12.80 13.23
N LYS D 46 -9.84 -12.07 14.08
CA LYS D 46 -11.21 -12.44 14.40
C LYS D 46 -12.07 -12.37 13.14
N GLN D 47 -11.87 -11.32 12.32
CA GLN D 47 -12.61 -11.14 11.07
C GLN D 47 -12.23 -12.20 10.05
N ILE D 48 -10.92 -12.54 9.95
CA ILE D 48 -10.45 -13.57 9.03
C ILE D 48 -11.07 -14.90 9.39
N LEU D 49 -11.08 -15.24 10.68
CA LEU D 49 -11.68 -16.47 11.17
C LEU D 49 -13.20 -16.48 10.91
N TRP D 50 -13.88 -15.33 11.11
CA TRP D 50 -15.31 -15.18 10.85
C TRP D 50 -15.64 -15.49 9.41
N GLU D 51 -14.77 -15.09 8.47
CA GLU D 51 -14.98 -15.37 7.05
C GLU D 51 -14.60 -16.81 6.72
N LEU D 52 -13.44 -17.27 7.22
CA LEU D 52 -12.94 -18.63 6.97
C LEU D 52 -13.92 -19.68 7.44
N ASP D 53 -14.50 -19.49 8.63
CA ASP D 53 -15.47 -20.42 9.18
C ASP D 53 -16.77 -20.40 8.39
N SER D 54 -17.22 -19.22 7.93
CA SER D 54 -18.45 -19.13 7.14
C SER D 54 -18.30 -19.86 5.80
N VAL D 55 -17.13 -19.77 5.18
CA VAL D 55 -16.86 -20.44 3.93
C VAL D 55 -16.72 -21.93 4.19
N ARG D 56 -16.01 -22.31 5.28
CA ARG D 56 -15.83 -23.69 5.71
C ARG D 56 -17.17 -24.36 5.93
N GLU D 57 -18.15 -23.62 6.51
CA GLU D 57 -19.48 -24.14 6.78
C GLU D 57 -20.26 -24.35 5.48
N ILE D 58 -20.19 -23.43 4.51
CA ILE D 58 -20.89 -23.58 3.22
C ILE D 58 -20.50 -24.90 2.54
N PHE D 59 -19.23 -25.31 2.66
CA PHE D 59 -18.77 -26.58 2.10
C PHE D 59 -19.29 -27.77 2.93
N GLN D 60 -19.09 -27.70 4.28
CA GLN D 60 -19.48 -28.73 5.23
C GLN D 60 -20.99 -29.02 5.28
N ASN D 61 -21.83 -28.00 5.16
CA ASN D 61 -23.28 -28.20 5.20
C ASN D 61 -23.92 -28.49 3.82
N GLY D 62 -23.09 -28.75 2.80
CA GLY D 62 -23.57 -29.09 1.47
C GLY D 62 -24.16 -27.97 0.64
N HIS D 63 -23.97 -26.70 1.06
CA HIS D 63 -24.45 -25.57 0.28
C HIS D 63 -23.60 -25.32 -0.95
N VAL D 64 -22.28 -25.61 -0.87
CA VAL D 64 -21.36 -25.45 -2.00
C VAL D 64 -21.77 -26.29 -3.24
N ARG D 65 -22.67 -27.28 -3.05
CA ARG D 65 -23.23 -28.10 -4.11
C ARG D 65 -24.10 -27.18 -5.01
N ASP D 66 -24.88 -26.29 -4.38
CA ASP D 66 -25.67 -25.29 -5.12
C ASP D 66 -24.67 -24.24 -5.59
N GLU D 67 -24.41 -24.21 -6.90
CA GLU D 67 -23.44 -23.33 -7.54
C GLU D 67 -23.74 -21.84 -7.37
N ARG D 68 -24.98 -21.49 -7.00
CA ARG D 68 -25.36 -20.10 -6.73
C ARG D 68 -24.50 -19.49 -5.59
N ASN D 69 -24.09 -20.34 -4.62
CA ASN D 69 -23.29 -19.91 -3.48
C ASN D 69 -21.82 -19.64 -3.80
N MET D 70 -21.37 -19.91 -5.04
CA MET D 70 -19.97 -19.70 -5.42
C MET D 70 -19.56 -18.23 -5.45
N LEU D 71 -20.52 -17.30 -5.62
CA LEU D 71 -20.20 -15.88 -5.57
C LEU D 71 -19.84 -15.55 -4.13
N LYS D 72 -20.68 -15.98 -3.17
CA LYS D 72 -20.47 -15.76 -1.75
C LYS D 72 -19.16 -16.40 -1.28
N VAL D 73 -18.85 -17.61 -1.75
CA VAL D 73 -17.62 -18.31 -1.38
C VAL D 73 -16.36 -17.56 -1.87
N VAL D 74 -16.33 -17.19 -3.14
CA VAL D 74 -15.20 -16.52 -3.77
C VAL D 74 -14.98 -15.12 -3.18
N SER D 75 -16.04 -14.32 -3.05
CA SER D 75 -15.95 -12.97 -2.50
C SER D 75 -15.43 -12.92 -1.06
N ARG D 76 -15.83 -13.89 -0.23
CA ARG D 76 -15.38 -13.94 1.16
C ARG D 76 -13.94 -14.37 1.24
N MET D 77 -13.52 -15.30 0.36
CA MET D 77 -12.12 -15.70 0.30
C MET D 77 -11.23 -14.55 -0.21
N HIS D 78 -11.78 -13.73 -1.10
CA HIS D 78 -11.08 -12.56 -1.59
C HIS D 78 -10.91 -11.57 -0.46
N ARG D 79 -11.99 -11.33 0.33
CA ARG D 79 -11.94 -10.45 1.50
C ARG D 79 -10.87 -10.89 2.49
N VAL D 80 -10.64 -12.21 2.63
CA VAL D 80 -9.59 -12.71 3.51
C VAL D 80 -8.21 -12.28 2.98
N SER D 81 -7.98 -12.40 1.65
CA SER D 81 -6.72 -11.98 1.06
C SER D 81 -6.53 -10.48 1.20
N VAL D 82 -7.61 -9.69 1.05
CA VAL D 82 -7.58 -8.24 1.21
C VAL D 82 -7.18 -7.88 2.62
N ILE D 83 -7.77 -8.53 3.64
CA ILE D 83 -7.43 -8.28 5.04
C ILE D 83 -6.00 -8.68 5.30
N LEU D 84 -5.56 -9.81 4.73
CA LEU D 84 -4.18 -10.27 4.91
C LEU D 84 -3.19 -9.31 4.26
N LYS D 85 -3.56 -8.63 3.16
CA LYS D 85 -2.70 -7.65 2.51
C LYS D 85 -2.48 -6.48 3.45
N LEU D 86 -3.53 -6.07 4.19
CA LEU D 86 -3.45 -4.97 5.15
C LEU D 86 -2.57 -5.35 6.34
N LEU D 87 -2.68 -6.60 6.82
CA LEU D 87 -1.87 -7.08 7.93
C LEU D 87 -0.38 -7.16 7.59
N VAL D 88 -0.06 -7.45 6.32
CA VAL D 88 1.32 -7.45 5.88
C VAL D 88 1.82 -5.97 5.87
N GLN D 89 0.97 -5.03 5.44
CA GLN D 89 1.29 -3.60 5.45
C GLN D 89 1.39 -3.01 6.86
N GLN D 90 0.73 -3.65 7.84
CA GLN D 90 0.73 -3.21 9.24
C GLN D 90 2.11 -3.30 9.92
N PHE D 91 3.04 -4.07 9.33
CA PHE D 91 4.40 -4.17 9.87
C PHE D 91 5.14 -2.83 9.80
N SER D 92 4.73 -1.93 8.89
CA SER D 92 5.29 -0.60 8.73
C SER D 92 5.09 0.24 9.99
N ILE D 93 4.05 -0.03 10.79
CA ILE D 93 3.79 0.69 12.03
C ILE D 93 4.85 0.34 13.06
N LEU D 94 5.11 -0.97 13.29
CA LEU D 94 6.15 -1.36 14.25
C LEU D 94 7.55 -0.95 13.78
N GLU D 95 7.74 -0.85 12.45
CA GLU D 95 9.00 -0.38 11.88
C GLU D 95 9.36 1.03 12.34
N THR D 96 8.36 1.82 12.80
CA THR D 96 8.56 3.17 13.33
C THR D 96 9.09 3.18 14.77
N MET D 97 9.24 2.00 15.40
CA MET D 97 9.78 1.91 16.76
C MET D 97 11.16 1.32 16.64
N THR D 98 12.19 2.02 17.13
CA THR D 98 13.56 1.52 17.01
C THR D 98 13.80 0.33 17.92
N ALA D 99 14.76 -0.54 17.52
CA ALA D 99 15.13 -1.68 18.34
C ALA D 99 15.64 -1.22 19.72
N LEU D 100 16.31 -0.05 19.76
CA LEU D 100 16.85 0.57 20.96
C LEU D 100 15.69 0.97 21.90
N ASP D 101 14.63 1.63 21.38
CA ASP D 101 13.46 2.01 22.19
C ASP D 101 12.70 0.81 22.69
N PHE D 102 12.72 -0.30 21.93
CA PHE D 102 12.04 -1.53 22.31
C PHE D 102 12.68 -2.10 23.56
N ASN D 103 14.03 -2.12 23.60
CA ASN D 103 14.82 -2.63 24.75
C ASN D 103 14.42 -1.94 26.06
N ASP D 104 14.02 -0.67 25.98
CA ASP D 104 13.62 0.09 27.15
C ASP D 104 12.32 -0.42 27.80
N PHE D 105 11.54 -1.26 27.12
CA PHE D 105 10.33 -1.86 27.70
C PHE D 105 10.28 -3.39 27.59
N ARG D 106 11.23 -4.01 26.88
CA ARG D 106 11.21 -5.45 26.69
C ARG D 106 11.28 -6.29 27.96
N GLU D 107 11.92 -5.78 29.01
CA GLU D 107 12.04 -6.51 30.29
C GLU D 107 10.71 -6.59 31.06
N TYR D 108 9.78 -5.68 30.81
CA TYR D 108 8.48 -5.64 31.50
C TYR D 108 7.48 -6.70 31.02
N LEU D 109 7.70 -7.28 29.84
CA LEU D 109 6.80 -8.31 29.31
C LEU D 109 7.55 -9.56 28.84
N SER D 110 8.88 -9.46 28.60
CA SER D 110 9.76 -10.52 28.14
C SER D 110 9.14 -11.30 26.97
N PRO D 111 9.22 -10.74 25.74
CA PRO D 111 8.55 -11.36 24.60
C PRO D 111 9.27 -12.53 23.95
N ALA D 112 8.53 -13.62 23.74
CA ALA D 112 9.07 -14.78 23.06
C ALA D 112 9.03 -14.53 21.54
N SER D 113 9.89 -15.24 20.81
CA SER D 113 9.95 -15.11 19.35
C SER D 113 8.89 -15.92 18.56
N GLY D 114 8.21 -16.84 19.24
CA GLY D 114 7.20 -17.69 18.62
C GLY D 114 5.88 -17.00 18.33
N PHE D 115 4.97 -17.71 17.66
CA PHE D 115 3.67 -17.15 17.30
C PHE D 115 2.66 -17.38 18.43
N GLN D 116 2.72 -16.55 19.47
CA GLN D 116 1.86 -16.65 20.65
C GLN D 116 0.37 -16.32 20.47
N SER D 117 -0.10 -16.15 19.24
CA SER D 117 -1.51 -15.83 19.01
C SER D 117 -2.36 -17.07 18.92
N LEU D 118 -3.44 -17.12 19.74
CA LEU D 118 -4.38 -18.25 19.71
C LEU D 118 -5.13 -18.18 18.39
N GLN D 119 -5.64 -16.99 18.03
CA GLN D 119 -6.39 -16.79 16.79
C GLN D 119 -5.61 -17.15 15.56
N PHE D 120 -4.31 -16.82 15.49
CA PHE D 120 -3.48 -17.16 14.36
C PHE D 120 -3.27 -18.67 14.27
N ARG D 121 -3.13 -19.36 15.44
CA ARG D 121 -2.98 -20.81 15.45
C ARG D 121 -4.29 -21.47 14.98
N LEU D 122 -5.44 -20.91 15.38
CA LEU D 122 -6.73 -21.42 14.93
C LEU D 122 -6.87 -21.21 13.42
N LEU D 123 -6.43 -20.05 12.90
CA LEU D 123 -6.45 -19.70 11.49
C LEU D 123 -5.59 -20.69 10.70
N GLU D 124 -4.39 -21.01 11.20
CA GLU D 124 -3.49 -21.94 10.53
C GLU D 124 -4.12 -23.33 10.47
N ASN D 125 -4.71 -23.79 11.58
CA ASN D 125 -5.31 -25.11 11.67
C ASN D 125 -6.57 -25.22 10.81
N LYS D 126 -7.39 -24.17 10.79
CA LYS D 126 -8.63 -24.15 10.02
C LYS D 126 -8.41 -24.08 8.53
N ILE D 127 -7.28 -23.50 8.09
CA ILE D 127 -6.95 -23.46 6.66
C ILE D 127 -6.42 -24.85 6.28
N GLY D 128 -5.54 -25.41 7.10
CA GLY D 128 -4.98 -26.74 6.87
C GLY D 128 -3.48 -26.87 7.06
N VAL D 129 -2.87 -26.04 7.90
CA VAL D 129 -1.43 -26.09 8.15
C VAL D 129 -1.06 -27.37 8.91
N LEU D 130 -0.13 -28.19 8.35
CA LEU D 130 0.29 -29.44 8.98
C LEU D 130 1.50 -29.18 9.86
N PHE D 146 -0.16 -21.44 25.90
CA PHE D 146 -1.61 -21.38 26.08
C PHE D 146 -2.14 -22.65 26.77
N LYS D 147 -3.30 -22.54 27.43
CA LYS D 147 -3.90 -23.69 28.12
C LYS D 147 -5.26 -23.36 28.73
N GLY D 148 -6.06 -24.42 28.96
CA GLY D 148 -7.36 -24.31 29.63
C GLY D 148 -8.54 -24.22 28.70
N GLU D 149 -9.26 -23.09 28.79
CA GLU D 149 -10.42 -22.82 27.95
C GLU D 149 -10.04 -22.70 26.48
N GLU D 150 -8.85 -22.13 26.22
CA GLU D 150 -8.25 -21.96 24.90
C GLU D 150 -7.98 -23.31 24.26
N ASN D 151 -7.54 -24.30 25.07
CA ASN D 151 -7.25 -25.65 24.61
C ASN D 151 -8.50 -26.38 24.06
N GLU D 152 -9.71 -25.90 24.39
CA GLU D 152 -10.95 -26.48 23.88
C GLU D 152 -11.11 -26.07 22.40
N LEU D 153 -10.88 -24.77 22.13
CA LEU D 153 -10.96 -24.21 20.79
C LEU D 153 -9.82 -24.72 19.92
N LEU D 154 -8.62 -24.86 20.51
CA LEU D 154 -7.46 -25.37 19.79
C LEU D 154 -7.64 -26.85 19.42
N LEU D 155 -8.34 -27.62 20.27
CA LEU D 155 -8.59 -29.04 19.97
C LEU D 155 -9.65 -29.13 18.88
N LYS D 156 -10.70 -28.31 18.97
CA LYS D 156 -11.77 -28.26 17.98
C LYS D 156 -11.23 -27.93 16.60
N SER D 157 -10.24 -27.00 16.51
CA SER D 157 -9.64 -26.60 15.23
C SER D 157 -8.89 -27.73 14.53
N GLU D 158 -8.29 -28.62 15.32
CA GLU D 158 -7.56 -29.77 14.80
C GLU D 158 -8.52 -30.91 14.43
N GLN D 159 -9.59 -31.09 15.23
CA GLN D 159 -10.56 -32.16 14.99
C GLN D 159 -11.51 -31.87 13.81
N GLU D 160 -11.99 -30.62 13.68
CA GLU D 160 -12.91 -30.26 12.60
C GLU D 160 -12.27 -30.29 11.22
N LYS D 161 -13.09 -30.42 10.17
CA LYS D 161 -12.60 -30.46 8.80
C LYS D 161 -11.91 -29.15 8.39
N THR D 162 -10.69 -29.24 7.87
CA THR D 162 -9.96 -28.06 7.43
C THR D 162 -10.49 -27.56 6.07
N LEU D 163 -10.15 -26.32 5.68
CA LEU D 163 -10.55 -25.78 4.39
C LEU D 163 -9.90 -26.62 3.26
N LEU D 164 -8.67 -27.10 3.47
CA LEU D 164 -7.97 -27.94 2.52
C LEU D 164 -8.76 -29.23 2.29
N GLU D 165 -9.27 -29.84 3.38
CA GLU D 165 -10.07 -31.06 3.35
C GLU D 165 -11.42 -30.86 2.67
N LEU D 166 -12.11 -29.76 2.97
CA LEU D 166 -13.42 -29.47 2.37
C LEU D 166 -13.31 -29.14 0.89
N VAL D 167 -12.22 -28.45 0.49
CA VAL D 167 -11.95 -28.11 -0.90
C VAL D 167 -11.55 -29.39 -1.66
N GLU D 168 -10.78 -30.28 -1.02
CA GLU D 168 -10.34 -31.57 -1.57
C GLU D 168 -11.55 -32.46 -1.88
N ALA D 169 -12.54 -32.48 -0.98
CA ALA D 169 -13.76 -33.28 -1.16
C ALA D 169 -14.58 -32.73 -2.35
N TRP D 170 -14.68 -31.40 -2.46
CA TRP D 170 -15.41 -30.71 -3.51
C TRP D 170 -14.70 -30.90 -4.86
N LEU D 171 -13.36 -30.88 -4.87
CA LEU D 171 -12.58 -31.06 -6.09
C LEU D 171 -12.73 -32.43 -6.68
N GLU D 172 -12.93 -33.44 -5.82
CA GLU D 172 -13.14 -34.81 -6.31
C GLU D 172 -14.49 -34.94 -7.06
N ARG D 173 -15.46 -34.06 -6.77
CA ARG D 173 -16.75 -34.07 -7.45
C ARG D 173 -16.79 -33.24 -8.75
N THR D 174 -15.63 -32.72 -9.22
CA THR D 174 -15.56 -31.91 -10.43
C THR D 174 -16.07 -32.66 -11.66
N PRO D 175 -16.96 -32.02 -12.42
CA PRO D 175 -17.48 -32.67 -13.63
C PRO D 175 -16.42 -32.82 -14.72
N GLY D 176 -16.56 -33.86 -15.53
CA GLY D 176 -15.64 -34.13 -16.63
C GLY D 176 -14.56 -35.17 -16.35
N LEU D 177 -14.47 -35.61 -15.09
CA LEU D 177 -13.48 -36.60 -14.69
C LEU D 177 -13.92 -38.03 -15.04
N GLU D 178 -15.24 -38.29 -15.08
CA GLU D 178 -15.86 -39.58 -15.39
C GLU D 178 -15.23 -40.25 -16.61
N PRO D 179 -14.73 -41.49 -16.46
CA PRO D 179 -14.08 -42.18 -17.60
C PRO D 179 -15.04 -42.52 -18.75
N HIS D 180 -16.32 -42.73 -18.41
CA HIS D 180 -17.33 -43.03 -19.41
C HIS D 180 -17.61 -41.79 -20.26
N GLY D 181 -17.78 -40.63 -19.59
CA GLY D 181 -18.07 -39.36 -20.25
C GLY D 181 -16.97 -38.33 -20.11
N PHE D 182 -16.39 -37.94 -21.26
CA PHE D 182 -15.26 -37.01 -21.44
C PHE D 182 -13.92 -37.70 -21.17
N ASN D 183 -13.74 -38.30 -19.97
CA ASN D 183 -12.49 -38.97 -19.55
C ASN D 183 -11.31 -38.03 -19.70
N PHE D 184 -11.24 -37.02 -18.84
CA PHE D 184 -10.22 -35.98 -18.90
C PHE D 184 -8.81 -36.51 -18.74
N TRP D 185 -8.56 -37.33 -17.72
CA TRP D 185 -7.21 -37.85 -17.44
C TRP D 185 -6.66 -38.76 -18.53
N GLY D 186 -7.55 -39.50 -19.18
CA GLY D 186 -7.18 -40.40 -20.26
C GLY D 186 -6.77 -39.64 -21.50
N LYS D 187 -7.59 -38.66 -21.89
CA LYS D 187 -7.30 -37.84 -23.06
C LYS D 187 -6.05 -36.98 -22.83
N LEU D 188 -5.85 -36.51 -21.58
CA LEU D 188 -4.69 -35.69 -21.21
C LEU D 188 -3.40 -36.51 -21.30
N GLU D 189 -3.44 -37.77 -20.81
CA GLU D 189 -2.27 -38.66 -20.86
C GLU D 189 -1.92 -39.04 -22.29
N LYS D 190 -2.95 -39.23 -23.13
CA LYS D 190 -2.78 -39.58 -24.53
C LYS D 190 -2.14 -38.43 -25.31
N ASN D 191 -2.62 -37.21 -25.10
CA ASN D 191 -2.09 -36.03 -25.80
C ASN D 191 -0.70 -35.66 -25.31
N ILE D 192 -0.40 -35.87 -24.02
CA ILE D 192 0.91 -35.54 -23.48
C ILE D 192 1.95 -36.55 -23.93
N THR D 193 1.59 -37.86 -23.94
CA THR D 193 2.51 -38.90 -24.39
C THR D 193 2.82 -38.73 -25.89
N ARG D 194 1.77 -38.42 -26.69
CA ARG D 194 1.93 -38.21 -28.13
C ARG D 194 2.67 -36.90 -28.47
N GLY D 195 2.48 -35.90 -27.63
CA GLY D 195 3.12 -34.60 -27.81
C GLY D 195 4.59 -34.65 -27.47
N LEU D 196 4.94 -35.40 -26.43
CA LEU D 196 6.33 -35.55 -26.03
C LEU D 196 7.07 -36.38 -27.08
N GLU D 197 6.39 -37.43 -27.63
CA GLU D 197 6.97 -38.27 -28.69
C GLU D 197 7.25 -37.44 -29.95
N GLU D 198 6.31 -36.55 -30.34
CA GLU D 198 6.45 -35.67 -31.49
C GLU D 198 7.58 -34.63 -31.30
N GLU D 199 7.81 -34.22 -30.04
CA GLU D 199 8.87 -33.27 -29.67
C GLU D 199 10.23 -33.96 -29.71
N PHE D 200 10.30 -35.24 -29.27
CA PHE D 200 11.52 -36.04 -29.28
C PHE D 200 12.02 -36.25 -30.69
N ILE D 201 11.10 -36.44 -31.64
CA ILE D 201 11.38 -36.63 -33.06
C ILE D 201 11.99 -35.34 -33.66
N ARG D 202 11.46 -34.18 -33.27
CA ARG D 202 11.94 -32.88 -33.72
C ARG D 202 13.33 -32.60 -33.18
N ILE D 203 13.56 -32.93 -31.90
CA ILE D 203 14.83 -32.70 -31.22
C ILE D 203 15.93 -33.64 -31.69
N GLN D 204 15.63 -34.95 -31.83
CA GLN D 204 16.60 -35.95 -32.29
C GLN D 204 17.04 -35.74 -33.74
N ALA D 205 16.25 -34.99 -34.53
CA ALA D 205 16.58 -34.67 -35.93
C ALA D 205 17.79 -33.73 -36.03
N LYS D 206 17.99 -32.85 -35.04
CA LYS D 206 19.11 -31.91 -35.01
C LYS D 206 20.48 -32.58 -34.76
N GLU D 207 21.58 -31.94 -35.16
CA GLU D 207 22.94 -32.48 -34.92
C GLU D 207 23.28 -32.48 -33.40
N GLU D 208 24.33 -33.22 -32.97
CA GLU D 208 24.68 -33.28 -31.55
C GLU D 208 25.37 -32.03 -31.04
N LYS D 212 21.84 -27.63 -29.27
CA LYS D 212 21.07 -28.85 -29.50
C LYS D 212 21.19 -29.82 -28.31
N GLU D 213 22.41 -30.00 -27.77
CA GLU D 213 22.61 -30.87 -26.62
C GLU D 213 21.93 -30.31 -25.35
N GLU D 214 21.79 -28.96 -25.26
CA GLU D 214 21.09 -28.31 -24.15
C GLU D 214 19.58 -28.62 -24.23
N GLN D 215 19.04 -28.78 -25.45
CA GLN D 215 17.64 -29.12 -25.70
C GLN D 215 17.36 -30.61 -25.46
N VAL D 216 18.34 -31.49 -25.72
CA VAL D 216 18.19 -32.94 -25.50
C VAL D 216 18.12 -33.23 -24.00
N ALA D 217 18.99 -32.56 -23.23
CA ALA D 217 19.06 -32.69 -21.78
C ALA D 217 17.82 -32.08 -21.12
N GLU D 218 17.38 -30.90 -21.61
CA GLU D 218 16.21 -30.22 -21.07
C GLU D 218 14.92 -30.96 -21.44
N PHE D 219 14.88 -31.64 -22.60
CA PHE D 219 13.70 -32.41 -22.98
C PHE D 219 13.58 -33.64 -22.10
N GLN D 220 14.69 -34.33 -21.84
CA GLN D 220 14.66 -35.53 -21.01
C GLN D 220 14.21 -35.19 -19.57
N LYS D 221 14.61 -34.01 -19.06
CA LYS D 221 14.22 -33.57 -17.72
C LYS D 221 12.74 -33.19 -17.68
N GLN D 222 12.26 -32.47 -18.70
CA GLN D 222 10.86 -32.04 -18.78
C GLN D 222 9.92 -33.21 -19.05
N LYS D 223 10.39 -34.24 -19.79
CA LYS D 223 9.59 -35.42 -20.09
C LYS D 223 9.29 -36.17 -18.81
N GLU D 224 10.32 -36.31 -17.93
CA GLU D 224 10.18 -36.99 -16.64
C GLU D 224 9.16 -36.26 -15.75
N VAL D 225 9.19 -34.92 -15.78
CA VAL D 225 8.28 -34.08 -15.00
C VAL D 225 6.85 -34.18 -15.51
N LEU D 226 6.65 -34.08 -16.84
CA LEU D 226 5.31 -34.16 -17.41
C LEU D 226 4.64 -35.51 -17.15
N LEU D 227 5.37 -36.60 -17.34
CA LEU D 227 4.83 -37.94 -17.12
C LEU D 227 4.64 -38.26 -15.63
N SER D 228 5.40 -37.58 -14.73
CA SER D 228 5.27 -37.78 -13.29
C SER D 228 3.84 -37.47 -12.78
N LEU D 229 3.12 -36.59 -13.50
CA LEU D 229 1.74 -36.20 -13.23
C LEU D 229 0.82 -37.42 -13.22
N PHE D 230 1.11 -38.42 -14.07
CA PHE D 230 0.30 -39.63 -14.20
C PHE D 230 0.71 -40.80 -13.30
N ASP D 231 1.79 -40.63 -12.52
CA ASP D 231 2.28 -41.65 -11.59
C ASP D 231 1.46 -41.58 -10.30
N GLU D 232 0.31 -42.29 -10.26
CA GLU D 232 -0.55 -42.29 -9.08
C GLU D 232 0.19 -42.83 -7.87
N LYS D 233 1.08 -43.82 -8.08
CA LYS D 233 1.87 -44.43 -7.01
C LYS D 233 2.82 -43.42 -6.38
N ARG D 234 3.52 -42.62 -7.21
CA ARG D 234 4.44 -41.60 -6.70
C ARG D 234 3.68 -40.56 -5.89
N HIS D 235 2.48 -40.17 -6.36
CA HIS D 235 1.66 -39.19 -5.65
C HIS D 235 1.19 -39.76 -4.33
N GLU D 236 0.73 -41.03 -4.32
CA GLU D 236 0.28 -41.71 -3.11
C GLU D 236 1.39 -41.79 -2.05
N HIS D 237 2.65 -41.92 -2.50
CA HIS D 237 3.81 -41.97 -1.63
C HIS D 237 4.07 -40.59 -1.00
N LEU D 238 4.06 -39.53 -1.82
CA LEU D 238 4.30 -38.17 -1.35
C LEU D 238 3.19 -37.71 -0.43
N LEU D 239 1.93 -38.10 -0.72
CA LEU D 239 0.77 -37.75 0.08
C LEU D 239 0.94 -38.28 1.50
N SER D 240 1.37 -39.55 1.63
CA SER D 240 1.62 -40.20 2.92
C SER D 240 2.81 -39.56 3.61
N LYS D 241 3.88 -39.25 2.85
CA LYS D 241 5.08 -38.58 3.36
C LYS D 241 4.84 -37.12 3.80
N GLY D 242 3.69 -36.55 3.46
CA GLY D 242 3.36 -35.17 3.83
C GLY D 242 3.75 -34.13 2.79
N GLU D 243 4.55 -34.53 1.77
CA GLU D 243 5.02 -33.65 0.69
C GLU D 243 3.93 -33.20 -0.31
N ARG D 244 2.70 -33.70 -0.16
CA ARG D 244 1.52 -33.36 -0.95
C ARG D 244 0.29 -33.50 -0.03
N ARG D 245 -0.76 -32.68 -0.23
CA ARG D 245 -1.92 -32.71 0.66
C ARG D 245 -3.22 -33.16 -0.02
N LEU D 246 -3.39 -32.85 -1.30
CA LEU D 246 -4.60 -33.20 -2.05
C LEU D 246 -4.59 -34.63 -2.58
N SER D 247 -5.75 -35.29 -2.52
CA SER D 247 -5.91 -36.65 -3.04
C SER D 247 -5.70 -36.68 -4.55
N TYR D 248 -5.30 -37.84 -5.12
CA TYR D 248 -5.08 -37.92 -6.56
C TYR D 248 -6.30 -37.56 -7.39
N ARG D 249 -7.53 -37.90 -6.93
CA ARG D 249 -8.76 -37.53 -7.65
C ARG D 249 -9.01 -36.02 -7.56
N ALA D 250 -8.60 -35.37 -6.45
CA ALA D 250 -8.73 -33.92 -6.29
C ALA D 250 -7.72 -33.20 -7.17
N LEU D 251 -6.54 -33.80 -7.45
CA LEU D 251 -5.56 -33.19 -8.35
C LEU D 251 -6.14 -33.14 -9.75
N GLN D 252 -6.82 -34.23 -10.18
CA GLN D 252 -7.45 -34.33 -11.49
C GLN D 252 -8.56 -33.29 -11.63
N GLY D 253 -9.33 -33.09 -10.57
CA GLY D 253 -10.41 -32.11 -10.55
C GLY D 253 -9.90 -30.68 -10.58
N ALA D 254 -8.79 -30.40 -9.84
CA ALA D 254 -8.18 -29.06 -9.81
C ALA D 254 -7.61 -28.74 -11.19
N LEU D 255 -6.94 -29.72 -11.82
CA LEU D 255 -6.39 -29.54 -13.17
C LEU D 255 -7.48 -29.37 -14.24
N MET D 256 -8.64 -29.96 -14.02
CA MET D 256 -9.79 -29.84 -14.90
C MET D 256 -10.24 -28.38 -14.91
N ILE D 257 -10.34 -27.77 -13.71
CA ILE D 257 -10.72 -26.37 -13.52
C ILE D 257 -9.67 -25.42 -14.11
N TYR D 258 -8.40 -25.77 -13.98
CA TYR D 258 -7.32 -24.95 -14.54
C TYR D 258 -7.38 -24.94 -16.08
N PHE D 259 -7.44 -26.14 -16.69
CA PHE D 259 -7.41 -26.25 -18.13
C PHE D 259 -8.67 -25.79 -18.83
N TYR D 260 -9.81 -25.85 -18.15
CA TYR D 260 -11.07 -25.41 -18.74
C TYR D 260 -11.68 -24.23 -17.97
N ARG D 261 -10.81 -23.32 -17.44
CA ARG D 261 -11.20 -22.15 -16.67
C ARG D 261 -12.13 -21.21 -17.44
N GLU D 262 -12.00 -21.19 -18.78
CA GLU D 262 -12.84 -20.34 -19.60
C GLU D 262 -14.30 -20.78 -19.59
N GLU D 263 -14.56 -22.10 -19.43
CA GLU D 263 -15.93 -22.67 -19.38
C GLU D 263 -16.72 -22.06 -18.25
N PRO D 264 -17.92 -21.55 -18.53
CA PRO D 264 -18.69 -20.84 -17.49
C PRO D 264 -18.81 -21.51 -16.13
N ARG D 265 -19.10 -22.82 -16.05
CA ARG D 265 -19.21 -23.49 -14.75
C ARG D 265 -17.91 -23.55 -13.96
N PHE D 266 -16.77 -23.38 -14.64
CA PHE D 266 -15.45 -23.40 -14.02
C PHE D 266 -14.81 -22.00 -13.87
N GLN D 267 -15.54 -20.92 -14.19
CA GLN D 267 -14.98 -19.58 -14.08
C GLN D 267 -14.82 -19.18 -12.64
N VAL D 268 -15.92 -19.18 -11.84
CA VAL D 268 -15.84 -18.85 -10.41
C VAL D 268 -14.99 -19.90 -9.62
N PRO D 269 -15.10 -21.25 -9.86
CA PRO D 269 -14.20 -22.18 -9.16
C PRO D 269 -12.71 -21.89 -9.42
N PHE D 270 -12.37 -21.40 -10.62
CA PHE D 270 -10.99 -21.04 -10.91
C PHE D 270 -10.58 -19.83 -10.08
N GLN D 271 -11.48 -18.86 -9.89
CA GLN D 271 -11.22 -17.70 -9.07
C GLN D 271 -10.95 -18.15 -7.62
N LEU D 272 -11.74 -19.13 -7.13
CA LEU D 272 -11.60 -19.69 -5.80
C LEU D 272 -10.24 -20.33 -5.64
N LEU D 273 -9.81 -21.17 -6.60
CA LEU D 273 -8.51 -21.84 -6.52
C LEU D 273 -7.36 -20.84 -6.55
N THR D 274 -7.50 -19.78 -7.35
CA THR D 274 -6.48 -18.75 -7.41
C THR D 274 -6.38 -18.01 -6.09
N SER D 275 -7.55 -17.72 -5.50
CA SER D 275 -7.72 -17.02 -4.23
C SER D 275 -7.12 -17.82 -3.08
N LEU D 276 -7.27 -19.16 -3.10
CA LEU D 276 -6.68 -20.03 -2.06
C LEU D 276 -5.16 -19.96 -2.09
N MET D 277 -4.58 -19.87 -3.29
CA MET D 277 -3.14 -19.76 -3.41
C MET D 277 -2.67 -18.36 -2.97
N ASP D 278 -3.47 -17.31 -3.20
CA ASP D 278 -3.15 -15.93 -2.80
C ASP D 278 -3.12 -15.85 -1.28
N ILE D 279 -4.14 -16.41 -0.61
CA ILE D 279 -4.22 -16.46 0.85
C ILE D 279 -3.03 -17.23 1.42
N ASP D 280 -2.67 -18.32 0.77
CA ASP D 280 -1.54 -19.15 1.15
C ASP D 280 -0.23 -18.38 1.16
N SER D 281 0.10 -17.70 0.04
CA SER D 281 1.35 -16.95 -0.04
C SER D 281 1.31 -15.67 0.78
N LEU D 282 0.12 -15.16 1.09
CA LEU D 282 -0.03 -13.99 1.94
C LEU D 282 0.22 -14.37 3.41
N MET D 283 -0.22 -15.57 3.82
CA MET D 283 0.02 -16.12 5.15
C MET D 283 1.53 -16.30 5.34
N THR D 284 2.21 -16.82 4.30
CA THR D 284 3.65 -17.02 4.27
C THR D 284 4.42 -15.69 4.33
N LYS D 285 3.95 -14.66 3.60
CA LYS D 285 4.57 -13.33 3.64
C LYS D 285 4.39 -12.68 5.03
N TRP D 286 3.23 -12.93 5.69
CA TRP D 286 2.99 -12.41 7.03
C TRP D 286 3.93 -13.08 8.01
N ARG D 287 4.10 -14.42 7.90
CA ARG D 287 5.02 -15.15 8.76
C ARG D 287 6.46 -14.69 8.53
N TYR D 288 6.86 -14.45 7.26
CA TYR D 288 8.19 -13.95 6.91
C TYR D 288 8.44 -12.61 7.60
N ASN D 289 7.45 -11.72 7.56
CA ASN D 289 7.55 -10.39 8.15
C ASN D 289 7.63 -10.44 9.67
N HIS D 290 6.94 -11.42 10.28
CA HIS D 290 6.95 -11.63 11.71
C HIS D 290 8.36 -12.02 12.14
N VAL D 291 8.98 -12.97 11.41
CA VAL D 291 10.34 -13.40 11.66
C VAL D 291 11.32 -12.23 11.53
N CYS D 292 11.18 -11.40 10.49
CA CYS D 292 12.03 -10.23 10.31
C CYS D 292 11.91 -9.28 11.46
N MET D 293 10.67 -9.06 11.94
CA MET D 293 10.40 -8.13 13.03
C MET D 293 10.99 -8.63 14.34
N VAL D 294 10.93 -9.93 14.58
CA VAL D 294 11.50 -10.55 15.78
C VAL D 294 13.01 -10.33 15.79
N HIS D 295 13.69 -10.62 14.67
CA HIS D 295 15.14 -10.41 14.56
C HIS D 295 15.53 -8.94 14.59
N ARG D 296 14.64 -8.06 14.15
CA ARG D 296 14.90 -6.64 14.15
C ARG D 296 14.97 -6.11 15.57
N MET D 297 14.12 -6.63 16.48
CA MET D 297 14.04 -6.19 17.86
C MET D 297 14.92 -6.98 18.84
N LEU D 298 15.12 -8.27 18.60
CA LEU D 298 15.93 -9.17 19.46
C LEU D 298 17.13 -9.72 18.62
N GLY D 299 17.81 -10.79 19.05
CA GLY D 299 18.90 -11.38 18.26
C GLY D 299 18.44 -12.14 17.02
N SER D 318 7.47 -19.73 6.28
CA SER D 318 8.63 -19.12 5.61
C SER D 318 8.98 -19.87 4.32
N ASP D 319 9.11 -21.22 4.40
CA ASP D 319 9.44 -22.08 3.27
C ASP D 319 8.15 -22.67 2.60
N ARG D 320 8.31 -23.55 1.57
CA ARG D 320 7.19 -24.16 0.84
C ARG D 320 6.41 -25.27 1.61
N TYR D 321 6.07 -25.01 2.89
CA TYR D 321 5.21 -25.85 3.71
C TYR D 321 3.83 -25.13 3.70
N LYS D 322 3.32 -24.84 2.46
CA LYS D 322 2.08 -24.13 2.16
C LYS D 322 0.92 -25.12 2.05
N VAL D 323 -0.21 -24.83 2.69
CA VAL D 323 -1.41 -25.67 2.70
C VAL D 323 -1.81 -26.16 1.32
N PHE D 324 -1.92 -25.25 0.34
CA PHE D 324 -2.33 -25.59 -1.01
C PHE D 324 -1.13 -25.74 -1.95
N VAL D 325 -0.10 -26.52 -1.54
CA VAL D 325 1.07 -26.76 -2.38
C VAL D 325 0.69 -27.41 -3.70
N ASP D 326 -0.33 -28.28 -3.68
CA ASP D 326 -0.81 -28.98 -4.87
C ASP D 326 -1.33 -28.04 -5.95
N LEU D 327 -2.01 -26.97 -5.51
CA LEU D 327 -2.54 -26.00 -6.45
C LEU D 327 -1.40 -25.23 -7.13
N PHE D 328 -0.35 -24.91 -6.35
CA PHE D 328 0.83 -24.24 -6.90
C PHE D 328 1.52 -25.17 -7.88
N ASN D 329 1.62 -26.46 -7.53
CA ASN D 329 2.24 -27.51 -8.33
C ASN D 329 1.50 -27.73 -9.66
N LEU D 330 0.17 -27.89 -9.63
CA LEU D 330 -0.64 -28.10 -10.82
C LEU D 330 -0.59 -26.90 -11.78
N SER D 331 -0.41 -25.69 -11.24
CA SER D 331 -0.32 -24.47 -12.04
C SER D 331 1.05 -24.30 -12.74
N THR D 332 2.08 -25.02 -12.27
CA THR D 332 3.42 -24.92 -12.84
C THR D 332 3.82 -26.16 -13.68
N TYR D 333 2.84 -27.03 -14.06
CA TYR D 333 3.14 -28.12 -15.00
C TYR D 333 3.06 -27.40 -16.34
N LEU D 334 4.22 -27.20 -16.99
CA LEU D 334 4.26 -26.43 -18.23
C LEU D 334 3.77 -27.24 -19.46
N ILE D 335 2.46 -27.57 -19.49
CA ILE D 335 1.81 -28.32 -20.57
C ILE D 335 1.30 -27.38 -21.66
N PRO D 336 1.76 -27.57 -22.92
CA PRO D 336 1.34 -26.67 -24.00
C PRO D 336 -0.17 -26.59 -24.18
N ARG D 337 -0.67 -25.38 -24.48
CA ARG D 337 -2.08 -25.08 -24.70
C ARG D 337 -2.75 -26.06 -25.68
N HIS D 338 -2.08 -26.34 -26.81
CA HIS D 338 -2.64 -27.24 -27.84
C HIS D 338 -2.72 -28.71 -27.42
N TRP D 339 -1.92 -29.13 -26.42
CA TRP D 339 -2.01 -30.51 -25.94
C TRP D 339 -3.24 -30.74 -25.07
N ILE D 340 -3.85 -29.68 -24.53
CA ILE D 340 -5.04 -29.82 -23.71
C ILE D 340 -6.19 -30.37 -24.55
N PRO D 341 -6.80 -31.48 -24.10
CA PRO D 341 -7.90 -32.07 -24.87
C PRO D 341 -9.03 -31.10 -25.21
N LYS D 342 -9.51 -31.11 -26.46
CA LYS D 342 -10.58 -30.22 -26.88
C LYS D 342 -11.92 -30.54 -26.20
N MET D 343 -12.86 -29.60 -26.22
CA MET D 343 -14.16 -29.78 -25.60
C MET D 343 -15.27 -30.10 -26.61
N ASN D 344 -15.93 -31.28 -26.47
CA ASN D 344 -17.03 -31.68 -27.34
C ASN D 344 -18.29 -30.83 -27.08
N PRO D 345 -19.16 -30.62 -28.09
CA PRO D 345 -20.35 -29.79 -27.87
C PRO D 345 -21.32 -30.29 -26.80
N THR D 346 -21.26 -31.60 -26.46
CA THR D 346 -22.09 -32.17 -25.40
C THR D 346 -21.52 -31.78 -24.01
N ILE D 347 -20.18 -31.75 -23.89
CA ILE D 347 -19.50 -31.35 -22.65
C ILE D 347 -19.51 -29.82 -22.47
N HIS D 348 -19.54 -29.06 -23.59
CA HIS D 348 -19.59 -27.59 -23.62
C HIS D 348 -20.90 -27.05 -23.03
N LYS D 349 -22.03 -27.68 -23.40
CA LYS D 349 -23.36 -27.30 -22.89
C LYS D 349 -23.56 -27.73 -21.42
N PHE D 350 -22.88 -28.81 -21.01
CA PHE D 350 -22.93 -29.34 -19.65
C PHE D 350 -22.19 -28.40 -18.67
N LEU D 351 -21.02 -27.90 -19.08
CA LEU D 351 -20.22 -26.99 -18.26
C LEU D 351 -20.59 -25.53 -18.56
C4 Y5N E . 13.82 -12.92 -18.28
C5 Y5N E . 13.11 -12.32 -17.24
C8 Y5N E . 10.93 -14.10 -14.07
C10 Y5N E . 9.73 -15.94 -15.05
C13 Y5N E . 9.71 -13.59 -13.63
C17 Y5N E . 14.82 -11.34 -14.26
CL1 Y5N E . 11.63 -9.08 -18.99
C1 Y5N E . 12.48 -10.56 -18.71
C2 Y5N E . 13.16 -11.14 -19.75
C3 Y5N E . 13.82 -12.34 -19.54
N Y5N E . 13.11 -12.92 -15.98
CA Y5N E . 12.54 -12.30 -14.80
C Y5N E . 12.22 -13.39 -13.78
C9 Y5N E . 10.92 -15.29 -14.79
C11 Y5N E . 8.53 -15.41 -14.61
C12 Y5N E . 8.53 -14.26 -13.89
CB Y5N E . 13.43 -11.27 -14.14
CG Y5N E . 12.93 -10.23 -13.39
CD Y5N E . 13.78 -9.31 -12.79
NZ Y5N E . 15.67 -10.47 -13.69
CE Y5N E . 15.12 -9.50 -12.98
CL2 Y5N E . 16.21 -8.38 -12.23
C19 Y5N E . 12.45 -11.13 -17.45
N ZIQ F . 31.15 15.25 9.65
CA ZIQ F . 32.41 15.15 10.42
CB ZIQ F . 32.17 14.49 11.80
CG ZIQ F . 31.43 13.16 11.72
CD2 ZIQ F . 30.21 12.88 12.32
CE3 ZIQ F . 29.38 13.70 13.07
CZ3 ZIQ F . 28.17 13.20 13.55
CH2 ZIQ F . 27.84 11.88 13.30
CZ2 ZIQ F . 28.68 11.07 12.53
CE2 ZIQ F . 29.88 11.56 12.05
NE1 ZIQ F . 30.87 11.02 11.33
CD1 ZIQ F . 31.83 11.97 11.11
C1 ZIQ F . 32.98 16.54 10.61
C ZIQ F . 33.43 14.33 9.67
O ZIQ F . 34.46 13.99 10.27
OXT ZIQ F . 33.16 14.00 8.50
C4 Y5N G . 4.15 19.44 -17.08
C5 Y5N G . 3.83 18.47 -16.12
C8 Y5N G . 2.43 18.97 -12.14
C10 Y5N G . 3.81 18.70 -10.21
C13 Y5N G . 2.77 20.30 -12.18
C17 Y5N G . 0.59 17.00 -16.03
CL1 Y5N G . 6.53 15.64 -16.87
C1 Y5N G . 5.62 17.13 -16.94
C2 Y5N G . 5.94 18.07 -17.89
C3 Y5N G . 5.20 19.24 -17.95
N Y5N G . 2.76 18.69 -15.24
CA Y5N G . 2.28 17.69 -14.31
C Y5N G . 1.52 18.39 -13.17
C9 Y5N G . 2.97 18.17 -11.15
C11 Y5N G . 4.13 20.04 -10.24
C12 Y5N G . 3.62 20.83 -11.23
CB Y5N G . 1.37 16.68 -14.94
CG Y5N G . 1.23 15.40 -14.42
CD Y5N G . 0.37 14.51 -15.00
NZ Y5N G . -0.27 16.14 -16.60
CE Y5N G . -0.35 14.94 -16.06
CL2 Y5N G . -1.46 13.85 -16.81
C19 Y5N G . 4.58 17.30 -16.06
N ZIQ H . -24.20 -12.67 -23.55
CA ZIQ H . -25.61 -12.67 -24.03
CB ZIQ H . -26.59 -12.46 -22.87
CG ZIQ H . -26.21 -11.31 -21.95
CD2 ZIQ H . -25.99 -11.40 -20.60
CE3 ZIQ H . -26.03 -12.52 -19.77
CZ3 ZIQ H . -25.78 -12.34 -18.42
CH2 ZIQ H . -25.50 -11.07 -17.91
CZ2 ZIQ H . -25.47 -9.97 -18.77
CE2 ZIQ H . -25.70 -10.15 -20.13
NE1 ZIQ H . -25.72 -9.29 -21.16
CD1 ZIQ H . -26.04 -9.97 -22.29
C1 ZIQ H . -25.86 -14.02 -24.68
C ZIQ H . -25.84 -11.58 -25.05
O ZIQ H . -27.00 -11.32 -25.43
OXT ZIQ H . -24.82 -10.97 -25.43
C4 Y5N I . -22.59 4.85 12.27
C5 Y5N I . -21.42 4.69 11.54
C8 Y5N I . -20.69 5.13 7.36
C10 Y5N I . -22.61 4.18 6.26
C13 Y5N I . -19.89 4.26 6.66
C17 Y5N I . -19.06 7.36 11.23
CL1 Y5N I . -19.68 1.64 13.46
C1 Y5N I . -20.82 2.87 12.98
C2 Y5N I . -21.99 3.02 13.70
C3 Y5N I . -22.88 4.00 13.34
N Y5N I . -21.14 5.53 10.45
CA Y5N I . -19.89 5.51 9.72
C Y5N I . -20.10 6.12 8.33
C9 Y5N I . -22.07 5.10 7.15
C11 Y5N I . -21.80 3.29 5.59
C12 Y5N I . -20.44 3.34 5.78
CB Y5N I . -18.78 6.28 10.41
CG Y5N I . -17.45 5.99 10.20
CD Y5N I . -16.46 6.73 10.82
NZ Y5N I . -18.13 8.11 11.85
CE Y5N I . -16.86 7.78 11.62
CL2 Y5N I . -15.66 8.76 12.40
C19 Y5N I . -20.51 3.69 11.91
N ZIQ J . 14.54 25.57 20.56
CA ZIQ J . 14.66 26.99 20.97
CB ZIQ J . 14.96 27.85 19.75
CG ZIQ J . 13.96 27.69 18.63
CD2 ZIQ J . 14.20 27.12 17.39
CE3 ZIQ J . 15.33 26.47 16.91
CZ3 ZIQ J . 15.31 25.95 15.63
CH2 ZIQ J . 14.16 26.06 14.85
CZ2 ZIQ J . 13.04 26.72 15.35
CE2 ZIQ J . 13.06 27.25 16.62
NE1 ZIQ J . 12.14 27.89 17.36
CD1 ZIQ J . 12.66 28.17 18.58
C1 ZIQ J . 15.81 27.12 21.96
C ZIQ J . 13.41 27.49 21.65
O ZIQ J . 13.20 28.72 21.73
OXT ZIQ J . 12.59 26.67 22.10
C4 Y5N K . 5.10 -11.39 23.00
C5 Y5N K . 4.89 -10.86 21.73
C8 Y5N K . 7.77 -9.95 18.77
C10 Y5N K . 8.57 -7.73 18.28
C13 Y5N K . 8.77 -10.07 19.71
C17 Y5N K . 4.08 -12.94 18.97
CL1 Y5N K . 1.88 -8.35 22.32
C1 Y5N K . 3.12 -9.53 22.59
C2 Y5N K . 3.31 -10.03 23.85
C3 Y5N K . 4.30 -10.97 24.06
N Y5N K . 5.69 -11.29 20.67
CA Y5N K . 5.49 -10.88 19.29
C Y5N K . 6.80 -11.06 18.53
C9 Y5N K . 7.66 -8.74 18.07
C11 Y5N K . 9.55 -7.87 19.22
C12 Y5N K . 9.66 -9.03 19.94
CB Y5N K . 4.40 -11.64 18.60
CG Y5N K . 3.69 -11.11 17.54
CD Y5N K . 2.71 -11.84 16.92
NZ Y5N K . 3.14 -13.69 18.38
CE Y5N K . 2.48 -13.12 17.38
CL2 Y5N K . 1.26 -14.09 16.62
C19 Y5N K . 3.90 -9.92 21.52
N ZIQ L . -21.11 -28.18 -7.11
CA ZIQ L . -21.31 -29.57 -7.61
CB ZIQ L . -20.47 -29.84 -8.86
CG ZIQ L . -19.01 -29.49 -8.66
CD2 ZIQ L . -18.30 -28.54 -9.36
CE3 ZIQ L . -18.71 -27.70 -10.39
CZ3 ZIQ L . -17.79 -26.83 -10.94
CH2 ZIQ L . -16.48 -26.82 -10.48
CZ2 ZIQ L . -16.08 -27.63 -9.44
CE2 ZIQ L . -17.00 -28.53 -8.88
NE1 ZIQ L . -16.90 -29.43 -7.90
CD1 ZIQ L . -18.11 -30.03 -7.75
C1 ZIQ L . -22.79 -29.78 -7.91
C ZIQ L . -20.93 -30.56 -6.54
O ZIQ L . -20.67 -31.74 -6.89
OXT ZIQ L . -20.85 -30.13 -5.36
#